data_6UH4
#
_entry.id   6UH4
#
_cell.length_a   98.580
_cell.length_b   99.520
_cell.length_c   162.120
_cell.angle_alpha   90.000
_cell.angle_beta   90.000
_cell.angle_gamma   90.000
#
_symmetry.space_group_name_H-M   'P 21 21 2'
#
loop_
_entity.id
_entity.type
_entity.pdbx_description
1 polymer 'Choloylglycine hydrolase'
2 non-polymer (5R,6R)-6-[(1S,2R,4aS,4bS,7R,8aS,10R,10aS)-7,10-dihydroxy-1,2,4b-trimethyltetradecahydrophenanthren-2-yl]-5-methylheptan-2-one
#
_entity_poly.entity_id   1
_entity_poly.type   'polypeptide(L)'
_entity_poly.pdbx_seq_one_letter_code
;MCTRAVYLGPDRMVVTGRTMDWKEDIMSNIYVFPRGMQRAGHNKEKTVNWTSKYGSVIATGYDIGTCDGMNEKGLVASLL
FLPESVYSLPGDTRPAMGISIWTQYVLDNFATVREAVDEMKKETFRIDAPRMPNGGPESTLHMAITDETGNTAVIEYLDG
KLSIHEGKEYQVMTNSPRYELQLAVNDYWKEVGGLQMLPGTNRSSDRFVRASFYIHAIPQTADAKIAVPSVLSVMRNVSV
PFGINTPEKPHISSTRWRSVSDQKNKVYYFESTLTPNLFWLDLKKIDFSPKAGVKKLSLTKGEIYAGDAVKDLKDSQSFT
FLFETPVMLEHHHHHH
;
_entity_poly.pdbx_strand_id   A,B,C,D
#
loop_
_chem_comp.id
_chem_comp.type
_chem_comp.name
_chem_comp.formula
QC7 non-polymer (5R,6R)-6-[(1S,2R,4aS,4bS,7R,8aS,10R,10aS)-7,10-dihydroxy-1,2,4b-trimethyltetradecahydrophenanthren-2-yl]-5-methylheptan-2-one 'C25 H44 O3'
#
# COMPACT_ATOMS: atom_id res chain seq x y z
N MET A 1 -40.58 -15.68 -13.64
CA MET A 1 -39.81 -16.71 -12.97
C MET A 1 -38.63 -17.19 -13.81
N CYS A 2 -38.75 -18.39 -14.36
CA CYS A 2 -37.65 -19.03 -15.09
C CYS A 2 -37.66 -18.60 -16.54
N THR A 3 -36.85 -19.27 -17.36
CA THR A 3 -36.74 -18.98 -18.79
C THR A 3 -35.96 -20.12 -19.44
N ARG A 4 -36.39 -20.51 -20.64
CA ARG A 4 -35.76 -21.62 -21.35
C ARG A 4 -35.57 -21.24 -22.82
N ALA A 5 -34.53 -21.81 -23.43
CA ALA A 5 -34.25 -21.57 -24.84
C ALA A 5 -33.43 -22.74 -25.38
N VAL A 6 -33.49 -22.90 -26.70
CA VAL A 6 -32.80 -23.99 -27.39
C VAL A 6 -31.90 -23.40 -28.47
N TYR A 7 -30.69 -23.93 -28.56
CA TYR A 7 -29.74 -23.54 -29.60
C TYR A 7 -29.72 -24.60 -30.71
N LEU A 8 -29.71 -24.12 -31.95
CA LEU A 8 -29.71 -24.99 -33.13
C LEU A 8 -28.43 -24.73 -33.91
N GLY A 9 -27.53 -25.71 -33.89
CA GLY A 9 -26.26 -25.58 -34.57
C GLY A 9 -26.06 -26.63 -35.64
N PRO A 10 -25.19 -26.35 -36.61
CA PRO A 10 -24.92 -27.33 -37.66
C PRO A 10 -24.34 -28.62 -37.10
N ASP A 11 -24.20 -29.61 -37.97
CA ASP A 11 -23.67 -30.92 -37.60
C ASP A 11 -24.47 -31.52 -36.45
N ARG A 12 -25.79 -31.32 -36.48
CA ARG A 12 -26.70 -31.91 -35.50
C ARG A 12 -26.38 -31.43 -34.09
N MET A 13 -25.88 -30.20 -33.96
CA MET A 13 -25.54 -29.63 -32.66
C MET A 13 -26.75 -28.91 -32.11
N VAL A 14 -27.30 -29.41 -31.00
CA VAL A 14 -28.48 -28.81 -30.39
C VAL A 14 -28.31 -28.81 -28.88
N VAL A 15 -27.98 -27.66 -28.31
CA VAL A 15 -27.72 -27.51 -26.88
C VAL A 15 -28.86 -26.72 -26.27
N THR A 16 -29.44 -27.26 -25.20
CA THR A 16 -30.58 -26.64 -24.52
C THR A 16 -30.20 -26.28 -23.10
N GLY A 17 -30.70 -25.14 -22.61
CA GLY A 17 -30.44 -24.69 -21.27
C GLY A 17 -31.71 -24.24 -20.58
N ARG A 18 -31.60 -24.05 -19.26
CA ARG A 18 -32.76 -23.69 -18.46
C ARG A 18 -32.32 -22.79 -17.31
N THR A 19 -33.26 -21.98 -16.82
CA THR A 19 -33.03 -21.08 -15.71
C THR A 19 -34.02 -21.39 -14.60
N MET A 20 -33.65 -21.03 -13.37
CA MET A 20 -34.47 -21.28 -12.19
C MET A 20 -34.41 -20.07 -11.27
N ASP A 21 -35.55 -19.41 -11.08
CA ASP A 21 -35.68 -18.27 -10.18
C ASP A 21 -36.73 -18.59 -9.13
N TRP A 22 -36.39 -18.36 -7.85
CA TRP A 22 -37.31 -18.64 -6.77
C TRP A 22 -37.10 -17.60 -5.66
N LYS A 23 -38.18 -17.32 -4.94
CA LYS A 23 -38.12 -16.32 -3.88
C LYS A 23 -37.31 -16.81 -2.68
N GLU A 24 -37.37 -18.11 -2.39
CA GLU A 24 -36.57 -18.68 -1.31
C GLU A 24 -35.67 -19.78 -1.84
N ASP A 25 -35.22 -20.68 -0.96
CA ASP A 25 -34.38 -21.78 -1.38
C ASP A 25 -35.22 -22.90 -1.97
N ILE A 26 -34.75 -23.47 -3.08
CA ILE A 26 -35.46 -24.57 -3.72
C ILE A 26 -35.12 -25.91 -3.08
N MET A 27 -33.95 -26.04 -2.46
CA MET A 27 -33.52 -27.30 -1.85
C MET A 27 -33.57 -28.44 -2.86
N SER A 28 -33.25 -28.11 -4.11
CA SER A 28 -33.27 -29.09 -5.18
C SER A 28 -32.23 -30.19 -4.91
N ASN A 29 -32.30 -31.24 -5.71
CA ASN A 29 -31.35 -32.34 -5.62
C ASN A 29 -31.24 -32.99 -7.00
N ILE A 30 -30.55 -34.12 -7.06
CA ILE A 30 -30.33 -34.84 -8.30
C ILE A 30 -30.47 -36.33 -8.03
N TYR A 31 -31.19 -37.03 -8.90
CA TYR A 31 -31.41 -38.47 -8.76
C TYR A 31 -31.27 -39.13 -10.12
N VAL A 32 -30.93 -40.42 -10.08
CA VAL A 32 -30.76 -41.24 -11.28
C VAL A 32 -31.76 -42.38 -11.23
N PHE A 33 -32.37 -42.69 -12.37
CA PHE A 33 -33.40 -43.72 -12.47
C PHE A 33 -33.11 -44.62 -13.66
N PRO A 34 -32.51 -45.79 -13.44
CA PRO A 34 -32.31 -46.73 -14.55
C PRO A 34 -33.64 -47.13 -15.17
N ARG A 35 -33.57 -47.54 -16.44
CA ARG A 35 -34.78 -47.96 -17.15
C ARG A 35 -35.45 -49.13 -16.42
N GLY A 36 -36.65 -49.46 -16.87
CA GLY A 36 -37.38 -50.58 -16.30
C GLY A 36 -37.85 -50.37 -14.88
N MET A 37 -38.40 -49.20 -14.57
CA MET A 37 -38.91 -48.87 -13.25
C MET A 37 -40.39 -48.55 -13.38
N GLN A 38 -41.24 -49.41 -12.81
CA GLN A 38 -42.67 -49.13 -12.85
C GLN A 38 -43.01 -47.95 -11.96
N ARG A 39 -44.01 -47.18 -12.38
CA ARG A 39 -44.43 -45.99 -11.65
C ARG A 39 -45.92 -45.78 -11.83
N ALA A 40 -46.55 -45.15 -10.84
CA ALA A 40 -47.97 -44.86 -10.84
C ALA A 40 -48.17 -43.35 -10.87
N GLY A 41 -49.07 -42.89 -11.74
CA GLY A 41 -49.29 -41.46 -11.93
C GLY A 41 -49.94 -40.80 -10.75
N HIS A 42 -50.27 -41.59 -9.73
CA HIS A 42 -50.90 -41.07 -8.52
C HIS A 42 -51.05 -42.15 -7.48
N ASN A 43 -51.05 -41.75 -6.20
CA ASN A 43 -51.14 -42.72 -5.10
C ASN A 43 -52.57 -42.93 -4.62
N LYS A 44 -53.45 -41.96 -4.81
CA LYS A 44 -54.82 -42.06 -4.30
C LYS A 44 -55.90 -41.87 -5.35
N GLU A 45 -55.59 -41.35 -6.53
CA GLU A 45 -56.55 -41.16 -7.59
C GLU A 45 -56.35 -42.21 -8.69
N LYS A 46 -57.32 -42.29 -9.58
CA LYS A 46 -57.25 -43.21 -10.71
C LYS A 46 -56.25 -42.67 -11.72
N THR A 47 -55.13 -43.37 -11.88
CA THR A 47 -54.08 -42.94 -12.79
C THR A 47 -53.41 -44.15 -13.40
N VAL A 48 -52.78 -43.93 -14.56
CA VAL A 48 -52.12 -45.02 -15.26
C VAL A 48 -50.82 -45.38 -14.56
N ASN A 49 -50.30 -46.55 -14.90
CA ASN A 49 -48.97 -46.99 -14.48
C ASN A 49 -48.09 -47.15 -15.71
N TRP A 50 -46.85 -47.53 -15.49
CA TRP A 50 -45.89 -47.69 -16.59
C TRP A 50 -44.57 -48.15 -16.01
N THR A 51 -43.66 -48.56 -16.90
CA THR A 51 -42.30 -48.93 -16.56
C THR A 51 -41.35 -48.12 -17.40
N SER A 52 -40.41 -47.43 -16.74
CA SER A 52 -39.53 -46.48 -17.41
C SER A 52 -38.87 -47.09 -18.64
N LYS A 53 -39.16 -46.51 -19.81
CA LYS A 53 -38.53 -46.97 -21.04
C LYS A 53 -37.05 -46.60 -21.06
N TYR A 54 -36.75 -45.31 -21.00
CA TYR A 54 -35.39 -44.80 -21.09
C TYR A 54 -34.98 -44.21 -19.74
N GLY A 55 -33.82 -44.63 -19.25
CA GLY A 55 -33.23 -44.00 -18.08
C GLY A 55 -33.16 -42.50 -18.27
N SER A 56 -33.35 -41.75 -17.19
CA SER A 56 -33.47 -40.30 -17.31
C SER A 56 -32.84 -39.62 -16.10
N VAL A 57 -32.02 -38.62 -16.35
CA VAL A 57 -31.45 -37.78 -15.30
C VAL A 57 -32.34 -36.57 -15.13
N ILE A 58 -32.80 -36.34 -13.90
CA ILE A 58 -33.73 -35.25 -13.62
C ILE A 58 -33.23 -34.47 -12.41
N ALA A 59 -33.55 -33.18 -12.39
CA ALA A 59 -33.24 -32.31 -11.26
C ALA A 59 -34.51 -32.08 -10.47
N THR A 60 -34.46 -32.37 -9.18
CA THR A 60 -35.64 -32.30 -8.33
C THR A 60 -35.81 -30.91 -7.73
N GLY A 61 -37.01 -30.64 -7.23
CA GLY A 61 -37.29 -29.41 -6.52
C GLY A 61 -37.95 -29.68 -5.19
N TYR A 62 -37.21 -29.50 -4.10
CA TYR A 62 -37.64 -29.87 -2.76
C TYR A 62 -37.64 -31.39 -2.55
N ASP A 63 -37.08 -32.15 -3.50
CA ASP A 63 -37.13 -33.61 -3.45
C ASP A 63 -38.57 -34.10 -3.41
N ILE A 64 -39.40 -33.56 -4.30
CA ILE A 64 -40.80 -33.97 -4.39
C ILE A 64 -41.13 -34.28 -5.85
N GLY A 65 -40.68 -33.44 -6.77
CA GLY A 65 -41.00 -33.64 -8.17
C GLY A 65 -39.94 -33.07 -9.11
N THR A 66 -39.72 -33.76 -10.23
CA THR A 66 -38.72 -33.30 -11.19
C THR A 66 -39.20 -32.06 -11.92
N CYS A 67 -38.28 -31.12 -12.13
CA CYS A 67 -38.58 -29.90 -12.86
C CYS A 67 -37.82 -29.78 -14.17
N ASP A 68 -36.83 -30.65 -14.40
CA ASP A 68 -36.08 -30.65 -15.64
C ASP A 68 -35.14 -31.84 -15.62
N GLY A 69 -34.67 -32.23 -16.80
CA GLY A 69 -33.77 -33.36 -16.92
C GLY A 69 -33.55 -33.80 -18.35
N MET A 70 -33.53 -35.10 -18.56
CA MET A 70 -33.21 -35.70 -19.85
C MET A 70 -33.48 -37.19 -19.74
N ASN A 71 -33.39 -37.88 -20.88
CA ASN A 71 -33.47 -39.33 -20.90
C ASN A 71 -32.33 -39.90 -21.73
N GLU A 72 -32.39 -41.19 -22.03
CA GLU A 72 -31.29 -41.85 -22.73
C GLU A 72 -31.21 -41.49 -24.21
N LYS A 73 -32.08 -40.61 -24.71
CA LYS A 73 -32.13 -40.34 -26.14
C LYS A 73 -32.21 -38.83 -26.41
N GLY A 74 -31.21 -38.09 -25.92
CA GLY A 74 -31.10 -36.67 -26.20
C GLY A 74 -32.40 -35.90 -26.14
N LEU A 75 -33.33 -36.37 -25.32
CA LEU A 75 -34.65 -35.77 -25.19
C LEU A 75 -34.68 -35.00 -23.87
N VAL A 76 -34.55 -33.68 -23.96
CA VAL A 76 -34.48 -32.81 -22.79
C VAL A 76 -35.83 -32.13 -22.60
N ALA A 77 -36.40 -32.30 -21.42
CA ALA A 77 -37.67 -31.68 -21.07
C ALA A 77 -37.48 -30.77 -19.87
N SER A 78 -38.27 -29.69 -19.85
CA SER A 78 -38.21 -28.72 -18.76
C SER A 78 -39.61 -28.24 -18.45
N LEU A 79 -39.81 -27.79 -17.21
CA LEU A 79 -41.12 -27.35 -16.73
C LEU A 79 -40.97 -25.95 -16.14
N LEU A 80 -41.61 -24.97 -16.78
CA LEU A 80 -41.57 -23.58 -16.36
C LEU A 80 -42.94 -23.18 -15.82
N PHE A 81 -43.05 -21.91 -15.40
CA PHE A 81 -44.25 -21.43 -14.75
C PHE A 81 -45.21 -20.79 -15.76
N LEU A 82 -46.45 -20.60 -15.32
CA LEU A 82 -47.48 -19.96 -16.12
C LEU A 82 -48.72 -19.72 -15.27
N PRO A 83 -49.03 -18.48 -14.90
CA PRO A 83 -50.17 -18.26 -13.99
C PRO A 83 -51.51 -18.61 -14.60
N GLU A 84 -51.79 -18.12 -15.81
CA GLU A 84 -53.09 -18.29 -16.45
C GLU A 84 -53.23 -19.67 -17.08
N SER A 85 -53.21 -20.69 -16.23
CA SER A 85 -53.28 -22.07 -16.67
C SER A 85 -54.47 -22.76 -16.03
N VAL A 86 -55.20 -23.53 -16.83
CA VAL A 86 -56.32 -24.34 -16.37
C VAL A 86 -56.24 -25.69 -17.09
N TYR A 87 -56.16 -26.77 -16.32
CA TYR A 87 -55.94 -28.10 -16.90
C TYR A 87 -57.24 -28.77 -17.31
N SER A 88 -58.30 -28.63 -16.52
CA SER A 88 -59.57 -29.27 -16.82
C SER A 88 -60.69 -28.47 -16.18
N LEU A 89 -61.89 -28.61 -16.75
CA LEU A 89 -63.07 -27.93 -16.25
C LEU A 89 -63.76 -28.78 -15.19
N PRO A 90 -64.67 -28.19 -14.42
CA PRO A 90 -65.40 -28.96 -13.41
C PRO A 90 -66.14 -30.13 -14.03
N GLY A 91 -65.82 -31.33 -13.56
CA GLY A 91 -66.45 -32.55 -14.05
C GLY A 91 -65.50 -33.54 -14.68
N ASP A 92 -64.26 -33.17 -14.97
CA ASP A 92 -63.31 -34.09 -15.57
C ASP A 92 -63.14 -35.32 -14.69
N THR A 93 -63.09 -36.49 -15.32
CA THR A 93 -63.02 -37.76 -14.59
C THR A 93 -61.98 -38.71 -15.17
N ARG A 94 -61.11 -38.24 -16.06
CA ARG A 94 -60.09 -39.10 -16.65
C ARG A 94 -59.03 -39.46 -15.61
N PRO A 95 -58.04 -40.28 -15.98
CA PRO A 95 -56.92 -40.51 -15.06
C PRO A 95 -56.20 -39.20 -14.77
N ALA A 96 -56.03 -38.90 -13.49
CA ALA A 96 -55.47 -37.61 -13.05
C ALA A 96 -54.02 -37.81 -12.65
N MET A 97 -53.14 -37.84 -13.65
CA MET A 97 -51.71 -37.93 -13.39
C MET A 97 -51.23 -36.71 -12.62
N GLY A 98 -50.77 -36.92 -11.39
CA GLY A 98 -50.28 -35.81 -10.58
C GLY A 98 -49.23 -35.00 -11.30
N ILE A 99 -49.25 -33.68 -11.09
CA ILE A 99 -48.30 -32.80 -11.76
C ILE A 99 -46.87 -33.09 -11.35
N SER A 100 -46.67 -33.73 -10.19
CA SER A 100 -45.32 -33.93 -9.68
C SER A 100 -44.50 -34.88 -10.55
N ILE A 101 -45.14 -35.88 -11.16
CA ILE A 101 -44.44 -36.90 -11.93
C ILE A 101 -44.70 -36.78 -13.43
N TRP A 102 -45.46 -35.77 -13.87
CA TRP A 102 -45.74 -35.61 -15.29
C TRP A 102 -44.46 -35.61 -16.10
N THR A 103 -43.48 -34.81 -15.70
CA THR A 103 -42.22 -34.73 -16.44
C THR A 103 -41.52 -36.09 -16.48
N GLN A 104 -41.32 -36.70 -15.31
CA GLN A 104 -40.63 -37.99 -15.25
C GLN A 104 -41.30 -39.01 -16.16
N TYR A 105 -42.62 -39.09 -16.11
CA TYR A 105 -43.35 -39.97 -17.01
C TYR A 105 -42.96 -39.73 -18.46
N VAL A 106 -42.77 -38.46 -18.82
CA VAL A 106 -42.40 -38.13 -20.20
C VAL A 106 -41.03 -38.69 -20.53
N LEU A 107 -40.00 -38.23 -19.79
CA LEU A 107 -38.65 -38.70 -20.04
C LEU A 107 -38.57 -40.23 -20.01
N ASP A 108 -39.36 -40.85 -19.12
CA ASP A 108 -39.33 -42.31 -19.02
C ASP A 108 -39.80 -42.97 -20.31
N ASN A 109 -40.90 -42.47 -20.88
CA ASN A 109 -41.61 -43.18 -21.94
C ASN A 109 -41.55 -42.46 -23.29
N PHE A 110 -40.48 -41.71 -23.55
CA PHE A 110 -40.37 -41.01 -24.82
C PHE A 110 -38.91 -40.80 -25.18
N ALA A 111 -38.64 -40.74 -26.48
CA ALA A 111 -37.31 -40.45 -26.99
C ALA A 111 -37.32 -39.51 -28.18
N THR A 112 -38.49 -39.07 -28.65
CA THR A 112 -38.59 -38.13 -29.75
C THR A 112 -39.85 -37.30 -29.55
N VAL A 113 -39.73 -35.99 -29.84
CA VAL A 113 -40.87 -35.10 -29.67
C VAL A 113 -42.07 -35.59 -30.46
N ARG A 114 -41.83 -36.13 -31.66
CA ARG A 114 -42.91 -36.63 -32.48
C ARG A 114 -43.77 -37.65 -31.74
N GLU A 115 -43.12 -38.62 -31.09
CA GLU A 115 -43.86 -39.60 -30.31
C GLU A 115 -44.69 -38.92 -29.23
N ALA A 116 -44.03 -38.17 -28.34
CA ALA A 116 -44.73 -37.48 -27.27
C ALA A 116 -45.87 -36.64 -27.81
N VAL A 117 -45.67 -35.99 -28.96
CA VAL A 117 -46.74 -35.20 -29.56
C VAL A 117 -47.97 -36.06 -29.77
N ASP A 118 -47.78 -37.30 -30.22
CA ASP A 118 -48.89 -38.21 -30.43
C ASP A 118 -49.52 -38.62 -29.11
N GLU A 119 -48.76 -39.36 -28.29
CA GLU A 119 -49.29 -39.84 -27.01
C GLU A 119 -49.91 -38.70 -26.19
N MET A 120 -49.39 -37.49 -26.35
CA MET A 120 -49.96 -36.36 -25.61
C MET A 120 -51.31 -35.96 -26.17
N LYS A 121 -51.41 -35.81 -27.49
CA LYS A 121 -52.67 -35.42 -28.11
C LYS A 121 -53.78 -36.42 -27.88
N LYS A 122 -53.47 -37.60 -27.33
CA LYS A 122 -54.52 -38.57 -27.02
C LYS A 122 -55.44 -38.07 -25.91
N GLU A 123 -55.00 -37.09 -25.13
CA GLU A 123 -55.81 -36.51 -24.07
C GLU A 123 -56.32 -37.61 -23.12
N THR A 124 -55.41 -38.51 -22.75
CA THR A 124 -55.79 -39.68 -21.98
C THR A 124 -55.96 -39.38 -20.50
N PHE A 125 -55.13 -38.48 -19.95
CA PHE A 125 -55.14 -38.23 -18.52
C PHE A 125 -55.28 -36.73 -18.25
N ARG A 126 -55.94 -36.42 -17.14
CA ARG A 126 -56.09 -35.05 -16.67
C ARG A 126 -54.82 -34.63 -15.93
N ILE A 127 -54.82 -33.44 -15.34
CA ILE A 127 -53.70 -32.96 -14.53
C ILE A 127 -54.24 -32.55 -13.17
N ASP A 128 -53.66 -33.12 -12.11
CA ASP A 128 -54.11 -32.88 -10.74
C ASP A 128 -53.37 -31.68 -10.18
N ALA A 129 -54.12 -30.66 -9.75
CA ALA A 129 -53.54 -29.43 -9.22
C ALA A 129 -53.95 -29.25 -7.76
N PRO A 130 -53.04 -29.44 -6.81
CA PRO A 130 -53.39 -29.22 -5.40
C PRO A 130 -53.50 -27.74 -5.07
N ARG A 131 -54.36 -27.43 -4.12
CA ARG A 131 -54.61 -26.05 -3.70
C ARG A 131 -54.21 -25.89 -2.24
N MET A 132 -53.41 -24.86 -1.94
CA MET A 132 -52.95 -24.58 -0.59
C MET A 132 -53.11 -23.10 -0.28
N PRO A 133 -53.50 -22.75 0.95
CA PRO A 133 -53.83 -21.34 1.25
C PRO A 133 -52.78 -20.61 2.09
N ASN A 134 -51.81 -21.33 2.64
CA ASN A 134 -50.83 -20.74 3.57
C ASN A 134 -49.48 -20.62 2.88
N GLY A 135 -49.24 -19.47 2.25
CA GLY A 135 -47.97 -19.20 1.62
C GLY A 135 -47.63 -20.09 0.45
N GLY A 136 -48.63 -20.69 -0.19
CA GLY A 136 -48.38 -21.60 -1.29
C GLY A 136 -49.06 -21.15 -2.58
N PRO A 137 -48.29 -21.10 -3.66
CA PRO A 137 -48.88 -20.77 -4.96
C PRO A 137 -49.43 -21.98 -5.68
N GLU A 138 -50.68 -21.92 -6.12
CA GLU A 138 -51.28 -23.05 -6.83
C GLU A 138 -50.45 -23.42 -8.05
N SER A 139 -50.42 -24.72 -8.34
CA SER A 139 -49.60 -25.22 -9.44
C SER A 139 -50.24 -24.86 -10.78
N THR A 140 -49.57 -23.99 -11.54
CA THR A 140 -49.99 -23.61 -12.88
C THR A 140 -48.74 -23.40 -13.71
N LEU A 141 -48.45 -24.34 -14.61
CA LEU A 141 -47.20 -24.35 -15.35
C LEU A 141 -47.43 -24.85 -16.77
N HIS A 142 -46.34 -24.94 -17.53
CA HIS A 142 -46.33 -25.58 -18.83
C HIS A 142 -44.97 -26.25 -19.01
N MET A 143 -44.81 -26.96 -20.12
CA MET A 143 -43.61 -27.76 -20.34
C MET A 143 -43.09 -27.54 -21.76
N ALA A 144 -41.86 -27.98 -21.99
CA ALA A 144 -41.24 -27.91 -23.31
C ALA A 144 -40.33 -29.13 -23.48
N ILE A 145 -40.40 -29.74 -24.66
CA ILE A 145 -39.64 -30.94 -24.97
C ILE A 145 -38.85 -30.71 -26.25
N THR A 146 -37.59 -31.14 -26.25
CA THR A 146 -36.71 -30.99 -27.40
C THR A 146 -35.98 -32.31 -27.65
N ASP A 147 -35.85 -32.66 -28.93
CA ASP A 147 -35.19 -33.90 -29.33
C ASP A 147 -33.81 -33.60 -29.90
N GLU A 148 -32.94 -34.60 -29.84
CA GLU A 148 -31.59 -34.46 -30.38
C GLU A 148 -31.60 -34.08 -31.85
N THR A 149 -32.70 -34.32 -32.56
CA THR A 149 -32.83 -33.86 -33.94
C THR A 149 -32.97 -32.34 -34.01
N GLY A 150 -33.31 -31.70 -32.88
CA GLY A 150 -33.46 -30.26 -32.84
C GLY A 150 -34.89 -29.76 -32.86
N ASN A 151 -35.87 -30.64 -32.93
CA ASN A 151 -37.26 -30.23 -32.99
C ASN A 151 -37.80 -29.99 -31.59
N THR A 152 -38.52 -28.88 -31.43
CA THR A 152 -39.05 -28.46 -30.14
C THR A 152 -40.58 -28.45 -30.17
N ALA A 153 -41.18 -28.52 -28.98
CA ALA A 153 -42.64 -28.52 -28.86
C ALA A 153 -43.02 -27.84 -27.56
N VAL A 154 -44.01 -26.95 -27.63
CA VAL A 154 -44.52 -26.24 -26.46
C VAL A 154 -45.91 -26.79 -26.13
N ILE A 155 -46.16 -27.00 -24.84
CA ILE A 155 -47.41 -27.57 -24.36
C ILE A 155 -47.94 -26.69 -23.24
N GLU A 156 -49.25 -26.42 -23.27
CA GLU A 156 -49.85 -25.54 -22.27
C GLU A 156 -51.35 -25.75 -22.25
N TYR A 157 -51.89 -26.13 -21.10
CA TYR A 157 -53.33 -26.30 -20.90
C TYR A 157 -53.94 -24.95 -20.61
N LEU A 158 -54.38 -24.26 -21.66
CA LEU A 158 -54.91 -22.92 -21.54
C LEU A 158 -56.43 -22.99 -21.31
N ASP A 159 -56.86 -22.55 -20.13
CA ASP A 159 -58.27 -22.55 -19.76
C ASP A 159 -58.92 -23.90 -20.05
N GLY A 160 -58.38 -24.94 -19.41
CA GLY A 160 -58.90 -26.28 -19.55
C GLY A 160 -58.67 -26.94 -20.89
N LYS A 161 -58.09 -26.23 -21.86
CA LYS A 161 -57.86 -26.75 -23.20
C LYS A 161 -56.37 -26.62 -23.53
N LEU A 162 -55.77 -27.73 -23.93
CA LEU A 162 -54.33 -27.77 -24.17
C LEU A 162 -54.02 -27.31 -25.59
N SER A 163 -52.94 -26.53 -25.72
CA SER A 163 -52.47 -26.03 -27.00
C SER A 163 -50.99 -26.36 -27.14
N ILE A 164 -50.63 -27.00 -28.25
CA ILE A 164 -49.27 -27.47 -28.49
C ILE A 164 -48.68 -26.71 -29.66
N HIS A 165 -47.38 -26.42 -29.58
CA HIS A 165 -46.63 -25.72 -30.63
C HIS A 165 -45.32 -26.47 -30.84
N GLU A 166 -45.16 -27.07 -32.02
CA GLU A 166 -43.99 -27.87 -32.34
C GLU A 166 -43.25 -27.22 -33.50
N GLY A 167 -41.96 -27.52 -33.57
CA GLY A 167 -41.12 -27.06 -34.65
C GLY A 167 -39.75 -26.70 -34.12
N LYS A 168 -38.81 -26.52 -35.05
CA LYS A 168 -37.44 -26.18 -34.69
C LYS A 168 -37.27 -24.68 -34.43
N GLU A 169 -38.10 -23.84 -35.06
CA GLU A 169 -38.04 -22.41 -34.78
C GLU A 169 -38.33 -22.13 -33.31
N TYR A 170 -39.43 -22.68 -32.80
CA TYR A 170 -39.81 -22.49 -31.40
C TYR A 170 -38.72 -23.03 -30.48
N GLN A 171 -37.81 -22.16 -30.06
CA GLN A 171 -36.68 -22.55 -29.24
C GLN A 171 -36.62 -21.83 -27.89
N VAL A 172 -37.28 -20.69 -27.75
CA VAL A 172 -37.25 -19.91 -26.51
C VAL A 172 -38.64 -19.92 -25.88
N MET A 173 -38.69 -19.81 -24.56
CA MET A 173 -39.95 -19.80 -23.82
C MET A 173 -39.69 -19.26 -22.42
N THR A 174 -40.65 -18.46 -21.91
CA THR A 174 -40.53 -17.89 -20.58
C THR A 174 -41.83 -18.04 -19.80
N ASN A 175 -42.10 -17.08 -18.90
CA ASN A 175 -43.12 -17.31 -17.89
C ASN A 175 -44.51 -17.02 -18.44
N SER A 176 -44.77 -15.78 -18.83
CA SER A 176 -46.10 -15.39 -19.27
C SER A 176 -45.96 -14.16 -20.14
N PRO A 177 -46.99 -13.83 -20.94
CA PRO A 177 -48.23 -14.61 -21.03
C PRO A 177 -48.09 -15.88 -21.88
N ARG A 178 -49.21 -16.33 -22.46
CA ARG A 178 -49.18 -17.53 -23.27
C ARG A 178 -48.29 -17.33 -24.49
N TYR A 179 -47.63 -18.42 -24.90
CA TYR A 179 -46.67 -18.34 -26.00
C TYR A 179 -47.28 -17.74 -27.25
N GLU A 180 -48.57 -17.97 -27.48
CA GLU A 180 -49.24 -17.35 -28.63
C GLU A 180 -49.02 -15.84 -28.62
N LEU A 181 -48.98 -15.24 -27.43
CA LEU A 181 -48.71 -13.81 -27.31
C LEU A 181 -47.23 -13.52 -27.13
N GLN A 182 -46.58 -14.20 -26.19
CA GLN A 182 -45.15 -13.98 -25.94
C GLN A 182 -44.36 -14.01 -27.24
N LEU A 183 -44.64 -15.00 -28.09
CA LEU A 183 -43.91 -15.10 -29.36
C LEU A 183 -44.15 -13.89 -30.23
N ALA A 184 -45.39 -13.40 -30.29
CA ALA A 184 -45.70 -12.26 -31.15
C ALA A 184 -45.16 -10.96 -30.56
N VAL A 185 -45.32 -10.76 -29.25
CA VAL A 185 -44.76 -9.57 -28.61
C VAL A 185 -43.27 -9.47 -28.93
N ASN A 186 -42.55 -10.58 -28.82
CA ASN A 186 -41.13 -10.59 -29.17
C ASN A 186 -40.92 -10.09 -30.59
N ASP A 187 -41.80 -10.46 -31.52
CA ASP A 187 -41.66 -10.01 -32.90
C ASP A 187 -41.64 -8.49 -32.98
N TYR A 188 -42.25 -7.80 -32.02
CA TYR A 188 -42.19 -6.35 -32.00
C TYR A 188 -40.75 -5.87 -31.80
N TRP A 189 -40.14 -6.26 -30.69
CA TRP A 189 -38.74 -5.87 -30.45
C TRP A 189 -37.84 -6.30 -31.59
N LYS A 190 -38.15 -7.43 -32.25
CA LYS A 190 -37.40 -7.83 -33.43
C LYS A 190 -37.25 -6.65 -34.40
N GLU A 191 -38.35 -5.91 -34.61
CA GLU A 191 -38.28 -4.70 -35.41
C GLU A 191 -37.24 -3.74 -34.85
N VAL A 192 -37.30 -3.46 -33.55
CA VAL A 192 -36.38 -2.53 -32.93
C VAL A 192 -34.93 -2.99 -33.04
N GLY A 193 -34.70 -4.30 -33.18
CA GLY A 193 -33.36 -4.81 -33.24
C GLY A 193 -32.71 -4.90 -31.87
N GLY A 194 -32.07 -6.03 -31.59
CA GLY A 194 -31.46 -6.21 -30.27
C GLY A 194 -30.31 -5.26 -30.01
N LEU A 195 -29.48 -5.02 -31.04
CA LEU A 195 -28.33 -4.14 -30.86
C LEU A 195 -28.76 -2.75 -30.41
N GLN A 196 -29.92 -2.29 -30.89
CA GLN A 196 -30.36 -0.92 -30.64
C GLN A 196 -31.18 -0.79 -29.37
N MET A 197 -32.05 -1.77 -29.09
CA MET A 197 -32.85 -1.73 -27.87
C MET A 197 -33.22 -3.15 -27.45
N LEU A 198 -33.26 -3.37 -26.15
CA LEU A 198 -33.61 -4.66 -25.56
C LEU A 198 -34.13 -4.45 -24.15
N PRO A 199 -35.32 -4.95 -23.83
CA PRO A 199 -35.87 -4.75 -22.48
C PRO A 199 -35.07 -5.51 -21.43
N GLY A 200 -34.01 -4.89 -20.91
CA GLY A 200 -33.19 -5.53 -19.89
C GLY A 200 -33.93 -5.83 -18.60
N THR A 201 -35.15 -5.33 -18.45
CA THR A 201 -35.93 -5.61 -17.26
C THR A 201 -36.03 -7.11 -17.02
N ASN A 202 -36.19 -7.48 -15.76
CA ASN A 202 -36.29 -8.88 -15.37
C ASN A 202 -37.64 -9.50 -15.68
N ARG A 203 -38.57 -8.73 -16.27
CA ARG A 203 -39.93 -9.25 -16.47
C ARG A 203 -39.91 -10.42 -17.44
N SER A 204 -41.02 -11.17 -17.43
CA SER A 204 -41.10 -12.39 -18.23
C SER A 204 -40.87 -12.09 -19.70
N SER A 205 -41.64 -11.16 -20.27
CA SER A 205 -41.49 -10.84 -21.68
C SER A 205 -40.10 -10.27 -21.97
N ASP A 206 -39.59 -9.42 -21.08
CA ASP A 206 -38.27 -8.84 -21.27
C ASP A 206 -37.21 -9.92 -21.46
N ARG A 207 -37.17 -10.90 -20.56
CA ARG A 207 -36.21 -11.99 -20.69
C ARG A 207 -36.41 -12.75 -21.99
N PHE A 208 -37.67 -13.03 -22.34
CA PHE A 208 -37.95 -13.79 -23.55
C PHE A 208 -37.35 -13.11 -24.77
N VAL A 209 -37.52 -11.80 -24.88
CA VAL A 209 -37.01 -11.07 -26.04
C VAL A 209 -35.49 -11.14 -26.09
N ARG A 210 -34.84 -10.90 -24.95
CA ARG A 210 -33.38 -10.92 -24.91
C ARG A 210 -32.83 -12.27 -25.33
N ALA A 211 -33.38 -13.35 -24.74
CA ALA A 211 -32.92 -14.69 -25.10
C ALA A 211 -33.09 -14.95 -26.58
N SER A 212 -34.28 -14.64 -27.12
CA SER A 212 -34.56 -14.89 -28.52
C SER A 212 -33.54 -14.21 -29.43
N PHE A 213 -33.23 -12.95 -29.15
CA PHE A 213 -32.33 -12.20 -30.02
C PHE A 213 -30.90 -12.73 -29.93
N TYR A 214 -30.41 -12.98 -28.72
CA TYR A 214 -29.01 -13.38 -28.56
C TYR A 214 -28.78 -14.81 -29.03
N ILE A 215 -29.74 -15.70 -28.78
CA ILE A 215 -29.55 -17.11 -29.11
C ILE A 215 -29.18 -17.29 -30.58
N HIS A 216 -29.70 -16.43 -31.46
CA HIS A 216 -29.27 -16.47 -32.85
C HIS A 216 -27.89 -15.85 -33.02
N ALA A 217 -27.64 -14.75 -32.30
CA ALA A 217 -26.39 -14.01 -32.48
C ALA A 217 -25.18 -14.81 -32.01
N ILE A 218 -25.37 -15.74 -31.08
CA ILE A 218 -24.26 -16.52 -30.54
C ILE A 218 -23.60 -17.30 -31.68
N PRO A 219 -22.39 -17.82 -31.48
CA PRO A 219 -21.70 -18.51 -32.58
C PRO A 219 -22.42 -19.78 -32.98
N GLN A 220 -22.62 -19.95 -34.29
CA GLN A 220 -23.17 -21.20 -34.84
C GLN A 220 -21.98 -22.08 -35.19
N THR A 221 -21.57 -22.92 -34.24
CA THR A 221 -20.41 -23.79 -34.40
C THR A 221 -20.76 -25.20 -33.96
N ALA A 222 -20.13 -26.18 -34.60
CA ALA A 222 -20.42 -27.58 -34.31
C ALA A 222 -19.62 -28.11 -33.12
N ASP A 223 -18.56 -27.43 -32.72
CA ASP A 223 -17.73 -27.88 -31.60
C ASP A 223 -18.45 -27.63 -30.28
N ALA A 224 -18.37 -28.60 -29.37
CA ALA A 224 -19.06 -28.50 -28.09
C ALA A 224 -18.37 -27.53 -27.14
N LYS A 225 -17.04 -27.53 -27.12
CA LYS A 225 -16.31 -26.67 -26.20
C LYS A 225 -16.70 -25.21 -26.34
N ILE A 226 -17.15 -24.81 -27.53
CA ILE A 226 -17.44 -23.41 -27.82
C ILE A 226 -18.92 -23.10 -27.67
N ALA A 227 -19.79 -23.97 -28.18
CA ALA A 227 -21.23 -23.68 -28.13
C ALA A 227 -21.76 -23.68 -26.71
N VAL A 228 -21.27 -24.59 -25.87
CA VAL A 228 -21.76 -24.71 -24.50
C VAL A 228 -21.57 -23.38 -23.77
N PRO A 229 -20.35 -22.86 -23.66
CA PRO A 229 -20.18 -21.56 -22.99
C PRO A 229 -21.00 -20.46 -23.63
N SER A 230 -21.07 -20.44 -24.97
CA SER A 230 -21.92 -19.45 -25.65
C SER A 230 -23.37 -19.57 -25.21
N VAL A 231 -23.79 -20.75 -24.76
CA VAL A 231 -25.14 -20.98 -24.29
C VAL A 231 -25.30 -20.39 -22.89
N LEU A 232 -24.56 -20.95 -21.92
CA LEU A 232 -24.69 -20.50 -20.54
C LEU A 232 -24.50 -19.00 -20.41
N SER A 233 -23.72 -18.39 -21.32
CA SER A 233 -23.55 -16.95 -21.29
C SER A 233 -24.90 -16.24 -21.38
N VAL A 234 -25.73 -16.62 -22.36
CA VAL A 234 -27.06 -16.03 -22.45
C VAL A 234 -27.91 -16.47 -21.26
N MET A 235 -27.66 -17.66 -20.72
CA MET A 235 -28.38 -18.09 -19.52
C MET A 235 -28.15 -17.11 -18.38
N ARG A 236 -26.89 -16.71 -18.16
CA ARG A 236 -26.60 -15.74 -17.11
C ARG A 236 -27.21 -14.39 -17.43
N ASN A 237 -27.20 -14.01 -18.71
CA ASN A 237 -27.82 -12.76 -19.13
C ASN A 237 -29.31 -12.77 -18.82
N VAL A 238 -30.04 -13.74 -19.38
CA VAL A 238 -31.47 -13.84 -19.12
C VAL A 238 -31.73 -14.04 -17.64
N SER A 239 -30.80 -14.65 -16.93
CA SER A 239 -30.97 -14.87 -15.49
C SER A 239 -31.00 -13.53 -14.76
N VAL A 240 -31.99 -13.37 -13.89
CA VAL A 240 -32.15 -12.12 -13.13
C VAL A 240 -31.19 -12.14 -11.95
N PRO A 241 -30.89 -10.99 -11.34
CA PRO A 241 -29.97 -10.98 -10.20
C PRO A 241 -30.42 -11.87 -9.05
N PHE A 242 -29.61 -11.96 -8.01
CA PHE A 242 -29.83 -12.85 -6.89
C PHE A 242 -30.27 -12.06 -5.67
N GLY A 243 -31.41 -12.44 -5.08
CA GLY A 243 -31.88 -11.83 -3.85
C GLY A 243 -32.13 -10.34 -3.95
N ILE A 244 -32.99 -9.93 -4.87
CA ILE A 244 -33.34 -8.52 -5.05
C ILE A 244 -34.50 -8.18 -4.14
N ASN A 245 -34.41 -7.03 -3.48
CA ASN A 245 -35.47 -6.57 -2.59
C ASN A 245 -35.59 -5.06 -2.68
N THR A 246 -36.82 -4.58 -2.78
CA THR A 246 -37.11 -3.15 -2.81
C THR A 246 -38.17 -2.83 -1.76
N PRO A 247 -38.16 -1.61 -1.22
CA PRO A 247 -39.17 -1.25 -0.22
C PRO A 247 -40.59 -1.47 -0.71
N GLU A 248 -40.87 -1.17 -1.99
CA GLU A 248 -42.20 -1.39 -2.54
C GLU A 248 -42.42 -2.84 -2.90
N LYS A 249 -41.53 -3.41 -3.71
CA LYS A 249 -41.57 -4.83 -4.02
C LYS A 249 -40.56 -5.56 -3.13
N PRO A 250 -40.98 -6.01 -1.95
CA PRO A 250 -40.02 -6.58 -0.99
C PRO A 250 -39.32 -7.82 -1.51
N HIS A 251 -40.07 -8.89 -1.74
CA HIS A 251 -39.51 -10.16 -2.18
C HIS A 251 -39.72 -10.34 -3.68
N ILE A 252 -38.72 -10.93 -4.34
CA ILE A 252 -38.75 -11.17 -5.78
C ILE A 252 -38.03 -12.48 -6.06
N SER A 253 -38.58 -13.26 -7.00
CA SER A 253 -37.97 -14.53 -7.36
C SER A 253 -36.58 -14.32 -7.93
N SER A 254 -35.57 -14.91 -7.27
CA SER A 254 -34.19 -14.76 -7.67
C SER A 254 -33.66 -16.07 -8.24
N THR A 255 -32.62 -15.95 -9.07
CA THR A 255 -32.05 -17.12 -9.72
C THR A 255 -31.37 -18.03 -8.71
N ARG A 256 -31.55 -19.33 -8.89
CA ARG A 256 -30.98 -20.31 -7.97
C ARG A 256 -30.05 -21.32 -8.64
N TRP A 257 -30.22 -21.58 -9.94
CA TRP A 257 -29.33 -22.49 -10.64
C TRP A 257 -29.71 -22.52 -12.11
N ARG A 258 -28.76 -22.98 -12.93
CA ARG A 258 -28.95 -23.09 -14.37
C ARG A 258 -28.56 -24.49 -14.82
N SER A 259 -29.26 -24.99 -15.84
CA SER A 259 -29.03 -26.32 -16.37
C SER A 259 -28.82 -26.24 -17.87
N VAL A 260 -27.81 -26.97 -18.36
CA VAL A 260 -27.49 -27.03 -19.78
C VAL A 260 -27.29 -28.49 -20.17
N SER A 261 -27.69 -28.82 -21.39
CA SER A 261 -27.59 -30.20 -21.88
C SER A 261 -27.01 -30.18 -23.29
N ASP A 262 -26.02 -31.04 -23.53
CA ASP A 262 -25.45 -31.23 -24.87
C ASP A 262 -26.15 -32.44 -25.50
N GLN A 263 -27.37 -32.21 -25.97
CA GLN A 263 -28.18 -33.30 -26.50
C GLN A 263 -27.46 -34.05 -27.61
N LYS A 264 -26.55 -33.38 -28.32
CA LYS A 264 -25.80 -34.07 -29.38
C LYS A 264 -24.83 -35.08 -28.81
N ASN A 265 -24.37 -34.89 -27.57
CA ASN A 265 -23.41 -35.78 -26.94
C ASN A 265 -23.93 -36.35 -25.62
N LYS A 266 -25.16 -36.03 -25.25
CA LYS A 266 -25.82 -36.68 -24.11
C LYS A 266 -25.16 -36.32 -22.78
N VAL A 267 -24.81 -35.05 -22.60
CA VAL A 267 -24.15 -34.58 -21.39
C VAL A 267 -25.04 -33.56 -20.70
N TYR A 268 -24.92 -33.49 -19.38
CA TYR A 268 -25.72 -32.58 -18.56
C TYR A 268 -24.80 -31.80 -17.65
N TYR A 269 -24.73 -30.48 -17.84
CA TYR A 269 -23.93 -29.60 -17.01
C TYR A 269 -24.83 -28.83 -16.05
N PHE A 270 -24.37 -28.66 -14.82
CA PHE A 270 -25.18 -28.06 -13.77
C PHE A 270 -24.34 -27.12 -12.92
N GLU A 271 -24.92 -25.98 -12.56
CA GLU A 271 -24.27 -25.01 -11.68
C GLU A 271 -25.33 -24.34 -10.82
N SER A 272 -24.92 -23.91 -9.63
CA SER A 272 -25.79 -23.22 -8.71
C SER A 272 -25.33 -21.78 -8.53
N THR A 273 -26.28 -20.89 -8.23
CA THR A 273 -25.94 -19.50 -7.97
C THR A 273 -24.99 -19.36 -6.78
N LEU A 274 -24.97 -20.34 -5.89
CA LEU A 274 -24.06 -20.33 -4.74
C LEU A 274 -22.98 -21.41 -4.85
N THR A 275 -22.71 -21.89 -6.06
CA THR A 275 -21.67 -22.87 -6.31
C THR A 275 -20.78 -22.33 -7.43
N PRO A 276 -19.50 -22.10 -7.18
CA PRO A 276 -18.67 -21.42 -8.18
C PRO A 276 -18.28 -22.31 -9.35
N ASN A 277 -17.85 -23.55 -9.06
CA ASN A 277 -17.44 -24.45 -10.12
C ASN A 277 -18.64 -24.92 -10.92
N LEU A 278 -18.35 -25.53 -12.07
CA LEU A 278 -19.38 -26.04 -12.98
C LEU A 278 -19.10 -27.51 -13.23
N PHE A 279 -19.81 -28.38 -12.51
CA PHE A 279 -19.67 -29.82 -12.65
C PHE A 279 -20.62 -30.36 -13.70
N TRP A 280 -20.41 -31.61 -14.09
CA TRP A 280 -21.24 -32.25 -15.10
C TRP A 280 -21.26 -33.75 -14.86
N LEU A 281 -22.19 -34.42 -15.54
CA LEU A 281 -22.33 -35.87 -15.48
C LEU A 281 -22.45 -36.40 -16.90
N ASP A 282 -21.59 -37.35 -17.26
CA ASP A 282 -21.60 -37.95 -18.59
C ASP A 282 -22.58 -39.12 -18.57
N LEU A 283 -23.79 -38.88 -19.10
CA LEU A 283 -24.79 -39.95 -19.19
C LEU A 283 -24.23 -41.17 -19.90
N LYS A 284 -23.32 -40.97 -20.85
CA LYS A 284 -22.76 -42.09 -21.59
C LYS A 284 -22.02 -43.05 -20.67
N LYS A 285 -21.35 -42.53 -19.64
CA LYS A 285 -20.64 -43.36 -18.67
C LYS A 285 -21.57 -43.96 -17.63
N ILE A 286 -22.88 -43.81 -17.80
CA ILE A 286 -23.85 -44.28 -16.84
C ILE A 286 -24.41 -45.63 -17.28
N ASP A 287 -24.95 -46.37 -16.31
CA ASP A 287 -25.62 -47.64 -16.57
C ASP A 287 -27.04 -47.53 -16.04
N PHE A 288 -28.02 -47.51 -16.96
CA PHE A 288 -29.42 -47.44 -16.60
C PHE A 288 -30.11 -48.81 -16.65
N SER A 289 -29.35 -49.88 -16.49
CA SER A 289 -29.93 -51.21 -16.51
C SER A 289 -31.08 -51.27 -15.51
N PRO A 290 -32.16 -52.00 -15.81
CA PRO A 290 -33.31 -52.03 -14.89
C PRO A 290 -32.92 -52.25 -13.43
N LYS A 291 -31.92 -53.09 -13.19
CA LYS A 291 -31.46 -53.33 -11.83
C LYS A 291 -30.12 -52.64 -11.58
N ALA A 292 -30.01 -51.38 -12.00
CA ALA A 292 -28.80 -50.60 -11.75
C ALA A 292 -28.86 -49.85 -10.43
N GLY A 293 -30.05 -49.57 -9.91
CA GLY A 293 -30.17 -48.90 -8.64
C GLY A 293 -30.44 -47.41 -8.76
N VAL A 294 -31.37 -46.90 -7.95
CA VAL A 294 -31.66 -45.47 -7.95
C VAL A 294 -30.50 -44.74 -7.27
N LYS A 295 -29.91 -43.79 -7.98
CA LYS A 295 -28.74 -43.06 -7.51
C LYS A 295 -29.10 -41.60 -7.28
N LYS A 296 -28.60 -41.04 -6.18
CA LYS A 296 -28.89 -39.67 -5.80
C LYS A 296 -27.60 -38.86 -5.71
N LEU A 297 -27.71 -37.57 -6.00
CA LEU A 297 -26.63 -36.59 -5.81
C LEU A 297 -27.22 -35.46 -4.98
N SER A 298 -27.11 -35.60 -3.66
CA SER A 298 -27.73 -34.63 -2.76
C SER A 298 -27.14 -33.23 -2.96
N LEU A 299 -27.94 -32.23 -2.58
CA LEU A 299 -27.50 -30.84 -2.60
C LEU A 299 -28.12 -30.02 -1.48
N THR A 300 -29.01 -30.60 -0.66
CA THR A 300 -29.62 -29.85 0.42
C THR A 300 -28.58 -29.25 1.35
N LYS A 301 -27.63 -30.07 1.81
CA LYS A 301 -26.60 -29.62 2.73
C LYS A 301 -25.54 -28.75 2.07
N GLY A 302 -25.73 -28.36 0.81
CA GLY A 302 -24.80 -27.45 0.15
C GLY A 302 -23.47 -28.07 -0.22
N GLU A 303 -23.49 -29.33 -0.68
CA GLU A 303 -22.24 -29.97 -1.11
C GLU A 303 -21.68 -29.24 -2.32
N ILE A 304 -20.36 -29.32 -2.48
CA ILE A 304 -19.64 -28.62 -3.55
C ILE A 304 -19.01 -29.65 -4.46
N TYR A 305 -19.17 -29.46 -5.77
CA TYR A 305 -18.63 -30.38 -6.76
C TYR A 305 -18.02 -29.58 -7.90
N ALA A 306 -17.32 -30.28 -8.79
CA ALA A 306 -16.70 -29.66 -9.94
C ALA A 306 -16.27 -30.74 -10.92
N GLY A 307 -16.03 -30.34 -12.16
CA GLY A 307 -15.64 -31.31 -13.17
C GLY A 307 -16.77 -32.26 -13.49
N ASP A 308 -16.44 -33.53 -13.70
CA ASP A 308 -17.43 -34.57 -13.94
C ASP A 308 -17.72 -35.27 -12.62
N ALA A 309 -18.90 -35.00 -12.05
CA ALA A 309 -19.23 -35.53 -10.73
C ALA A 309 -19.80 -36.95 -10.83
N VAL A 310 -19.10 -37.83 -11.53
CA VAL A 310 -19.54 -39.21 -11.64
C VAL A 310 -19.18 -39.99 -10.38
N LYS A 311 -17.91 -39.88 -9.95
CA LYS A 311 -17.46 -40.66 -8.80
C LYS A 311 -18.22 -40.30 -7.53
N ASP A 312 -18.71 -39.07 -7.42
CA ASP A 312 -19.29 -38.57 -6.19
C ASP A 312 -20.80 -38.84 -6.09
N LEU A 313 -21.31 -39.86 -6.77
CA LEU A 313 -22.70 -40.24 -6.66
C LEU A 313 -22.87 -41.31 -5.59
N LYS A 314 -23.96 -41.22 -4.84
CA LYS A 314 -24.24 -42.14 -3.74
C LYS A 314 -25.65 -42.67 -3.90
N ASP A 315 -25.78 -43.99 -4.07
CA ASP A 315 -27.08 -44.61 -4.24
C ASP A 315 -27.99 -44.29 -3.06
N SER A 316 -29.24 -43.94 -3.38
CA SER A 316 -30.24 -43.66 -2.36
C SER A 316 -31.60 -44.07 -2.91
N GLN A 317 -32.60 -44.07 -2.03
CA GLN A 317 -33.95 -44.43 -2.42
C GLN A 317 -34.63 -43.26 -3.12
N SER A 318 -35.52 -43.60 -4.05
CA SER A 318 -36.22 -42.59 -4.83
C SER A 318 -36.95 -41.61 -3.93
N PHE A 319 -37.00 -40.35 -4.35
CA PHE A 319 -37.78 -39.36 -3.64
C PHE A 319 -39.27 -39.67 -3.77
N THR A 320 -40.08 -38.89 -3.06
CA THR A 320 -41.52 -39.13 -2.98
C THR A 320 -42.25 -37.95 -3.61
N PHE A 321 -43.03 -38.23 -4.65
CA PHE A 321 -43.79 -37.18 -5.32
C PHE A 321 -44.92 -36.69 -4.42
N LEU A 322 -45.40 -35.48 -4.71
CA LEU A 322 -46.47 -34.85 -3.97
C LEU A 322 -47.70 -34.77 -4.88
N PHE A 323 -48.75 -35.50 -4.49
CA PHE A 323 -50.00 -35.50 -5.24
C PHE A 323 -51.13 -34.74 -4.56
N GLU A 324 -51.07 -34.58 -3.24
CA GLU A 324 -52.11 -33.94 -2.46
C GLU A 324 -51.55 -32.74 -1.73
N THR A 325 -52.35 -31.68 -1.61
CA THR A 325 -51.90 -30.44 -0.91
C THR A 325 -51.36 -30.82 0.47
N PRO A 326 -50.15 -30.37 0.86
CA PRO A 326 -49.58 -30.70 2.17
C PRO A 326 -50.46 -30.13 3.29
N VAL A 327 -50.61 -30.87 4.39
CA VAL A 327 -51.49 -30.41 5.49
C VAL A 327 -50.97 -29.07 6.03
N MET A 328 -49.65 -28.98 6.28
CA MET A 328 -48.98 -27.76 6.78
C MET A 328 -47.47 -27.87 6.58
N LEU A 329 -46.75 -26.76 6.80
CA LEU A 329 -45.26 -26.72 6.66
C LEU A 329 -44.65 -27.91 7.41
N MET B 1 -14.93 -2.59 -24.73
CA MET B 1 -15.72 -1.92 -23.66
C MET B 1 -15.70 -2.80 -22.42
N CYS B 2 -15.50 -2.20 -21.24
CA CYS B 2 -15.44 -2.94 -19.95
C CYS B 2 -16.21 -2.16 -18.87
N THR B 3 -16.61 -2.84 -17.78
CA THR B 3 -17.33 -2.19 -16.66
C THR B 3 -16.75 -2.66 -15.32
N ARG B 4 -16.96 -1.92 -14.23
CA ARG B 4 -16.42 -2.35 -12.90
C ARG B 4 -17.37 -1.82 -11.83
N ALA B 5 -17.66 -2.59 -10.78
CA ALA B 5 -18.61 -2.02 -9.80
C ALA B 5 -18.09 -2.29 -8.39
N VAL B 6 -18.50 -1.49 -7.41
CA VAL B 6 -17.98 -1.66 -6.06
C VAL B 6 -19.16 -1.74 -5.09
N TYR B 7 -19.08 -2.70 -4.16
CA TYR B 7 -20.13 -2.93 -3.18
C TYR B 7 -19.68 -2.40 -1.82
N LEU B 8 -20.57 -1.67 -1.15
CA LEU B 8 -20.30 -1.07 0.14
C LEU B 8 -21.19 -1.77 1.18
N GLY B 9 -20.66 -2.83 1.78
CA GLY B 9 -21.39 -3.59 2.76
C GLY B 9 -21.14 -3.10 4.17
N PRO B 10 -22.02 -3.46 5.09
CA PRO B 10 -21.83 -3.07 6.49
C PRO B 10 -20.50 -3.55 7.03
N ASP B 11 -20.02 -2.84 8.05
CA ASP B 11 -18.76 -3.16 8.73
C ASP B 11 -17.61 -3.27 7.72
N ARG B 12 -17.31 -2.12 7.13
CA ARG B 12 -16.14 -1.97 6.26
C ARG B 12 -16.11 -3.01 5.14
N MET B 13 -17.25 -3.61 4.82
CA MET B 13 -17.29 -4.64 3.78
C MET B 13 -17.16 -3.98 2.42
N VAL B 14 -15.99 -4.16 1.78
CA VAL B 14 -15.69 -3.55 0.50
C VAL B 14 -15.29 -4.66 -0.46
N VAL B 15 -16.04 -4.79 -1.56
CA VAL B 15 -15.78 -5.81 -2.58
C VAL B 15 -15.97 -5.16 -3.95
N THR B 16 -14.94 -5.21 -4.77
CA THR B 16 -14.94 -4.61 -6.10
C THR B 16 -15.13 -5.67 -7.17
N GLY B 17 -15.71 -5.25 -8.29
CA GLY B 17 -15.90 -6.15 -9.42
C GLY B 17 -15.64 -5.48 -10.75
N ARG B 18 -14.78 -6.09 -11.57
CA ARG B 18 -14.39 -5.54 -12.86
C ARG B 18 -14.69 -6.55 -13.96
N THR B 19 -15.12 -6.04 -15.11
CA THR B 19 -15.45 -6.85 -16.27
C THR B 19 -14.33 -6.77 -17.31
N MET B 20 -14.23 -7.81 -18.14
CA MET B 20 -13.30 -7.82 -19.26
C MET B 20 -14.01 -8.31 -20.51
N ASP B 21 -14.07 -7.47 -21.53
CA ASP B 21 -14.61 -7.81 -22.84
C ASP B 21 -13.65 -7.31 -23.92
N TRP B 22 -13.41 -8.15 -24.91
CA TRP B 22 -12.48 -7.82 -25.99
C TRP B 22 -12.89 -8.55 -27.25
N LYS B 23 -12.47 -8.01 -28.40
CA LYS B 23 -12.91 -8.56 -29.68
C LYS B 23 -12.41 -9.98 -29.87
N GLU B 24 -11.13 -10.22 -29.58
CA GLU B 24 -10.55 -11.55 -29.70
C GLU B 24 -9.98 -11.97 -28.35
N ASP B 25 -9.20 -13.06 -28.35
CA ASP B 25 -8.61 -13.54 -27.11
C ASP B 25 -7.71 -12.47 -26.49
N ILE B 26 -7.67 -12.45 -25.16
CA ILE B 26 -6.87 -11.48 -24.43
C ILE B 26 -5.51 -12.02 -24.00
N MET B 27 -5.38 -13.34 -23.86
CA MET B 27 -4.11 -13.96 -23.46
C MET B 27 -3.59 -13.35 -22.16
N SER B 28 -4.52 -13.04 -21.25
CA SER B 28 -4.17 -12.45 -19.98
C SER B 28 -3.72 -13.52 -18.99
N ASN B 29 -2.97 -13.07 -17.98
CA ASN B 29 -2.50 -13.97 -16.93
C ASN B 29 -2.45 -13.20 -15.62
N ILE B 30 -2.34 -13.96 -14.53
CA ILE B 30 -2.32 -13.40 -13.18
C ILE B 30 -0.91 -13.50 -12.63
N TYR B 31 -0.29 -12.35 -12.34
CA TYR B 31 1.03 -12.28 -11.74
C TYR B 31 0.93 -11.70 -10.35
N VAL B 32 1.82 -12.16 -9.47
CA VAL B 32 1.91 -11.68 -8.09
C VAL B 32 3.24 -10.97 -7.92
N PHE B 33 3.20 -9.74 -7.44
CA PHE B 33 4.39 -8.90 -7.27
C PHE B 33 4.53 -8.48 -5.82
N PRO B 34 5.45 -9.06 -5.06
CA PRO B 34 5.66 -8.61 -3.68
C PRO B 34 6.11 -7.16 -3.61
N ARG B 35 6.43 -6.69 -2.41
CA ARG B 35 6.88 -5.31 -2.21
C ARG B 35 8.40 -5.25 -2.30
N GLY B 36 8.92 -4.01 -2.26
CA GLY B 36 10.34 -3.80 -2.35
C GLY B 36 10.92 -3.96 -3.74
N MET B 37 10.15 -3.61 -4.78
CA MET B 37 10.58 -3.74 -6.15
C MET B 37 10.47 -2.38 -6.84
N GLN B 38 11.45 -2.07 -7.70
CA GLN B 38 11.49 -0.80 -8.41
C GLN B 38 11.10 -0.99 -9.86
N ARG B 39 10.54 0.07 -10.44
CA ARG B 39 10.08 0.04 -11.83
C ARG B 39 10.29 1.41 -12.46
N ALA B 40 10.28 1.44 -13.79
CA ALA B 40 10.48 2.66 -14.56
C ALA B 40 9.23 2.91 -15.39
N GLY B 41 8.70 4.14 -15.32
CA GLY B 41 7.45 4.48 -15.97
C GLY B 41 7.54 4.51 -17.47
N HIS B 42 8.74 4.25 -18.01
CA HIS B 42 8.95 4.30 -19.45
C HIS B 42 10.41 4.02 -19.75
N ASN B 43 10.67 3.41 -20.90
CA ASN B 43 12.00 2.91 -21.24
C ASN B 43 12.79 3.84 -22.16
N LYS B 44 12.14 4.52 -23.10
CA LYS B 44 12.84 5.39 -24.03
C LYS B 44 12.45 6.86 -23.87
N GLU B 45 11.86 7.22 -22.74
CA GLU B 45 11.47 8.59 -22.45
C GLU B 45 11.95 8.98 -21.07
N LYS B 46 12.16 10.27 -20.86
CA LYS B 46 12.37 10.80 -19.51
C LYS B 46 11.22 10.34 -18.62
N THR B 47 11.56 9.80 -17.45
CA THR B 47 10.54 9.14 -16.63
C THR B 47 10.90 9.23 -15.15
N VAL B 48 9.92 8.92 -14.32
CA VAL B 48 10.10 8.84 -12.89
C VAL B 48 10.34 7.39 -12.50
N ASN B 49 10.63 7.16 -11.23
CA ASN B 49 10.86 5.82 -10.71
C ASN B 49 10.42 5.77 -9.26
N TRP B 50 10.25 4.55 -8.75
CA TRP B 50 9.71 4.36 -7.41
C TRP B 50 10.22 3.05 -6.85
N THR B 51 9.64 2.62 -5.74
CA THR B 51 9.99 1.37 -5.09
C THR B 51 8.71 0.74 -4.54
N SER B 52 8.34 -0.42 -5.08
CA SER B 52 7.11 -1.10 -4.68
C SER B 52 7.02 -1.24 -3.17
N LYS B 53 6.04 -0.57 -2.56
CA LYS B 53 5.88 -0.59 -1.11
C LYS B 53 4.99 -1.72 -0.63
N TYR B 54 4.04 -2.17 -1.45
CA TYR B 54 3.11 -3.22 -1.06
C TYR B 54 3.06 -4.29 -2.14
N GLY B 55 2.72 -5.51 -1.73
CA GLY B 55 2.46 -6.57 -2.67
C GLY B 55 1.03 -6.57 -3.14
N SER B 56 0.79 -7.22 -4.29
CA SER B 56 -0.54 -7.22 -4.87
C SER B 56 -0.61 -8.28 -5.96
N VAL B 57 -1.83 -8.62 -6.35
CA VAL B 57 -2.10 -9.54 -7.43
C VAL B 57 -2.90 -8.80 -8.50
N ILE B 58 -2.49 -8.95 -9.76
CA ILE B 58 -3.08 -8.20 -10.86
C ILE B 58 -3.30 -9.11 -12.06
N ALA B 59 -4.23 -8.71 -12.92
CA ALA B 59 -4.50 -9.40 -14.17
C ALA B 59 -3.80 -8.66 -15.30
N THR B 60 -3.08 -9.41 -16.13
CA THR B 60 -2.27 -8.82 -17.18
C THR B 60 -3.08 -8.70 -18.47
N GLY B 61 -2.50 -7.99 -19.43
CA GLY B 61 -3.08 -7.87 -20.76
C GLY B 61 -2.14 -8.42 -21.81
N TYR B 62 -2.37 -9.66 -22.24
CA TYR B 62 -1.46 -10.36 -23.14
C TYR B 62 -0.08 -10.55 -22.52
N ASP B 63 0.04 -10.36 -21.21
CA ASP B 63 1.33 -10.36 -20.52
C ASP B 63 2.18 -9.17 -20.92
N ILE B 64 1.55 -7.99 -21.06
CA ILE B 64 2.26 -6.80 -21.48
C ILE B 64 1.99 -5.65 -20.51
N GLY B 65 0.76 -5.53 -20.03
CA GLY B 65 0.41 -4.42 -19.17
C GLY B 65 -0.73 -4.72 -18.21
N THR B 66 -0.59 -4.30 -16.96
CA THR B 66 -1.61 -4.57 -15.96
C THR B 66 -2.81 -3.65 -16.16
N CYS B 67 -4.00 -4.22 -16.01
CA CYS B 67 -5.24 -3.47 -16.10
C CYS B 67 -6.17 -3.65 -14.91
N ASP B 68 -5.90 -4.61 -14.02
CA ASP B 68 -6.70 -4.81 -12.83
C ASP B 68 -5.87 -5.57 -11.81
N GLY B 69 -6.19 -5.36 -10.54
CA GLY B 69 -5.49 -6.03 -9.46
C GLY B 69 -5.87 -5.44 -8.13
N MET B 70 -5.46 -6.14 -7.08
CA MET B 70 -5.71 -5.72 -5.71
C MET B 70 -4.42 -5.83 -4.90
N ASN B 71 -4.17 -4.83 -4.06
CA ASN B 71 -2.96 -4.80 -3.26
C ASN B 71 -3.19 -5.42 -1.89
N GLU B 72 -2.16 -5.39 -1.05
CA GLU B 72 -2.31 -5.90 0.31
C GLU B 72 -3.37 -5.13 1.07
N LYS B 73 -3.30 -3.80 1.05
CA LYS B 73 -4.19 -2.98 1.85
C LYS B 73 -5.59 -2.87 1.24
N GLY B 74 -6.17 -4.01 0.86
CA GLY B 74 -7.53 -4.06 0.37
C GLY B 74 -7.92 -2.98 -0.62
N LEU B 75 -6.96 -2.56 -1.45
CA LEU B 75 -7.19 -1.52 -2.44
C LEU B 75 -7.03 -2.12 -3.83
N VAL B 76 -8.02 -1.88 -4.69
CA VAL B 76 -8.07 -2.48 -6.02
C VAL B 76 -8.06 -1.38 -7.07
N ALA B 77 -7.44 -1.67 -8.21
CA ALA B 77 -7.36 -0.75 -9.33
C ALA B 77 -7.90 -1.44 -10.58
N SER B 78 -8.38 -0.63 -11.52
CA SER B 78 -8.98 -1.16 -12.75
C SER B 78 -8.95 -0.09 -13.82
N LEU B 79 -8.47 -0.47 -15.01
CA LEU B 79 -8.42 0.42 -16.16
C LEU B 79 -9.51 0.01 -17.15
N LEU B 80 -10.41 0.93 -17.44
CA LEU B 80 -11.48 0.71 -18.41
C LEU B 80 -11.31 1.66 -19.58
N PHE B 81 -11.63 1.18 -20.77
CA PHE B 81 -11.45 1.99 -21.98
C PHE B 81 -12.36 3.21 -21.95
N LEU B 82 -11.84 4.32 -22.46
CA LEU B 82 -12.62 5.54 -22.67
C LEU B 82 -12.25 6.12 -24.03
N PRO B 83 -13.15 6.06 -25.01
CA PRO B 83 -12.79 6.47 -26.39
C PRO B 83 -12.40 7.93 -26.51
N GLU B 84 -12.60 8.75 -25.48
CA GLU B 84 -12.31 10.17 -25.61
C GLU B 84 -11.33 10.62 -24.53
N SER B 85 -10.24 9.89 -24.37
CA SER B 85 -9.24 10.18 -23.36
C SER B 85 -7.94 10.57 -24.05
N VAL B 86 -7.51 11.82 -23.85
CA VAL B 86 -6.22 12.31 -24.31
C VAL B 86 -5.40 12.69 -23.08
N TYR B 87 -4.10 12.37 -23.11
CA TYR B 87 -3.27 12.51 -21.93
C TYR B 87 -2.36 13.73 -21.95
N SER B 88 -2.13 14.35 -23.11
CA SER B 88 -1.31 15.55 -23.16
C SER B 88 -1.20 16.14 -24.57
N LEU B 89 -1.21 17.46 -24.67
CA LEU B 89 -0.91 18.16 -25.90
C LEU B 89 0.58 18.39 -26.02
N PRO B 90 1.05 18.87 -27.17
CA PRO B 90 2.48 19.16 -27.32
C PRO B 90 3.01 20.08 -26.25
N GLY B 91 4.34 20.11 -26.08
CA GLY B 91 4.95 20.91 -25.04
C GLY B 91 5.13 20.20 -23.71
N ASP B 92 4.92 18.89 -23.66
CA ASP B 92 5.03 18.11 -22.44
C ASP B 92 6.48 17.69 -22.26
N THR B 93 7.20 18.38 -21.38
CA THR B 93 8.57 18.03 -21.04
C THR B 93 8.65 17.13 -19.81
N ARG B 94 7.51 16.80 -19.20
CA ARG B 94 7.52 15.98 -18.00
C ARG B 94 7.96 14.56 -18.31
N PRO B 95 8.38 13.81 -17.30
CA PRO B 95 8.75 12.40 -17.54
C PRO B 95 7.61 11.61 -18.16
N ALA B 96 7.70 11.33 -19.45
CA ALA B 96 6.65 10.59 -20.16
C ALA B 96 6.59 9.17 -19.61
N MET B 97 5.50 8.84 -18.92
CA MET B 97 5.22 7.46 -18.56
C MET B 97 4.37 6.82 -19.67
N GLY B 98 4.24 5.50 -19.61
CA GLY B 98 3.51 4.75 -20.62
C GLY B 98 2.23 4.17 -20.06
N ILE B 99 1.19 4.16 -20.90
CA ILE B 99 -0.13 3.69 -20.47
C ILE B 99 -0.09 2.23 -20.03
N SER B 100 0.95 1.49 -20.42
CA SER B 100 0.99 0.06 -20.12
C SER B 100 1.21 -0.19 -18.64
N ILE B 101 2.02 0.63 -17.99
CA ILE B 101 2.40 0.42 -16.59
C ILE B 101 1.69 1.38 -15.65
N TRP B 102 0.81 2.25 -16.16
CA TRP B 102 0.10 3.19 -15.28
C TRP B 102 -0.53 2.45 -14.11
N THR B 103 -1.21 1.33 -14.38
CA THR B 103 -1.83 0.56 -13.32
C THR B 103 -0.82 0.14 -12.27
N GLN B 104 0.25 -0.54 -12.72
CA GLN B 104 1.20 -1.12 -11.78
C GLN B 104 1.78 -0.07 -10.84
N TYR B 105 1.98 1.15 -11.33
CA TYR B 105 2.59 2.19 -10.50
C TYR B 105 1.74 2.46 -9.26
N VAL B 106 0.43 2.64 -9.44
CA VAL B 106 -0.43 3.03 -8.33
C VAL B 106 -0.44 1.95 -7.26
N LEU B 107 -0.68 0.70 -7.65
CA LEU B 107 -0.79 -0.38 -6.68
C LEU B 107 0.50 -0.56 -5.88
N ASP B 108 1.65 -0.28 -6.48
CA ASP B 108 2.92 -0.49 -5.82
C ASP B 108 3.31 0.64 -4.88
N ASN B 109 2.58 1.76 -4.89
CA ASN B 109 2.94 2.91 -4.06
C ASN B 109 1.78 3.47 -3.27
N PHE B 110 0.64 2.76 -3.21
CA PHE B 110 -0.52 3.28 -2.51
C PHE B 110 -1.23 2.17 -1.76
N ALA B 111 -1.91 2.56 -0.68
CA ALA B 111 -2.74 1.65 0.08
C ALA B 111 -4.05 2.28 0.52
N THR B 112 -4.28 3.56 0.21
CA THR B 112 -5.50 4.25 0.57
C THR B 112 -5.88 5.20 -0.56
N VAL B 113 -7.16 5.20 -0.93
CA VAL B 113 -7.61 6.04 -2.05
C VAL B 113 -7.20 7.49 -1.84
N ARG B 114 -7.27 7.96 -0.58
CA ARG B 114 -6.91 9.34 -0.29
C ARG B 114 -5.49 9.65 -0.74
N GLU B 115 -4.53 8.82 -0.33
CA GLU B 115 -3.14 9.07 -0.68
C GLU B 115 -2.93 9.08 -2.19
N ALA B 116 -3.59 8.16 -2.89
CA ALA B 116 -3.40 8.06 -4.34
C ALA B 116 -3.82 9.34 -5.04
N VAL B 117 -4.96 9.93 -4.63
CA VAL B 117 -5.45 11.13 -5.27
C VAL B 117 -4.43 12.26 -5.13
N ASP B 118 -3.81 12.37 -3.96
CA ASP B 118 -2.87 13.46 -3.71
C ASP B 118 -1.75 13.48 -4.75
N GLU B 119 -0.97 12.39 -4.82
CA GLU B 119 0.16 12.36 -5.73
C GLU B 119 -0.26 12.50 -7.19
N MET B 120 -1.47 12.02 -7.53
CA MET B 120 -1.91 12.09 -8.92
C MET B 120 -2.13 13.52 -9.38
N LYS B 121 -2.78 14.34 -8.54
CA LYS B 121 -3.07 15.72 -8.94
C LYS B 121 -1.82 16.58 -9.10
N LYS B 122 -0.61 16.02 -8.96
CA LYS B 122 0.60 16.77 -9.26
C LYS B 122 0.94 16.74 -10.75
N GLU B 123 0.34 15.82 -11.52
CA GLU B 123 0.63 15.67 -12.94
C GLU B 123 2.14 15.68 -13.21
N THR B 124 2.89 15.08 -12.29
CA THR B 124 4.35 15.05 -12.40
C THR B 124 4.85 14.34 -13.65
N PHE B 125 3.96 13.79 -14.47
CA PHE B 125 4.38 13.06 -15.66
C PHE B 125 3.23 12.99 -16.65
N ARG B 126 3.56 12.64 -17.89
CA ARG B 126 2.58 12.36 -18.91
C ARG B 126 2.69 10.89 -19.30
N ILE B 127 1.57 10.17 -19.27
CA ILE B 127 1.55 8.74 -19.52
C ILE B 127 0.87 8.51 -20.87
N ASP B 128 1.64 7.97 -21.83
CA ASP B 128 1.17 7.89 -23.20
C ASP B 128 1.74 6.67 -23.89
N ALA B 129 1.08 6.28 -24.98
CA ALA B 129 1.51 5.22 -25.87
C ALA B 129 1.11 5.61 -27.29
N PRO B 130 1.96 5.35 -28.27
CA PRO B 130 1.64 5.76 -29.64
C PRO B 130 0.36 5.12 -30.15
N ARG B 131 -0.26 5.80 -31.10
CA ARG B 131 -1.58 5.42 -31.61
C ARG B 131 -1.46 4.30 -32.64
N MET B 132 -2.46 3.41 -32.64
CA MET B 132 -2.60 2.28 -33.56
C MET B 132 -1.25 1.73 -34.02
N PRO B 133 -0.40 1.27 -33.10
CA PRO B 133 0.88 0.68 -33.51
C PRO B 133 0.69 -0.63 -34.27
N ASN B 134 -0.02 -1.57 -33.65
CA ASN B 134 -0.35 -2.84 -34.29
C ASN B 134 -1.68 -2.79 -35.05
N GLY B 135 -2.01 -1.64 -35.63
CA GLY B 135 -3.29 -1.49 -36.31
C GLY B 135 -4.49 -1.70 -35.42
N GLY B 136 -4.31 -1.64 -34.10
CA GLY B 136 -5.37 -1.87 -33.16
C GLY B 136 -6.56 -0.97 -33.40
N PRO B 137 -7.70 -1.33 -32.82
CA PRO B 137 -8.93 -0.55 -33.08
C PRO B 137 -8.91 0.81 -32.39
N GLU B 138 -8.63 0.80 -31.08
CA GLU B 138 -8.52 1.99 -30.25
C GLU B 138 -7.45 1.71 -29.21
N SER B 139 -7.04 2.76 -28.47
CA SER B 139 -5.99 2.64 -27.46
C SER B 139 -6.06 3.78 -26.44
N THR B 140 -7.17 3.87 -25.72
CA THR B 140 -7.39 4.94 -24.74
C THR B 140 -8.31 4.42 -23.66
N LEU B 141 -7.90 4.57 -22.40
CA LEU B 141 -8.62 3.99 -21.28
C LEU B 141 -8.62 4.95 -20.10
N HIS B 142 -9.43 4.60 -19.10
CA HIS B 142 -9.49 5.32 -17.83
C HIS B 142 -9.54 4.29 -16.71
N MET B 143 -9.07 4.71 -15.53
CA MET B 143 -8.83 3.80 -14.41
C MET B 143 -9.75 4.13 -13.24
N ALA B 144 -10.05 3.09 -12.45
CA ALA B 144 -10.85 3.22 -11.24
C ALA B 144 -10.21 2.38 -10.15
N ILE B 145 -10.17 2.95 -8.93
CA ILE B 145 -9.49 2.32 -7.81
C ILE B 145 -10.35 2.48 -6.56
N THR B 146 -10.17 1.57 -5.61
CA THR B 146 -10.93 1.60 -4.36
C THR B 146 -10.14 0.90 -3.26
N ASP B 147 -10.13 1.49 -2.08
CA ASP B 147 -9.48 0.91 -0.92
C ASP B 147 -10.44 0.00 -0.15
N GLU B 148 -9.91 -0.72 0.84
CA GLU B 148 -10.73 -1.60 1.64
C GLU B 148 -11.72 -0.84 2.52
N THR B 149 -11.73 0.48 2.46
CA THR B 149 -12.67 1.28 3.26
C THR B 149 -13.97 1.55 2.53
N GLY B 150 -13.95 1.55 1.19
CA GLY B 150 -15.15 1.79 0.41
C GLY B 150 -15.12 3.06 -0.43
N ASN B 151 -14.06 3.86 -0.35
CA ASN B 151 -13.97 5.09 -1.11
C ASN B 151 -13.37 4.82 -2.48
N THR B 152 -13.93 5.46 -3.51
CA THR B 152 -13.51 5.25 -4.88
C THR B 152 -13.25 6.59 -5.55
N ALA B 153 -12.44 6.55 -6.61
CA ALA B 153 -12.09 7.75 -7.36
C ALA B 153 -11.92 7.39 -8.83
N VAL B 154 -12.73 7.99 -9.69
CA VAL B 154 -12.62 7.80 -11.13
C VAL B 154 -11.69 8.86 -11.69
N ILE B 155 -10.88 8.46 -12.67
CA ILE B 155 -9.84 9.32 -13.24
C ILE B 155 -9.92 9.26 -14.75
N GLU B 156 -9.87 10.43 -15.39
CA GLU B 156 -9.86 10.53 -16.84
C GLU B 156 -9.06 11.77 -17.23
N TYR B 157 -8.20 11.64 -18.23
CA TYR B 157 -7.41 12.76 -18.72
C TYR B 157 -8.16 13.43 -19.87
N LEU B 158 -8.65 14.64 -19.62
CA LEU B 158 -9.41 15.41 -20.62
C LEU B 158 -8.42 16.14 -21.52
N ASP B 159 -8.19 15.57 -22.70
CA ASP B 159 -7.21 16.08 -23.67
C ASP B 159 -5.97 16.63 -22.98
N GLY B 160 -5.39 15.79 -22.11
CA GLY B 160 -4.20 16.13 -21.38
C GLY B 160 -4.43 16.53 -19.94
N LYS B 161 -5.55 17.20 -19.66
CA LYS B 161 -5.87 17.66 -18.32
C LYS B 161 -6.60 16.55 -17.57
N LEU B 162 -6.08 16.17 -16.41
CA LEU B 162 -6.69 15.10 -15.64
C LEU B 162 -8.09 15.50 -15.18
N SER B 163 -8.97 14.51 -15.11
CA SER B 163 -10.33 14.70 -14.62
C SER B 163 -10.64 13.60 -13.62
N ILE B 164 -10.87 13.98 -12.36
CA ILE B 164 -11.06 13.04 -11.27
C ILE B 164 -12.35 13.37 -10.54
N HIS B 165 -13.07 12.32 -10.14
CA HIS B 165 -14.25 12.44 -9.30
C HIS B 165 -14.12 11.47 -8.14
N GLU B 166 -14.05 12.00 -6.93
CA GLU B 166 -13.83 11.20 -5.73
C GLU B 166 -15.09 11.14 -4.87
N GLY B 167 -15.26 10.01 -4.20
CA GLY B 167 -16.39 9.80 -3.32
C GLY B 167 -16.85 8.36 -3.36
N LYS B 168 -17.55 7.94 -2.30
CA LYS B 168 -18.08 6.58 -2.24
C LYS B 168 -19.37 6.42 -3.04
N GLU B 169 -20.10 7.49 -3.29
CA GLU B 169 -21.33 7.41 -4.08
C GLU B 169 -21.08 6.97 -5.51
N TYR B 170 -19.83 6.97 -5.96
CA TYR B 170 -19.47 6.58 -7.33
C TYR B 170 -18.81 5.22 -7.27
N GLN B 171 -19.58 4.17 -7.56
CA GLN B 171 -19.11 2.80 -7.43
C GLN B 171 -19.21 1.99 -8.70
N VAL B 172 -19.67 2.59 -9.81
CA VAL B 172 -19.75 1.89 -11.08
C VAL B 172 -19.08 2.77 -12.14
N MET B 173 -18.61 2.11 -13.21
CA MET B 173 -17.84 2.82 -14.23
C MET B 173 -17.82 1.99 -15.51
N THR B 174 -18.32 2.57 -16.61
CA THR B 174 -18.27 1.96 -17.93
C THR B 174 -17.30 2.76 -18.81
N ASN B 175 -17.45 2.61 -20.13
CA ASN B 175 -16.48 3.20 -21.04
C ASN B 175 -16.84 4.65 -21.39
N SER B 176 -17.95 4.84 -22.06
CA SER B 176 -18.34 6.15 -22.57
C SER B 176 -19.78 6.42 -22.20
N PRO B 177 -20.21 7.69 -22.28
CA PRO B 177 -19.32 8.81 -22.61
C PRO B 177 -18.57 9.31 -21.37
N ARG B 178 -18.33 10.62 -21.30
CA ARG B 178 -17.71 11.19 -20.12
C ARG B 178 -18.58 10.95 -18.90
N TYR B 179 -17.94 10.76 -17.74
CA TYR B 179 -18.65 10.33 -16.55
C TYR B 179 -19.75 11.32 -16.17
N GLU B 180 -19.40 12.61 -16.09
CA GLU B 180 -20.37 13.65 -15.76
C GLU B 180 -21.65 13.47 -16.58
N LEU B 181 -21.50 13.06 -17.84
CA LEU B 181 -22.66 12.69 -18.64
C LEU B 181 -23.07 11.25 -18.39
N GLN B 182 -22.09 10.35 -18.24
CA GLN B 182 -22.40 8.95 -17.95
C GLN B 182 -23.26 8.83 -16.72
N LEU B 183 -23.06 9.70 -15.73
CA LEU B 183 -23.90 9.70 -14.55
C LEU B 183 -25.21 10.44 -14.79
N ALA B 184 -25.15 11.58 -15.50
CA ALA B 184 -26.37 12.32 -15.81
C ALA B 184 -27.37 11.45 -16.55
N VAL B 185 -26.88 10.55 -17.40
CA VAL B 185 -27.77 9.63 -18.11
C VAL B 185 -28.57 8.81 -17.11
N ASN B 186 -27.90 8.27 -16.10
CA ASN B 186 -28.58 7.41 -15.13
C ASN B 186 -29.69 8.16 -14.40
N ASP B 187 -29.54 9.47 -14.20
CA ASP B 187 -30.58 10.24 -13.54
C ASP B 187 -31.93 10.01 -14.19
N TYR B 188 -31.95 9.88 -15.53
CA TYR B 188 -33.21 9.66 -16.23
C TYR B 188 -33.75 8.25 -15.96
N TRP B 189 -32.88 7.24 -16.03
CA TRP B 189 -33.35 5.87 -15.87
C TRP B 189 -33.79 5.58 -14.44
N LYS B 190 -33.23 6.27 -13.46
CA LYS B 190 -33.61 6.02 -12.08
C LYS B 190 -35.05 6.44 -11.81
N GLU B 191 -35.49 7.55 -12.40
CA GLU B 191 -36.86 8.00 -12.20
C GLU B 191 -37.85 7.01 -12.79
N VAL B 192 -37.45 6.33 -13.88
CA VAL B 192 -38.35 5.42 -14.57
C VAL B 192 -38.30 4.11 -13.82
N GLY B 193 -37.57 4.11 -12.70
CA GLY B 193 -37.34 2.93 -11.93
C GLY B 193 -36.58 1.89 -12.73
N GLY B 194 -36.09 0.88 -12.02
CA GLY B 194 -35.38 -0.20 -12.65
C GLY B 194 -36.29 -1.39 -12.87
N LEU B 195 -37.14 -1.66 -11.88
CA LEU B 195 -38.06 -2.78 -12.00
C LEU B 195 -39.02 -2.58 -13.16
N GLN B 196 -39.80 -1.50 -13.12
CA GLN B 196 -40.82 -1.29 -14.15
C GLN B 196 -40.22 -1.16 -15.55
N MET B 197 -38.93 -0.84 -15.65
CA MET B 197 -38.27 -0.78 -16.95
C MET B 197 -36.77 -0.75 -16.73
N LEU B 198 -36.05 -1.49 -17.57
CA LEU B 198 -34.59 -1.55 -17.49
C LEU B 198 -34.03 -1.84 -18.88
N PRO B 199 -33.20 -0.95 -19.41
CA PRO B 199 -32.68 -1.14 -20.78
C PRO B 199 -31.68 -2.29 -20.82
N GLY B 200 -31.84 -3.15 -21.82
CA GLY B 200 -31.03 -4.36 -21.90
C GLY B 200 -30.00 -4.36 -23.03
N THR B 201 -29.90 -3.25 -23.75
CA THR B 201 -28.92 -3.17 -24.82
C THR B 201 -27.52 -3.27 -24.25
N ASN B 202 -26.54 -3.39 -25.14
CA ASN B 202 -25.17 -3.67 -24.73
C ASN B 202 -24.24 -2.48 -24.86
N ARG B 203 -24.75 -1.31 -25.25
CA ARG B 203 -23.89 -0.15 -25.41
C ARG B 203 -23.23 0.22 -24.09
N SER B 204 -22.11 0.94 -24.19
CA SER B 204 -21.33 1.27 -23.00
C SER B 204 -22.19 1.95 -21.94
N SER B 205 -22.94 2.98 -22.32
CA SER B 205 -23.76 3.69 -21.36
C SER B 205 -24.84 2.79 -20.77
N ASP B 206 -25.44 1.92 -21.60
CA ASP B 206 -26.51 1.07 -21.10
C ASP B 206 -26.01 0.16 -19.98
N ARG B 207 -24.84 -0.46 -20.17
CA ARG B 207 -24.26 -1.30 -19.13
C ARG B 207 -24.11 -0.57 -17.81
N PHE B 208 -24.03 0.76 -17.83
CA PHE B 208 -23.82 1.53 -16.61
C PHE B 208 -25.06 1.51 -15.73
N VAL B 209 -26.20 1.94 -16.29
CA VAL B 209 -27.42 2.07 -15.50
C VAL B 209 -27.80 0.75 -14.85
N ARG B 210 -27.66 -0.36 -15.59
CA ARG B 210 -27.99 -1.67 -15.03
C ARG B 210 -27.21 -1.92 -13.74
N ALA B 211 -25.89 -1.80 -13.81
CA ALA B 211 -25.07 -2.04 -12.64
C ALA B 211 -25.48 -1.14 -11.49
N SER B 212 -25.73 0.14 -11.77
CA SER B 212 -26.08 1.09 -10.72
C SER B 212 -27.32 0.63 -9.95
N PHE B 213 -28.41 0.36 -10.66
CA PHE B 213 -29.66 -0.01 -10.00
C PHE B 213 -29.52 -1.32 -9.24
N TYR B 214 -28.89 -2.32 -9.86
CA TYR B 214 -28.78 -3.62 -9.22
C TYR B 214 -27.84 -3.57 -8.01
N ILE B 215 -26.69 -2.92 -8.17
CA ILE B 215 -25.70 -2.85 -7.09
C ILE B 215 -26.26 -2.20 -5.82
N HIS B 216 -27.44 -1.58 -5.91
CA HIS B 216 -28.12 -1.04 -4.74
C HIS B 216 -29.27 -1.90 -4.28
N ALA B 217 -30.04 -2.48 -5.21
CA ALA B 217 -31.12 -3.39 -4.83
C ALA B 217 -30.58 -4.64 -4.17
N ILE B 218 -29.31 -4.95 -4.34
CA ILE B 218 -28.70 -6.13 -3.73
C ILE B 218 -28.82 -6.04 -2.22
N PRO B 219 -28.77 -7.16 -1.50
CA PRO B 219 -28.94 -7.10 -0.05
C PRO B 219 -27.82 -6.32 0.61
N GLN B 220 -28.19 -5.51 1.60
CA GLN B 220 -27.21 -4.74 2.37
C GLN B 220 -26.76 -5.60 3.54
N THR B 221 -25.75 -6.42 3.29
CA THR B 221 -25.23 -7.35 4.29
C THR B 221 -23.72 -7.24 4.39
N ALA B 222 -23.19 -7.41 5.60
CA ALA B 222 -21.76 -7.36 5.83
C ALA B 222 -21.08 -8.71 5.64
N ASP B 223 -21.83 -9.80 5.69
CA ASP B 223 -21.23 -11.11 5.51
C ASP B 223 -20.55 -11.22 4.15
N ALA B 224 -19.56 -12.10 4.08
CA ALA B 224 -18.78 -12.27 2.86
C ALA B 224 -19.13 -13.53 2.08
N LYS B 225 -19.77 -14.51 2.71
CA LYS B 225 -20.09 -15.76 2.01
C LYS B 225 -21.17 -15.58 0.95
N ILE B 226 -21.89 -14.46 0.95
CA ILE B 226 -23.01 -14.24 0.04
C ILE B 226 -22.75 -13.07 -0.89
N ALA B 227 -22.15 -11.99 -0.39
CA ALA B 227 -21.95 -10.80 -1.22
C ALA B 227 -21.12 -11.10 -2.45
N VAL B 228 -20.20 -12.05 -2.37
CA VAL B 228 -19.32 -12.39 -3.49
C VAL B 228 -20.18 -12.85 -4.66
N PRO B 229 -20.93 -13.95 -4.53
CA PRO B 229 -21.80 -14.37 -5.64
C PRO B 229 -22.77 -13.28 -6.09
N SER B 230 -23.26 -12.48 -5.14
CA SER B 230 -24.16 -11.38 -5.49
C SER B 230 -23.47 -10.42 -6.46
N VAL B 231 -22.24 -10.03 -6.14
CA VAL B 231 -21.51 -9.11 -7.02
C VAL B 231 -21.29 -9.73 -8.40
N LEU B 232 -20.94 -11.02 -8.43
CA LEU B 232 -20.70 -11.67 -9.71
C LEU B 232 -21.97 -11.76 -10.55
N SER B 233 -23.13 -11.93 -9.91
CA SER B 233 -24.39 -12.03 -10.65
C SER B 233 -24.58 -10.81 -11.55
N VAL B 234 -24.58 -9.61 -10.95
CA VAL B 234 -24.67 -8.39 -11.74
C VAL B 234 -23.55 -8.36 -12.78
N MET B 235 -22.36 -8.83 -12.40
CA MET B 235 -21.30 -8.99 -13.38
C MET B 235 -21.74 -9.90 -14.51
N ARG B 236 -22.47 -10.98 -14.18
CA ARG B 236 -23.02 -11.82 -15.23
C ARG B 236 -24.13 -11.12 -15.97
N ASN B 237 -24.97 -10.38 -15.25
CA ASN B 237 -25.98 -9.55 -15.88
C ASN B 237 -25.35 -8.54 -16.84
N VAL B 238 -24.40 -7.75 -16.34
CA VAL B 238 -23.71 -6.80 -17.20
C VAL B 238 -22.85 -7.53 -18.23
N SER B 239 -22.28 -8.67 -17.86
CA SER B 239 -21.55 -9.48 -18.83
C SER B 239 -22.43 -9.81 -20.02
N VAL B 240 -21.81 -9.98 -21.18
CA VAL B 240 -22.54 -10.19 -22.42
C VAL B 240 -22.11 -11.54 -23.00
N PRO B 241 -22.95 -12.14 -23.84
CA PRO B 241 -22.60 -13.44 -24.41
C PRO B 241 -21.31 -13.39 -25.22
N PHE B 242 -20.72 -14.55 -25.40
CA PHE B 242 -19.43 -14.68 -26.07
C PHE B 242 -19.62 -15.05 -27.53
N GLY B 243 -18.77 -14.49 -28.39
CA GLY B 243 -18.82 -14.81 -29.80
C GLY B 243 -20.00 -14.25 -30.56
N ILE B 244 -20.60 -13.17 -30.06
CA ILE B 244 -21.78 -12.61 -30.72
C ILE B 244 -21.39 -12.10 -32.10
N ASN B 245 -22.35 -12.15 -33.02
CA ASN B 245 -22.11 -11.68 -34.38
C ASN B 245 -23.41 -11.58 -35.18
N THR B 246 -23.80 -10.37 -35.53
CA THR B 246 -24.95 -10.12 -36.38
C THR B 246 -24.48 -9.73 -37.77
N PRO B 247 -25.40 -9.60 -38.73
CA PRO B 247 -24.98 -9.17 -40.07
C PRO B 247 -24.27 -7.83 -40.07
N GLU B 248 -24.78 -6.86 -39.31
CA GLU B 248 -24.15 -5.54 -39.29
C GLU B 248 -22.77 -5.59 -38.64
N LYS B 249 -22.67 -6.18 -37.46
CA LYS B 249 -21.40 -6.26 -36.75
C LYS B 249 -20.72 -7.58 -37.11
N PRO B 250 -19.64 -7.57 -37.88
CA PRO B 250 -19.02 -8.85 -38.29
C PRO B 250 -18.32 -9.54 -37.15
N HIS B 251 -17.44 -8.83 -36.45
CA HIS B 251 -16.80 -9.31 -35.24
C HIS B 251 -17.08 -8.33 -34.10
N ILE B 252 -17.20 -8.88 -32.90
CA ILE B 252 -17.60 -8.07 -31.74
C ILE B 252 -16.67 -8.39 -30.58
N SER B 253 -16.67 -7.50 -29.59
CA SER B 253 -15.92 -7.68 -28.36
C SER B 253 -16.79 -8.48 -27.39
N SER B 254 -16.35 -9.69 -27.06
CA SER B 254 -17.10 -10.60 -26.21
C SER B 254 -16.57 -10.55 -24.78
N THR B 255 -17.42 -11.02 -23.85
CA THR B 255 -17.03 -11.09 -22.45
C THR B 255 -15.99 -12.19 -22.27
N ARG B 256 -14.77 -11.81 -21.92
CA ARG B 256 -13.68 -12.77 -21.77
C ARG B 256 -13.47 -13.21 -20.33
N TRP B 257 -13.34 -12.26 -19.41
CA TRP B 257 -13.16 -12.59 -18.01
C TRP B 257 -13.66 -11.46 -17.14
N ARG B 258 -13.84 -11.76 -15.86
CA ARG B 258 -14.29 -10.80 -14.87
C ARG B 258 -13.49 -10.98 -13.58
N SER B 259 -13.47 -9.95 -12.75
CA SER B 259 -12.68 -9.96 -11.53
C SER B 259 -13.45 -9.32 -10.40
N VAL B 260 -13.27 -9.86 -9.20
CA VAL B 260 -13.85 -9.31 -7.98
C VAL B 260 -12.83 -9.46 -6.85
N SER B 261 -12.75 -8.44 -5.99
CA SER B 261 -11.75 -8.38 -4.94
C SER B 261 -12.45 -8.15 -3.60
N ASP B 262 -12.30 -9.08 -2.67
CA ASP B 262 -12.82 -8.92 -1.32
C ASP B 262 -11.88 -7.99 -0.56
N GLN B 263 -12.04 -6.69 -0.80
CA GLN B 263 -11.10 -5.71 -0.27
C GLN B 263 -11.10 -5.68 1.25
N LYS B 264 -12.22 -6.05 1.88
CA LYS B 264 -12.24 -6.10 3.34
C LYS B 264 -11.39 -7.25 3.85
N ASN B 265 -11.52 -8.43 3.24
CA ASN B 265 -10.79 -9.62 3.65
C ASN B 265 -9.55 -9.89 2.80
N LYS B 266 -9.26 -9.03 1.83
CA LYS B 266 -8.07 -9.15 0.98
C LYS B 266 -8.06 -10.51 0.27
N VAL B 267 -9.00 -10.65 -0.66
CA VAL B 267 -9.11 -11.86 -1.46
C VAL B 267 -9.53 -11.47 -2.87
N TYR B 268 -8.71 -11.82 -3.86
CA TYR B 268 -8.99 -11.52 -5.25
C TYR B 268 -9.67 -12.71 -5.92
N TYR B 269 -10.60 -12.42 -6.82
CA TYR B 269 -11.40 -13.45 -7.49
C TYR B 269 -11.44 -13.18 -8.98
N PHE B 270 -11.27 -14.24 -9.77
CA PHE B 270 -11.10 -14.14 -11.20
C PHE B 270 -11.80 -15.31 -11.89
N GLU B 271 -12.46 -15.02 -13.00
CA GLU B 271 -13.17 -16.04 -13.77
C GLU B 271 -12.96 -15.80 -15.26
N SER B 272 -12.91 -16.90 -16.01
CA SER B 272 -12.81 -16.86 -17.46
C SER B 272 -14.06 -17.47 -18.07
N THR B 273 -14.47 -16.90 -19.21
CA THR B 273 -15.70 -17.36 -19.85
C THR B 273 -15.60 -18.80 -20.33
N LEU B 274 -14.47 -19.17 -20.93
CA LEU B 274 -14.28 -20.51 -21.46
C LEU B 274 -13.86 -21.52 -20.40
N THR B 275 -13.96 -21.18 -19.12
CA THR B 275 -13.61 -22.10 -18.04
C THR B 275 -14.85 -22.44 -17.23
N PRO B 276 -15.00 -23.70 -16.80
CA PRO B 276 -16.21 -24.09 -16.05
C PRO B 276 -16.10 -23.75 -14.57
N ASN B 277 -14.91 -23.86 -14.00
CA ASN B 277 -14.70 -23.72 -12.58
C ASN B 277 -14.23 -22.31 -12.22
N LEU B 278 -14.39 -21.98 -10.94
CA LEU B 278 -13.99 -20.69 -10.39
C LEU B 278 -12.89 -20.91 -9.35
N PHE B 279 -11.82 -20.14 -9.47
CA PHE B 279 -10.71 -20.17 -8.52
C PHE B 279 -10.56 -18.79 -7.87
N TRP B 280 -9.62 -18.69 -6.94
CA TRP B 280 -9.39 -17.44 -6.22
C TRP B 280 -7.99 -17.50 -5.62
N LEU B 281 -7.61 -16.41 -4.95
CA LEU B 281 -6.33 -16.30 -4.28
C LEU B 281 -6.51 -15.47 -3.02
N ASP B 282 -5.94 -15.93 -1.92
CA ASP B 282 -6.04 -15.26 -0.62
C ASP B 282 -4.74 -14.50 -0.38
N LEU B 283 -4.77 -13.19 -0.60
CA LEU B 283 -3.58 -12.38 -0.39
C LEU B 283 -3.02 -12.57 1.02
N LYS B 284 -3.89 -12.68 2.02
CA LYS B 284 -3.43 -12.92 3.37
C LYS B 284 -2.64 -14.22 3.47
N LYS B 285 -2.97 -15.20 2.61
CA LYS B 285 -2.19 -16.43 2.48
C LYS B 285 -1.10 -16.30 1.43
N ILE B 286 -0.46 -15.14 1.35
CA ILE B 286 0.57 -14.87 0.35
C ILE B 286 1.70 -14.10 1.02
N ASP B 287 2.94 -14.51 0.74
CA ASP B 287 4.12 -13.85 1.30
C ASP B 287 4.62 -12.81 0.32
N PHE B 288 4.20 -11.56 0.51
CA PHE B 288 4.69 -10.45 -0.30
C PHE B 288 6.00 -9.89 0.22
N SER B 289 6.78 -10.68 0.97
CA SER B 289 8.05 -10.23 1.50
C SER B 289 8.93 -9.67 0.37
N PRO B 290 9.87 -8.78 0.68
CA PRO B 290 10.68 -8.19 -0.39
C PRO B 290 11.38 -9.21 -1.27
N LYS B 291 11.80 -10.34 -0.69
CA LYS B 291 12.51 -11.38 -1.42
C LYS B 291 11.70 -12.67 -1.33
N ALA B 292 10.57 -12.71 -2.03
CA ALA B 292 9.71 -13.89 -2.06
C ALA B 292 9.71 -14.59 -3.41
N GLY B 293 9.93 -13.88 -4.50
CA GLY B 293 9.93 -14.47 -5.82
C GLY B 293 8.63 -14.22 -6.56
N VAL B 294 8.73 -14.09 -7.87
CA VAL B 294 7.57 -13.82 -8.72
C VAL B 294 7.01 -15.17 -9.19
N LYS B 295 5.80 -15.48 -8.73
CA LYS B 295 5.10 -16.70 -9.13
C LYS B 295 3.98 -16.34 -10.08
N LYS B 296 4.00 -16.92 -11.27
CA LYS B 296 3.00 -16.62 -12.28
C LYS B 296 1.86 -17.63 -12.24
N LEU B 297 0.68 -17.19 -12.65
CA LEU B 297 -0.50 -18.04 -12.78
C LEU B 297 -0.97 -17.92 -14.23
N SER B 298 -0.45 -18.79 -15.09
CA SER B 298 -0.73 -18.71 -16.51
C SER B 298 -2.16 -19.14 -16.83
N LEU B 299 -2.71 -18.54 -17.88
CA LEU B 299 -4.04 -18.88 -18.35
C LEU B 299 -4.14 -18.97 -19.86
N THR B 300 -3.08 -18.65 -20.61
CA THR B 300 -3.18 -18.61 -22.07
C THR B 300 -3.49 -19.99 -22.63
N LYS B 301 -2.75 -21.02 -22.16
CA LYS B 301 -2.81 -22.35 -22.75
C LYS B 301 -4.14 -23.02 -22.43
N GLY B 302 -5.04 -22.26 -21.83
CA GLY B 302 -6.35 -22.77 -21.44
C GLY B 302 -6.34 -23.65 -20.21
N GLU B 303 -5.36 -23.47 -19.32
CA GLU B 303 -5.33 -24.25 -18.09
C GLU B 303 -6.62 -24.08 -17.30
N ILE B 304 -6.98 -25.12 -16.55
CA ILE B 304 -8.24 -25.16 -15.81
C ILE B 304 -7.89 -25.30 -14.33
N TYR B 305 -7.89 -24.19 -13.62
CA TYR B 305 -7.67 -24.16 -12.17
C TYR B 305 -9.02 -24.13 -11.46
N ALA B 306 -8.99 -24.00 -10.13
CA ALA B 306 -10.21 -23.93 -9.34
C ALA B 306 -9.82 -23.85 -7.87
N GLY B 307 -10.80 -23.49 -7.04
CA GLY B 307 -10.55 -23.41 -5.61
C GLY B 307 -9.45 -22.43 -5.27
N ASP B 308 -8.56 -22.85 -4.37
CA ASP B 308 -7.44 -22.01 -3.96
C ASP B 308 -6.23 -22.42 -4.80
N ALA B 309 -6.12 -21.81 -5.98
CA ALA B 309 -5.06 -22.15 -6.90
C ALA B 309 -3.75 -21.50 -6.46
N VAL B 310 -3.51 -21.50 -5.15
CA VAL B 310 -2.21 -21.05 -4.66
C VAL B 310 -1.17 -22.16 -4.83
N LYS B 311 -1.58 -23.41 -4.61
CA LYS B 311 -0.68 -24.52 -4.88
C LYS B 311 -0.21 -24.53 -6.33
N ASP B 312 -1.05 -24.07 -7.25
CA ASP B 312 -0.69 -24.02 -8.66
C ASP B 312 0.23 -22.86 -9.00
N LEU B 313 0.54 -21.99 -8.03
CA LEU B 313 1.47 -20.90 -8.28
C LEU B 313 2.85 -21.44 -8.63
N LYS B 314 3.40 -20.95 -9.74
CA LYS B 314 4.72 -21.38 -10.21
C LYS B 314 5.57 -20.15 -10.41
N ASP B 315 6.80 -20.19 -9.90
CA ASP B 315 7.74 -19.09 -10.11
C ASP B 315 7.94 -18.85 -11.60
N SER B 316 7.74 -17.61 -12.03
CA SER B 316 7.86 -17.27 -13.44
C SER B 316 8.43 -15.86 -13.57
N GLN B 317 8.86 -15.53 -14.78
CA GLN B 317 9.49 -14.26 -15.07
C GLN B 317 8.42 -13.20 -15.33
N SER B 318 8.44 -12.14 -14.53
CA SER B 318 7.46 -11.06 -14.68
C SER B 318 7.42 -10.56 -16.12
N PHE B 319 6.21 -10.49 -16.67
CA PHE B 319 6.04 -10.00 -18.03
C PHE B 319 6.62 -8.60 -18.16
N THR B 320 7.33 -8.35 -19.25
CA THR B 320 7.93 -7.05 -19.48
C THR B 320 6.91 -6.12 -20.12
N PHE B 321 6.55 -5.05 -19.42
CA PHE B 321 5.64 -4.05 -19.97
C PHE B 321 6.18 -3.54 -21.31
N LEU B 322 5.32 -2.96 -22.13
CA LEU B 322 5.70 -2.52 -23.46
C LEU B 322 5.37 -1.03 -23.63
N PHE B 323 6.42 -0.21 -23.80
CA PHE B 323 6.26 1.19 -24.17
C PHE B 323 6.58 1.47 -25.63
N GLU B 324 7.31 0.58 -26.30
CA GLU B 324 7.53 0.71 -27.73
C GLU B 324 6.21 0.59 -28.49
N THR B 325 6.28 0.78 -29.82
CA THR B 325 5.10 0.67 -30.67
C THR B 325 5.21 -0.50 -31.64
N PRO B 326 5.69 -1.67 -31.19
CA PRO B 326 5.68 -2.77 -32.15
C PRO B 326 4.69 -3.86 -31.78
N MET C 1 13.21 29.28 30.65
CA MET C 1 11.87 29.34 30.08
C MET C 1 11.80 30.37 28.96
N CYS C 2 10.67 30.41 28.27
CA CYS C 2 10.45 31.33 27.16
C CYS C 2 9.24 32.20 27.45
N THR C 3 9.03 33.18 26.58
CA THR C 3 7.91 34.10 26.70
C THR C 3 7.38 34.43 25.31
N ARG C 4 6.05 34.47 25.19
CA ARG C 4 5.39 34.73 23.92
C ARG C 4 4.33 35.81 24.10
N ALA C 5 4.10 36.56 23.03
CA ALA C 5 3.11 37.63 23.04
C ALA C 5 2.71 37.96 21.61
N VAL C 6 1.55 38.57 21.47
CA VAL C 6 1.00 38.94 20.17
C VAL C 6 0.58 40.39 20.20
N TYR C 7 0.58 41.03 19.02
CA TYR C 7 0.22 42.43 18.87
C TYR C 7 -0.96 42.54 17.90
N LEU C 8 -2.02 43.20 18.36
CA LEU C 8 -3.23 43.37 17.57
C LEU C 8 -3.32 44.83 17.12
N GLY C 9 -3.10 45.07 15.83
CA GLY C 9 -3.15 46.40 15.29
C GLY C 9 -4.28 46.57 14.30
N PRO C 10 -4.71 47.81 14.09
CA PRO C 10 -5.79 48.06 13.13
C PRO C 10 -5.36 47.69 11.72
N ASP C 11 -6.36 47.54 10.84
CA ASP C 11 -6.13 47.23 9.43
C ASP C 11 -5.51 45.85 9.24
N ARG C 12 -5.71 44.95 10.21
CA ARG C 12 -5.21 43.58 10.16
C ARG C 12 -3.74 43.48 10.49
N MET C 13 -3.18 44.45 11.21
CA MET C 13 -1.77 44.45 11.59
C MET C 13 -1.64 43.69 12.90
N VAL C 14 -1.39 42.38 12.80
CA VAL C 14 -1.24 41.51 13.96
C VAL C 14 0.08 40.78 13.81
N VAL C 15 1.08 41.16 14.60
CA VAL C 15 2.41 40.55 14.56
C VAL C 15 2.68 39.92 15.92
N THR C 16 3.39 38.79 15.89
CA THR C 16 3.68 38.02 17.09
C THR C 16 5.18 37.80 17.23
N GLY C 17 5.63 37.68 18.48
CA GLY C 17 7.01 37.39 18.77
C GLY C 17 7.12 36.23 19.75
N ARG C 18 8.34 35.69 19.85
CA ARG C 18 8.59 34.56 20.72
C ARG C 18 10.00 34.67 21.30
N THR C 19 10.12 34.33 22.58
CA THR C 19 11.40 34.32 23.27
C THR C 19 11.90 32.88 23.43
N MET C 20 13.22 32.73 23.51
CA MET C 20 13.83 31.43 23.72
C MET C 20 15.00 31.59 24.69
N ASP C 21 14.93 30.89 25.82
CA ASP C 21 15.96 30.94 26.83
C ASP C 21 16.37 29.52 27.21
N TRP C 22 17.68 29.32 27.36
CA TRP C 22 18.21 27.98 27.63
C TRP C 22 19.46 28.11 28.49
N LYS C 23 19.77 27.01 29.19
CA LYS C 23 20.95 26.99 30.05
C LYS C 23 22.24 26.83 29.28
N GLU C 24 22.20 26.28 28.08
CA GLU C 24 23.38 26.12 27.24
C GLU C 24 22.97 26.34 25.78
N ASP C 25 23.88 26.02 24.86
CA ASP C 25 23.61 26.20 23.45
C ASP C 25 22.44 25.33 23.00
N ILE C 26 21.66 25.85 22.05
CA ILE C 26 20.50 25.12 21.51
C ILE C 26 20.80 24.46 20.17
N MET C 27 21.91 24.81 19.53
CA MET C 27 22.24 24.27 18.20
C MET C 27 21.05 24.39 17.25
N SER C 28 20.29 25.46 17.39
CA SER C 28 19.08 25.63 16.62
C SER C 28 19.40 25.89 15.15
N ASN C 29 18.47 25.48 14.28
CA ASN C 29 18.60 25.68 12.86
C ASN C 29 17.21 25.79 12.25
N ILE C 30 17.10 26.59 11.19
CA ILE C 30 15.84 26.84 10.51
C ILE C 30 15.75 25.93 9.29
N TYR C 31 14.53 25.51 8.98
CA TYR C 31 14.26 24.69 7.81
C TYR C 31 12.97 25.15 7.16
N VAL C 32 12.91 25.00 5.83
CA VAL C 32 11.72 25.34 5.05
C VAL C 32 11.23 24.07 4.37
N PHE C 33 9.98 23.71 4.62
CA PHE C 33 9.41 22.47 4.11
C PHE C 33 8.34 22.78 3.08
N PRO C 34 8.55 22.46 1.80
CA PRO C 34 7.49 22.64 0.80
C PRO C 34 6.22 21.90 1.20
N ARG C 35 5.12 22.31 0.59
CA ARG C 35 3.83 21.72 0.89
C ARG C 35 3.76 20.28 0.36
N GLY C 36 2.71 19.58 0.76
CA GLY C 36 2.49 18.22 0.31
C GLY C 36 3.54 17.22 0.77
N MET C 37 4.02 17.37 2.00
CA MET C 37 5.02 16.48 2.56
C MET C 37 4.38 15.53 3.56
N GLN C 38 4.71 14.25 3.46
CA GLN C 38 4.20 13.24 4.37
C GLN C 38 5.13 13.10 5.57
N ARG C 39 4.54 12.79 6.72
CA ARG C 39 5.30 12.63 7.96
C ARG C 39 4.55 11.70 8.89
N ALA C 40 5.22 11.34 9.98
CA ALA C 40 4.65 10.44 10.98
C ALA C 40 4.95 10.99 12.37
N GLY C 41 3.93 11.04 13.23
CA GLY C 41 4.13 11.52 14.58
C GLY C 41 5.19 10.75 15.32
N HIS C 42 5.34 9.46 15.01
CA HIS C 42 6.38 8.63 15.65
C HIS C 42 6.55 7.39 14.78
N ASN C 43 7.73 7.25 14.18
CA ASN C 43 7.99 6.16 13.24
C ASN C 43 8.09 4.79 13.91
N LYS C 44 7.98 4.71 15.23
CA LYS C 44 8.16 3.44 15.92
C LYS C 44 7.00 3.05 16.83
N GLU C 45 5.92 3.82 16.86
CA GLU C 45 4.75 3.49 17.66
C GLU C 45 3.49 3.73 16.83
N LYS C 46 2.34 3.43 17.42
CA LYS C 46 1.06 3.72 16.77
C LYS C 46 0.86 5.23 16.74
N THR C 47 0.99 5.82 15.56
CA THR C 47 0.84 7.26 15.41
C THR C 47 0.23 7.56 14.05
N VAL C 48 -0.52 8.66 13.99
CA VAL C 48 -1.17 9.06 12.75
C VAL C 48 -0.14 9.72 11.82
N ASN C 49 -0.45 9.67 10.53
CA ASN C 49 0.37 10.28 9.49
C ASN C 49 -0.34 11.53 8.95
N TRP C 50 0.18 12.08 7.87
CA TRP C 50 -0.44 13.24 7.25
C TRP C 50 0.43 13.67 6.07
N THR C 51 -0.09 14.63 5.31
CA THR C 51 0.67 15.30 4.26
C THR C 51 0.55 16.80 4.50
N SER C 52 1.69 17.46 4.67
CA SER C 52 1.71 18.90 4.92
C SER C 52 0.79 19.65 3.96
N LYS C 53 -0.29 20.22 4.48
CA LYS C 53 -1.20 20.98 3.64
C LYS C 53 -0.63 22.36 3.32
N TYR C 54 0.06 22.97 4.28
CA TYR C 54 0.66 24.28 4.11
C TYR C 54 2.15 24.19 4.40
N GLY C 55 2.97 24.48 3.40
CA GLY C 55 4.40 24.56 3.64
C GLY C 55 4.73 25.63 4.67
N SER C 56 5.64 25.31 5.58
CA SER C 56 5.93 26.19 6.70
C SER C 56 7.44 26.35 6.87
N VAL C 57 7.82 27.47 7.48
CA VAL C 57 9.21 27.75 7.85
C VAL C 57 9.26 27.75 9.38
N ILE C 58 10.04 26.84 9.95
CA ILE C 58 10.08 26.63 11.38
C ILE C 58 11.50 26.82 11.89
N ALA C 59 11.63 26.85 13.21
CA ALA C 59 12.91 26.91 13.89
C ALA C 59 13.13 25.60 14.64
N THR C 60 14.27 24.97 14.40
CA THR C 60 14.57 23.67 14.99
C THR C 60 15.54 23.82 16.15
N GLY C 61 15.34 23.02 17.19
CA GLY C 61 16.24 23.00 18.32
C GLY C 61 17.06 21.73 18.36
N TYR C 62 18.34 21.83 18.02
CA TYR C 62 19.29 20.74 17.89
C TYR C 62 19.11 19.99 16.57
N ASP C 63 18.08 20.29 15.79
CA ASP C 63 17.82 19.63 14.51
C ASP C 63 17.23 18.25 14.72
N ILE C 64 16.17 18.16 15.52
CA ILE C 64 15.52 16.87 15.79
C ILE C 64 14.00 17.03 15.78
N GLY C 65 13.51 18.16 16.28
CA GLY C 65 12.07 18.37 16.36
C GLY C 65 11.71 19.81 16.06
N THR C 66 10.42 20.01 15.82
CA THR C 66 9.88 21.33 15.52
C THR C 66 9.34 21.98 16.80
N CYS C 67 9.59 23.27 16.93
CA CYS C 67 9.15 24.02 18.12
C CYS C 67 8.45 25.32 17.77
N ASP C 68 8.90 26.03 16.73
CA ASP C 68 8.30 27.29 16.34
C ASP C 68 8.26 27.36 14.82
N GLY C 69 7.21 27.99 14.30
CA GLY C 69 7.06 28.14 12.87
C GLY C 69 5.81 28.91 12.55
N MET C 70 5.62 29.13 11.24
CA MET C 70 4.46 29.83 10.72
C MET C 70 4.20 29.35 9.30
N ASN C 71 2.98 28.90 9.05
CA ASN C 71 2.60 28.34 7.75
C ASN C 71 2.25 29.48 6.79
N GLU C 72 1.74 29.11 5.60
CA GLU C 72 1.51 30.10 4.56
C GLU C 72 0.40 31.07 4.91
N LYS C 73 -0.58 30.66 5.73
CA LYS C 73 -1.76 31.48 6.00
C LYS C 73 -1.60 32.35 7.24
N GLY C 74 -0.44 32.95 7.47
CA GLY C 74 -0.21 33.74 8.66
C GLY C 74 -0.37 33.00 9.97
N LEU C 75 -0.60 31.69 9.95
CA LEU C 75 -0.74 30.93 11.18
C LEU C 75 0.64 30.64 11.76
N VAL C 76 0.92 31.19 12.94
CA VAL C 76 2.21 31.02 13.61
C VAL C 76 2.03 30.08 14.78
N ALA C 77 2.93 29.12 14.91
CA ALA C 77 2.91 28.15 15.99
C ALA C 77 4.18 28.26 16.81
N SER C 78 4.08 27.88 18.09
CA SER C 78 5.21 27.94 18.99
C SER C 78 5.00 26.95 20.12
N LEU C 79 6.10 26.37 20.60
CA LEU C 79 6.08 25.39 21.68
C LEU C 79 6.89 25.94 22.85
N LEU C 80 6.23 26.12 24.00
CA LEU C 80 6.88 26.59 25.20
C LEU C 80 6.72 25.56 26.31
N PHE C 81 7.65 25.60 27.27
CA PHE C 81 7.77 24.57 28.29
C PHE C 81 6.62 24.66 29.29
N LEU C 82 6.47 23.60 30.08
CA LEU C 82 5.49 23.52 31.16
C LEU C 82 5.83 22.35 32.05
N PRO C 83 6.41 22.58 33.24
CA PRO C 83 6.85 21.45 34.07
C PRO C 83 5.73 20.52 34.50
N GLU C 84 4.53 21.03 34.71
CA GLU C 84 3.43 20.24 35.24
C GLU C 84 2.51 19.74 34.12
N SER C 85 3.09 19.19 33.07
CA SER C 85 2.34 18.70 31.92
C SER C 85 2.31 17.17 31.91
N VAL C 86 1.18 16.63 31.45
CA VAL C 86 1.01 15.19 31.32
C VAL C 86 0.13 14.91 30.10
N TYR C 87 0.66 14.18 29.13
CA TYR C 87 -0.09 13.91 27.90
C TYR C 87 -1.15 12.85 28.12
N SER C 88 -0.76 11.69 28.63
CA SER C 88 -1.69 10.57 28.77
C SER C 88 -1.34 9.78 30.03
N LEU C 89 -2.37 9.29 30.72
CA LEU C 89 -2.18 8.50 31.91
C LEU C 89 -1.61 7.13 31.56
N PRO C 90 -1.16 6.36 32.56
CA PRO C 90 -0.66 5.01 32.28
C PRO C 90 -1.72 4.13 31.67
N GLY C 91 -1.58 3.84 30.38
CA GLY C 91 -2.53 2.99 29.67
C GLY C 91 -3.15 3.62 28.43
N ASP C 92 -2.84 4.87 28.11
CA ASP C 92 -3.38 5.52 26.92
C ASP C 92 -2.71 4.95 25.68
N THR C 93 -3.47 4.18 24.89
CA THR C 93 -2.95 3.54 23.69
C THR C 93 -3.31 4.30 22.42
N ARG C 94 -3.77 5.54 22.53
CA ARG C 94 -4.07 6.35 21.35
C ARG C 94 -2.81 6.48 20.50
N PRO C 95 -2.95 6.94 19.25
CA PRO C 95 -1.75 7.17 18.43
C PRO C 95 -0.68 7.98 19.16
N ALA C 96 0.45 7.35 19.44
CA ALA C 96 1.55 7.98 20.17
C ALA C 96 2.31 8.90 19.22
N MET C 97 1.93 10.17 19.20
CA MET C 97 2.61 11.16 18.37
C MET C 97 3.85 11.66 19.09
N GLY C 98 5.01 11.52 18.45
CA GLY C 98 6.23 12.03 19.04
C GLY C 98 6.13 13.52 19.28
N ILE C 99 6.66 13.96 20.42
CA ILE C 99 6.58 15.37 20.79
C ILE C 99 7.41 16.23 19.84
N SER C 100 8.49 15.67 19.29
CA SER C 100 9.35 16.45 18.40
C SER C 100 8.62 16.88 17.14
N ILE C 101 7.70 16.05 16.64
CA ILE C 101 6.99 16.35 15.41
C ILE C 101 5.58 16.89 15.65
N TRP C 102 5.11 16.88 16.90
CA TRP C 102 3.78 17.41 17.19
C TRP C 102 3.64 18.85 16.69
N THR C 103 4.70 19.65 16.85
CA THR C 103 4.64 21.05 16.42
C THR C 103 4.40 21.17 14.93
N GLN C 104 5.26 20.53 14.13
CA GLN C 104 5.13 20.60 12.68
C GLN C 104 3.76 20.13 12.20
N TYR C 105 3.06 19.32 13.00
CA TYR C 105 1.77 18.79 12.56
C TYR C 105 0.73 19.89 12.41
N VAL C 106 0.84 20.96 13.18
CA VAL C 106 -0.20 21.98 13.18
C VAL C 106 -0.01 22.94 12.01
N LEU C 107 1.20 23.47 11.84
CA LEU C 107 1.46 24.46 10.81
C LEU C 107 1.07 23.93 9.43
N ASP C 108 1.55 22.75 9.08
CA ASP C 108 1.31 22.20 7.75
C ASP C 108 -0.13 21.75 7.54
N ASN C 109 -0.92 21.58 8.61
CA ASN C 109 -2.25 21.04 8.48
C ASN C 109 -3.36 22.01 8.85
N PHE C 110 -3.05 23.28 9.12
CA PHE C 110 -4.09 24.24 9.49
C PHE C 110 -3.67 25.63 9.04
N ALA C 111 -4.61 26.58 9.15
CA ALA C 111 -4.37 27.93 8.67
C ALA C 111 -5.08 28.97 9.54
N THR C 112 -5.92 28.52 10.47
CA THR C 112 -6.61 29.42 11.38
C THR C 112 -6.84 28.70 12.70
N VAL C 113 -7.49 29.41 13.63
CA VAL C 113 -7.63 28.89 14.99
C VAL C 113 -8.74 27.84 15.07
N ARG C 114 -9.94 28.18 14.59
CA ARG C 114 -11.08 27.28 14.76
C ARG C 114 -10.79 25.92 14.15
N GLU C 115 -10.06 25.88 13.03
CA GLU C 115 -9.81 24.63 12.35
C GLU C 115 -9.12 23.63 13.29
N ALA C 116 -7.92 23.96 13.76
CA ALA C 116 -7.17 23.04 14.60
C ALA C 116 -7.84 22.81 15.95
N VAL C 117 -8.63 23.78 16.42
CA VAL C 117 -9.33 23.64 17.70
C VAL C 117 -10.07 22.32 17.75
N ASP C 118 -11.00 22.11 16.81
CA ASP C 118 -11.80 20.89 16.81
C ASP C 118 -10.94 19.67 16.57
N GLU C 119 -10.12 19.70 15.51
CA GLU C 119 -9.25 18.55 15.23
C GLU C 119 -8.39 18.20 16.44
N MET C 120 -7.80 19.21 17.08
CA MET C 120 -7.03 18.96 18.28
C MET C 120 -7.93 18.54 19.44
N LYS C 121 -9.16 19.03 19.48
CA LYS C 121 -10.13 18.58 20.47
C LYS C 121 -10.62 17.17 20.21
N LYS C 122 -10.19 16.54 19.11
CA LYS C 122 -10.59 15.17 18.82
C LYS C 122 -9.85 14.16 19.68
N GLU C 123 -8.66 14.50 20.19
CA GLU C 123 -7.87 13.61 21.03
C GLU C 123 -7.61 12.27 20.36
N THR C 124 -7.72 12.22 19.03
CA THR C 124 -7.52 10.97 18.31
C THR C 124 -6.21 10.30 18.70
N PHE C 125 -5.20 11.09 19.05
CA PHE C 125 -3.88 10.58 19.38
C PHE C 125 -3.41 11.19 20.70
N ARG C 126 -2.40 10.56 21.29
CA ARG C 126 -1.70 11.10 22.43
C ARG C 126 -0.36 11.65 21.97
N ILE C 127 0.50 12.01 22.93
CA ILE C 127 1.81 12.57 22.63
C ILE C 127 2.85 11.76 23.38
N ASP C 128 3.70 11.06 22.64
CA ASP C 128 4.80 10.29 23.21
C ASP C 128 5.99 11.22 23.39
N ALA C 129 6.42 11.39 24.64
CA ALA C 129 7.56 12.25 24.98
C ALA C 129 8.61 11.43 25.71
N PRO C 130 9.68 10.99 25.02
CA PRO C 130 10.76 10.22 25.65
C PRO C 130 11.66 11.07 26.52
N GLU C 138 12.81 16.38 31.00
CA GLU C 138 11.72 15.65 30.37
C GLU C 138 10.88 16.58 29.50
N SER C 139 10.54 16.12 28.30
CA SER C 139 9.69 16.90 27.39
C SER C 139 8.34 17.20 28.02
N THR C 140 8.15 18.41 28.53
CA THR C 140 6.89 18.86 29.13
C THR C 140 6.71 20.32 28.73
N LEU C 141 5.99 20.56 27.64
CA LEU C 141 5.83 21.91 27.10
C LEU C 141 4.36 22.22 26.85
N HIS C 142 4.09 23.34 26.17
CA HIS C 142 2.76 23.69 25.73
C HIS C 142 2.87 24.56 24.48
N MET C 143 1.89 24.42 23.60
CA MET C 143 1.92 25.07 22.29
C MET C 143 0.87 26.17 22.22
N ALA C 144 1.10 27.11 21.30
CA ALA C 144 0.19 28.23 21.08
C ALA C 144 0.27 28.66 19.63
N ILE C 145 -0.88 28.99 19.05
CA ILE C 145 -0.98 29.36 17.65
C ILE C 145 -1.89 30.58 17.51
N THR C 146 -1.66 31.36 16.47
CA THR C 146 -2.47 32.54 16.18
C THR C 146 -2.57 32.71 14.67
N ASP C 147 -3.78 32.99 14.19
CA ASP C 147 -4.00 33.25 12.78
C ASP C 147 -3.84 34.75 12.49
N GLU C 148 -3.73 35.07 11.20
CA GLU C 148 -3.58 36.47 10.80
C GLU C 148 -4.78 37.33 11.18
N THR C 149 -5.90 36.71 11.57
CA THR C 149 -7.05 37.48 12.04
C THR C 149 -6.86 38.01 13.45
N GLY C 150 -5.80 37.60 14.14
CA GLY C 150 -5.56 38.01 15.50
C GLY C 150 -6.06 37.04 16.55
N ASN C 151 -6.66 35.93 16.15
CA ASN C 151 -7.19 34.95 17.08
C ASN C 151 -6.07 34.05 17.58
N THR C 152 -6.04 33.81 18.89
CA THR C 152 -5.00 33.00 19.51
C THR C 152 -5.65 31.93 20.38
N ALA C 153 -4.93 30.81 20.53
CA ALA C 153 -5.41 29.69 21.34
C ALA C 153 -4.24 29.10 22.11
N VAL C 154 -4.55 28.48 23.24
CA VAL C 154 -3.55 27.88 24.12
C VAL C 154 -4.01 26.47 24.47
N ILE C 155 -3.09 25.50 24.39
CA ILE C 155 -3.37 24.11 24.69
C ILE C 155 -2.30 23.57 25.63
N GLU C 156 -2.69 22.61 26.46
CA GLU C 156 -1.76 22.04 27.43
C GLU C 156 -2.35 20.79 28.09
N TYR C 157 -1.72 19.64 27.83
CA TYR C 157 -2.13 18.39 28.47
C TYR C 157 -1.85 18.49 29.97
N LEU C 158 -2.89 18.37 30.79
CA LEU C 158 -2.80 18.48 32.24
C LEU C 158 -3.20 17.14 32.85
N ASP C 159 -2.22 16.43 33.43
CA ASP C 159 -2.46 15.13 34.03
C ASP C 159 -3.07 14.15 33.04
N GLY C 160 -2.56 14.17 31.81
CA GLY C 160 -3.04 13.29 30.77
C GLY C 160 -4.31 13.74 30.09
N LYS C 161 -4.78 14.96 30.37
CA LYS C 161 -5.99 15.49 29.78
C LYS C 161 -5.68 16.78 29.02
N LEU C 162 -6.51 17.08 28.03
CA LEU C 162 -6.32 18.25 27.18
C LEU C 162 -6.93 19.49 27.82
N SER C 163 -6.36 20.65 27.50
CA SER C 163 -6.83 21.93 28.01
C SER C 163 -6.63 22.97 26.94
N ILE C 164 -7.68 23.75 26.65
CA ILE C 164 -7.68 24.71 25.55
C ILE C 164 -8.24 26.03 26.04
N HIS C 165 -7.60 27.13 25.64
CA HIS C 165 -8.07 28.49 25.90
C HIS C 165 -8.04 29.25 24.58
N GLU C 166 -9.22 29.56 24.05
CA GLU C 166 -9.34 30.19 22.74
C GLU C 166 -9.90 31.60 22.88
N GLY C 167 -9.38 32.50 22.07
CA GLY C 167 -9.82 33.88 22.06
C GLY C 167 -8.67 34.82 21.75
N LYS C 168 -9.00 35.98 21.17
CA LYS C 168 -7.99 36.98 20.86
C LYS C 168 -7.47 37.67 22.11
N GLU C 169 -8.25 37.70 23.19
CA GLU C 169 -7.80 38.35 24.42
C GLU C 169 -6.54 37.68 24.96
N TYR C 170 -6.36 36.39 24.71
CA TYR C 170 -5.17 35.67 25.15
C TYR C 170 -4.04 35.96 24.17
N GLN C 171 -3.07 36.75 24.61
CA GLN C 171 -2.01 37.23 23.73
C GLN C 171 -0.60 37.07 24.28
N VAL C 172 -0.43 36.87 25.59
CA VAL C 172 0.89 36.72 26.20
C VAL C 172 0.92 35.41 26.97
N MET C 173 2.11 34.82 27.11
CA MET C 173 2.25 33.54 27.77
C MET C 173 3.70 33.34 28.20
N THR C 174 3.87 32.77 29.38
CA THR C 174 5.18 32.39 29.88
C THR C 174 5.12 30.91 30.29
N ASN C 175 6.03 30.51 31.17
CA ASN C 175 6.17 29.09 31.48
C ASN C 175 5.10 28.61 32.47
N SER C 176 5.17 29.10 33.71
CA SER C 176 4.28 28.64 34.77
C SER C 176 3.78 29.84 35.56
N PRO C 177 2.70 29.65 36.35
CA PRO C 177 1.99 28.38 36.47
C PRO C 177 0.93 28.20 35.38
N ARG C 178 -0.09 27.37 35.65
CA ARG C 178 -1.16 27.18 34.68
C ARG C 178 -1.68 28.53 34.19
N TYR C 179 -2.07 28.57 32.92
CA TYR C 179 -2.48 29.83 32.32
C TYR C 179 -3.59 30.50 33.12
N GLU C 180 -4.54 29.71 33.63
CA GLU C 180 -5.56 30.27 34.50
C GLU C 180 -4.95 30.90 35.74
N LEU C 181 -3.93 30.26 36.31
CA LEU C 181 -3.25 30.83 37.47
C LEU C 181 -2.31 31.96 37.04
N GLN C 182 -1.68 31.84 35.87
CA GLN C 182 -0.81 32.90 35.38
C GLN C 182 -1.58 34.20 35.20
N LEU C 183 -2.81 34.11 34.67
CA LEU C 183 -3.62 35.31 34.49
C LEU C 183 -4.00 35.93 35.82
N ALA C 184 -4.34 35.09 36.81
CA ALA C 184 -4.68 35.60 38.13
C ALA C 184 -3.55 36.45 38.69
N VAL C 185 -2.32 35.93 38.64
CA VAL C 185 -1.17 36.71 39.07
C VAL C 185 -1.10 38.00 38.28
N ASN C 186 -1.29 37.92 36.96
CA ASN C 186 -1.25 39.12 36.12
C ASN C 186 -2.40 40.07 36.48
N ASP C 187 -3.61 39.54 36.67
CA ASP C 187 -4.73 40.38 37.04
C ASP C 187 -4.47 41.14 38.33
N TYR C 188 -3.64 40.58 39.22
CA TYR C 188 -3.31 41.27 40.46
C TYR C 188 -2.39 42.46 40.20
N TRP C 189 -1.42 42.31 39.29
CA TRP C 189 -0.46 43.37 39.05
C TRP C 189 -1.08 44.54 38.29
N LYS C 190 -2.07 44.26 37.43
CA LYS C 190 -2.71 45.32 36.66
C LYS C 190 -3.64 46.18 37.50
N GLU C 191 -4.11 45.67 38.64
CA GLU C 191 -5.11 46.39 39.43
C GLU C 191 -4.49 47.63 40.08
N VAL C 192 -3.44 47.44 40.85
CA VAL C 192 -2.71 48.54 41.48
C VAL C 192 -1.26 48.44 41.07
N GLY C 193 -0.58 49.58 41.04
CA GLY C 193 0.78 49.61 40.50
C GLY C 193 0.86 49.46 39.01
N GLY C 194 -0.25 49.18 38.33
CA GLY C 194 -0.26 49.06 36.89
C GLY C 194 0.11 50.36 36.21
N LEU C 195 1.06 50.29 35.28
CA LEU C 195 1.59 51.40 34.50
C LEU C 195 2.68 52.16 35.25
N GLN C 196 2.87 51.94 36.54
CA GLN C 196 3.92 52.63 37.31
C GLN C 196 4.87 51.65 37.99
N MET C 197 4.76 50.36 37.70
CA MET C 197 5.64 49.36 38.30
C MET C 197 5.37 48.02 37.63
N LEU C 198 6.42 47.20 37.53
CA LEU C 198 6.32 45.88 36.95
C LEU C 198 7.36 44.99 37.60
N PRO C 199 7.06 43.70 37.81
CA PRO C 199 8.06 42.79 38.38
C PRO C 199 9.14 42.45 37.35
N GLY C 200 10.37 42.82 37.67
CA GLY C 200 11.49 42.61 36.78
C GLY C 200 12.24 41.32 36.95
N THR C 201 11.81 40.46 37.87
CA THR C 201 12.52 39.21 38.10
C THR C 201 12.56 38.37 36.82
N ASN C 202 13.38 37.33 36.84
CA ASN C 202 13.60 36.47 35.69
C ASN C 202 12.59 35.34 35.58
N ARG C 203 11.67 35.20 36.53
CA ARG C 203 10.77 34.07 36.56
C ARG C 203 9.66 34.22 35.52
N SER C 204 8.90 33.13 35.34
CA SER C 204 7.90 33.10 34.28
C SER C 204 6.80 34.13 34.53
N SER C 205 6.20 34.11 35.71
CA SER C 205 5.13 35.05 36.02
C SER C 205 5.58 36.48 35.83
N ASP C 206 6.82 36.80 36.23
CA ASP C 206 7.32 38.16 36.09
C ASP C 206 7.35 38.58 34.63
N ARG C 207 7.99 37.78 33.77
CA ARG C 207 7.98 38.08 32.35
C ARG C 207 6.56 38.15 31.80
N PHE C 208 5.67 37.31 32.34
CA PHE C 208 4.28 37.32 31.89
C PHE C 208 3.61 38.66 32.21
N VAL C 209 3.92 39.23 33.37
CA VAL C 209 3.30 40.50 33.75
C VAL C 209 3.87 41.65 32.92
N ARG C 210 5.19 41.68 32.76
CA ARG C 210 5.80 42.76 31.98
C ARG C 210 5.36 42.73 30.53
N ALA C 211 5.31 41.52 29.93
CA ALA C 211 4.91 41.41 28.54
C ALA C 211 3.45 41.80 28.35
N SER C 212 2.56 41.24 29.18
CA SER C 212 1.14 41.52 29.04
C SER C 212 0.83 43.01 29.11
N PHE C 213 1.63 43.76 29.86
CA PHE C 213 1.39 45.20 29.98
C PHE C 213 2.02 45.97 28.83
N TYR C 214 3.33 45.80 28.62
CA TYR C 214 4.02 46.55 27.59
C TYR C 214 3.44 46.28 26.21
N ILE C 215 2.90 45.08 25.98
CA ILE C 215 2.29 44.77 24.69
C ILE C 215 1.16 45.75 24.39
N HIS C 216 0.34 46.06 25.40
CA HIS C 216 -0.70 47.07 25.26
C HIS C 216 -0.16 48.48 25.38
N ALA C 217 1.12 48.65 25.74
CA ALA C 217 1.70 49.97 25.87
C ALA C 217 2.31 50.48 24.58
N ILE C 218 2.79 49.58 23.72
CA ILE C 218 3.40 49.98 22.46
C ILE C 218 2.33 50.63 21.58
N PRO C 219 2.72 51.36 20.53
CA PRO C 219 1.72 52.03 19.69
C PRO C 219 0.81 51.04 18.99
N GLN C 220 -0.41 51.49 18.70
CA GLN C 220 -1.40 50.71 17.97
C GLN C 220 -1.36 51.16 16.51
N THR C 221 -0.51 50.50 15.71
CA THR C 221 -0.25 50.89 14.34
C THR C 221 -0.55 49.72 13.39
N ALA C 222 -0.34 49.99 12.10
CA ALA C 222 -0.48 48.97 11.06
C ALA C 222 0.72 48.92 10.13
N ASP C 223 1.72 49.77 10.32
CA ASP C 223 2.91 49.78 9.49
C ASP C 223 3.93 48.76 10.01
N ALA C 224 4.37 47.87 9.14
CA ALA C 224 5.34 46.85 9.56
C ALA C 224 6.66 47.48 9.97
N LYS C 225 7.02 48.62 9.41
CA LYS C 225 8.27 49.29 9.78
C LYS C 225 8.27 49.81 11.20
N ILE C 226 7.11 49.90 11.85
CA ILE C 226 7.01 50.41 13.21
C ILE C 226 6.44 49.37 14.17
N ALA C 227 5.41 48.63 13.75
CA ALA C 227 4.81 47.62 14.62
C ALA C 227 5.81 46.55 15.00
N VAL C 228 6.57 46.06 14.01
CA VAL C 228 7.55 45.00 14.29
C VAL C 228 8.56 45.46 15.32
N PRO C 229 9.23 46.61 15.20
CA PRO C 229 10.21 47.02 16.22
C PRO C 229 9.61 47.12 17.61
N SER C 230 8.42 47.71 17.73
CA SER C 230 7.79 47.82 19.05
C SER C 230 7.66 46.45 19.71
N VAL C 231 7.33 45.43 18.93
CA VAL C 231 7.23 44.08 19.49
C VAL C 231 8.58 43.62 20.02
N LEU C 232 9.64 43.79 19.22
CA LEU C 232 10.95 43.32 19.63
C LEU C 232 11.42 44.03 20.90
N SER C 233 11.23 45.34 20.98
CA SER C 233 11.65 46.09 22.16
C SER C 233 11.06 45.48 23.42
N VAL C 234 9.76 45.18 23.39
CA VAL C 234 9.15 44.49 24.53
C VAL C 234 9.61 43.05 24.59
N MET C 235 9.95 42.45 23.45
CA MET C 235 10.51 41.11 23.45
C MET C 235 11.79 41.06 24.26
N ARG C 236 12.72 41.98 23.99
CA ARG C 236 13.96 42.02 24.75
C ARG C 236 13.70 42.42 26.20
N ASN C 237 12.64 43.19 26.45
CA ASN C 237 12.33 43.59 27.82
C ASN C 237 12.03 42.38 28.70
N VAL C 238 11.09 41.53 28.27
CA VAL C 238 10.78 40.32 29.01
C VAL C 238 11.86 39.26 28.85
N SER C 239 12.80 39.46 27.94
CA SER C 239 13.90 38.52 27.76
C SER C 239 14.91 38.65 28.89
N VAL C 240 15.48 37.51 29.29
CA VAL C 240 16.53 37.54 30.31
C VAL C 240 17.84 37.88 29.62
N PRO C 241 18.90 38.21 30.36
CA PRO C 241 20.20 38.42 29.71
C PRO C 241 20.91 37.10 29.41
N PHE C 242 22.22 37.18 29.17
CA PHE C 242 23.02 36.02 28.81
C PHE C 242 24.07 35.75 29.87
N GLY C 243 24.41 34.47 30.03
CA GLY C 243 25.40 34.08 31.02
C GLY C 243 25.04 34.47 32.43
N ILE C 244 23.75 34.51 32.75
CA ILE C 244 23.30 34.93 34.07
C ILE C 244 23.54 33.80 35.06
N ASN C 245 24.21 34.11 36.17
CA ASN C 245 24.51 33.12 37.19
C ASN C 245 25.31 33.79 38.29
N THR C 246 25.24 33.21 39.49
CA THR C 246 26.00 33.68 40.63
C THR C 246 26.61 32.48 41.35
N PRO C 247 27.45 32.70 42.37
CA PRO C 247 27.95 31.56 43.15
C PRO C 247 26.86 30.71 43.76
N GLU C 248 25.65 31.26 43.95
CA GLU C 248 24.55 30.49 44.51
C GLU C 248 23.95 29.53 43.49
N LYS C 249 24.01 29.87 42.20
CA LYS C 249 23.52 29.00 41.14
C LYS C 249 24.31 29.29 39.89
N PRO C 250 25.39 28.53 39.64
CA PRO C 250 26.29 28.87 38.52
C PRO C 250 25.71 28.59 37.15
N HIS C 251 24.72 27.70 37.04
CA HIS C 251 24.18 27.29 35.75
C HIS C 251 22.67 27.51 35.75
N ILE C 252 22.21 28.48 34.96
CA ILE C 252 20.78 28.79 34.84
C ILE C 252 20.51 29.14 33.38
N SER C 253 19.22 29.11 33.02
CA SER C 253 18.82 29.41 31.66
C SER C 253 19.16 30.85 31.30
N SER C 254 19.34 31.09 30.00
CA SER C 254 19.65 32.42 29.49
C SER C 254 19.07 32.57 28.10
N THR C 255 18.89 33.81 27.68
CA THR C 255 18.32 34.07 26.36
C THR C 255 19.28 33.64 25.27
N ARG C 256 18.78 32.90 24.28
CA ARG C 256 19.59 32.41 23.18
C ARG C 256 19.17 32.96 21.83
N TRP C 257 17.87 33.16 21.60
CA TRP C 257 17.42 33.73 20.35
C TRP C 257 15.95 34.16 20.50
N ARG C 258 15.51 34.99 19.57
CA ARG C 258 14.15 35.51 19.54
C ARG C 258 13.60 35.39 18.12
N SER C 259 12.32 35.70 17.97
CA SER C 259 11.66 35.60 16.67
C SER C 259 10.41 36.46 16.67
N VAL C 260 10.09 37.00 15.50
CA VAL C 260 8.89 37.80 15.29
C VAL C 260 8.34 37.50 13.90
N SER C 261 7.02 37.40 13.80
CA SER C 261 6.35 37.05 12.55
C SER C 261 5.30 38.10 12.23
N ASP C 262 5.46 38.77 11.09
CA ASP C 262 4.47 39.74 10.63
C ASP C 262 3.35 38.98 9.92
N GLN C 263 2.42 38.47 10.74
CA GLN C 263 1.37 37.61 10.22
C GLN C 263 0.50 38.29 9.17
N LYS C 264 0.52 39.62 9.10
CA LYS C 264 -0.25 40.31 8.07
C LYS C 264 0.47 40.27 6.73
N ASN C 265 1.74 40.66 6.70
CA ASN C 265 2.53 40.64 5.48
C ASN C 265 3.29 39.33 5.30
N LYS C 266 3.10 38.36 6.19
CA LYS C 266 3.74 37.05 6.10
C LYS C 266 5.26 37.21 5.99
N VAL C 267 5.84 37.71 7.07
CA VAL C 267 7.29 37.93 7.17
C VAL C 267 7.76 37.37 8.51
N TYR C 268 8.86 36.64 8.49
CA TYR C 268 9.41 35.99 9.68
C TYR C 268 10.76 36.64 10.00
N TYR C 269 10.83 37.34 11.12
CA TYR C 269 12.06 37.98 11.58
C TYR C 269 12.72 37.13 12.65
N PHE C 270 14.04 37.10 12.63
CA PHE C 270 14.79 36.26 13.55
C PHE C 270 16.10 36.95 13.92
N GLU C 271 16.46 36.86 15.19
CA GLU C 271 17.72 37.39 15.69
C GLU C 271 18.29 36.44 16.74
N SER C 272 19.62 36.40 16.81
CA SER C 272 20.33 35.60 17.80
C SER C 272 21.06 36.52 18.77
N THR C 273 21.02 36.16 20.06
CA THR C 273 21.70 36.97 21.07
C THR C 273 23.18 37.11 20.75
N LEU C 274 23.77 36.13 20.07
CA LEU C 274 25.18 36.17 19.69
C LEU C 274 25.39 36.70 18.28
N THR C 275 24.32 37.06 17.57
CA THR C 275 24.43 37.61 16.23
C THR C 275 24.04 39.07 16.22
N PRO C 276 24.83 39.95 15.60
CA PRO C 276 24.51 41.38 15.60
C PRO C 276 23.38 41.74 14.65
N ASN C 277 23.54 41.36 13.38
CA ASN C 277 22.57 41.73 12.36
C ASN C 277 21.21 41.11 12.65
N LEU C 278 20.17 41.73 12.09
CA LEU C 278 18.79 41.24 12.18
C LEU C 278 18.32 40.93 10.78
N PHE C 279 18.37 39.66 10.40
CA PHE C 279 17.91 39.22 9.09
C PHE C 279 16.43 38.86 9.16
N TRP C 280 15.90 38.39 8.03
CA TRP C 280 14.50 37.98 7.95
C TRP C 280 14.30 37.23 6.64
N LEU C 281 13.14 36.60 6.51
CA LEU C 281 12.78 35.84 5.32
C LEU C 281 11.36 36.21 4.93
N ASP C 282 11.22 37.04 3.90
CA ASP C 282 9.90 37.40 3.38
C ASP C 282 9.25 36.15 2.80
N LEU C 283 8.30 35.57 3.55
CA LEU C 283 7.60 34.38 3.07
C LEU C 283 6.98 34.59 1.70
N LYS C 284 6.77 35.84 1.29
CA LYS C 284 6.18 36.18 0.00
C LYS C 284 7.19 36.13 -1.14
N LYS C 285 8.43 35.71 -0.88
CA LYS C 285 9.45 35.57 -1.91
C LYS C 285 10.01 34.15 -1.97
N ILE C 286 9.26 33.17 -1.51
CA ILE C 286 9.72 31.78 -1.47
C ILE C 286 8.72 30.91 -2.23
N ASP C 287 9.22 29.80 -2.76
CA ASP C 287 8.42 28.86 -3.54
C ASP C 287 8.18 27.61 -2.70
N PHE C 288 6.98 27.50 -2.12
CA PHE C 288 6.59 26.35 -1.34
C PHE C 288 5.95 25.25 -2.18
N SER C 289 6.30 25.18 -3.46
CA SER C 289 5.74 24.14 -4.32
C SER C 289 6.06 22.77 -3.75
N PRO C 290 5.19 21.78 -3.98
CA PRO C 290 5.42 20.45 -3.37
C PRO C 290 6.78 19.87 -3.67
N LYS C 291 7.34 20.12 -4.85
CA LYS C 291 8.63 19.58 -5.21
C LYS C 291 9.65 20.69 -5.40
N ALA C 292 9.79 21.55 -4.39
CA ALA C 292 10.77 22.63 -4.42
C ALA C 292 12.08 22.26 -3.75
N GLY C 293 12.15 21.09 -3.14
CA GLY C 293 13.37 20.65 -2.47
C GLY C 293 13.51 21.19 -1.07
N VAL C 294 13.83 20.32 -0.12
CA VAL C 294 14.03 20.75 1.26
C VAL C 294 15.29 21.59 1.34
N LYS C 295 15.20 22.70 2.06
CA LYS C 295 16.31 23.63 2.21
C LYS C 295 16.53 23.93 3.69
N LYS C 296 17.73 24.43 4.00
CA LYS C 296 18.11 24.72 5.37
C LYS C 296 18.95 25.98 5.41
N LEU C 297 18.85 26.70 6.54
CA LEU C 297 19.67 27.88 6.82
C LEU C 297 20.39 27.59 8.14
N SER C 298 21.57 26.99 8.05
CA SER C 298 22.26 26.51 9.24
C SER C 298 22.65 27.67 10.15
N LEU C 299 22.73 27.38 11.44
CA LEU C 299 23.17 28.34 12.44
C LEU C 299 24.07 27.75 13.50
N THR C 300 24.27 26.43 13.52
CA THR C 300 25.10 25.81 14.55
C THR C 300 26.55 26.28 14.46
N LYS C 301 27.10 26.32 13.24
CA LYS C 301 28.50 26.67 13.01
C LYS C 301 28.76 28.17 13.11
N GLY C 302 27.82 28.93 13.67
CA GLY C 302 28.02 30.35 13.88
C GLY C 302 28.22 31.15 12.61
N GLU C 303 27.19 31.19 11.77
CA GLU C 303 27.22 31.98 10.54
C GLU C 303 26.43 33.27 10.74
N ILE C 304 26.92 34.35 10.15
CA ILE C 304 26.33 35.69 10.32
C ILE C 304 25.57 36.06 9.06
N TYR C 305 24.36 36.59 9.23
CA TYR C 305 23.55 37.06 8.12
C TYR C 305 22.87 38.36 8.52
N ALA C 306 22.42 39.10 7.52
CA ALA C 306 21.76 40.38 7.75
C ALA C 306 20.70 40.60 6.68
N GLY C 307 19.75 41.47 6.99
CA GLY C 307 18.69 41.79 6.06
C GLY C 307 17.96 40.57 5.55
N ASP C 308 17.35 40.68 4.37
CA ASP C 308 16.67 39.55 3.75
C ASP C 308 17.63 38.39 3.56
N ALA C 309 17.50 37.36 4.39
CA ALA C 309 18.37 36.19 4.33
C ALA C 309 17.93 35.17 3.28
N VAL C 310 17.18 35.60 2.26
CA VAL C 310 16.68 34.66 1.26
C VAL C 310 17.81 34.15 0.39
N LYS C 311 18.83 34.97 0.14
CA LYS C 311 19.90 34.60 -0.80
C LYS C 311 20.72 33.42 -0.28
N ASP C 312 21.06 33.43 1.01
CA ASP C 312 22.04 32.48 1.54
C ASP C 312 21.46 31.08 1.70
N LEU C 313 20.17 30.89 1.47
CA LEU C 313 19.54 29.60 1.74
C LEU C 313 20.20 28.49 0.94
N LYS C 314 20.48 27.37 1.62
CA LYS C 314 21.07 26.19 1.02
C LYS C 314 20.08 25.04 1.05
N ASP C 315 20.06 24.25 -0.02
CA ASP C 315 19.27 23.03 -0.03
C ASP C 315 19.82 22.04 1.00
N SER C 316 18.92 21.28 1.61
CA SER C 316 19.31 20.37 2.67
C SER C 316 18.26 19.29 2.84
N GLN C 317 18.69 18.16 3.40
CA GLN C 317 17.79 17.07 3.74
C GLN C 317 17.23 17.31 5.14
N SER C 318 15.92 17.16 5.28
CA SER C 318 15.28 17.41 6.56
C SER C 318 15.91 16.55 7.65
N PHE C 319 16.11 17.16 8.82
CA PHE C 319 16.65 16.43 9.96
C PHE C 319 15.77 15.23 10.27
N THR C 320 16.36 14.25 10.97
CA THR C 320 15.65 13.04 11.38
C THR C 320 14.94 13.33 12.70
N PHE C 321 13.62 13.45 12.65
CA PHE C 321 12.84 13.63 13.87
C PHE C 321 13.17 12.54 14.88
N LEU C 322 13.01 12.86 16.15
CA LEU C 322 13.31 11.94 17.23
C LEU C 322 12.13 11.85 18.19
N PHE C 323 11.66 10.63 18.42
CA PHE C 323 10.56 10.37 19.34
C PHE C 323 10.93 9.34 20.40
N GLU C 324 12.19 8.92 20.45
CA GLU C 324 12.68 7.98 21.44
C GLU C 324 13.99 8.47 22.02
N THR C 325 14.34 7.94 23.19
CA THR C 325 15.58 8.30 23.85
C THR C 325 16.76 7.69 23.09
N PRO C 326 17.99 8.12 23.41
CA PRO C 326 19.20 7.63 22.73
C PRO C 326 19.36 6.12 22.87
N MET D 1 40.68 15.54 8.85
CA MET D 1 40.57 14.79 10.09
C MET D 1 41.62 13.69 10.20
N CYS D 2 41.20 12.44 10.08
CA CYS D 2 42.07 11.30 10.35
C CYS D 2 42.74 10.80 9.09
N THR D 3 43.52 9.72 9.23
CA THR D 3 44.28 9.15 8.12
C THR D 3 44.67 7.72 8.49
N ARG D 4 45.05 6.95 7.47
CA ARG D 4 45.48 5.57 7.67
C ARG D 4 46.58 5.24 6.68
N ALA D 5 47.49 4.37 7.10
CA ALA D 5 48.61 3.96 6.27
C ALA D 5 49.08 2.57 6.69
N VAL D 6 49.76 1.88 5.78
CA VAL D 6 50.24 0.53 6.01
C VAL D 6 51.65 0.39 5.46
N TYR D 7 52.47 -0.39 6.13
CA TYR D 7 53.86 -0.64 5.73
C TYR D 7 54.06 -2.14 5.53
N LEU D 8 54.73 -2.49 4.43
CA LEU D 8 54.99 -3.87 4.07
C LEU D 8 56.49 -4.11 4.08
N GLY D 9 56.95 -4.96 5.01
CA GLY D 9 58.36 -5.23 5.16
C GLY D 9 58.74 -6.63 4.72
N PRO D 10 60.04 -6.90 4.62
CA PRO D 10 60.49 -8.22 4.18
C PRO D 10 60.09 -9.31 5.17
N ASP D 11 59.89 -10.52 4.64
CA ASP D 11 59.55 -11.69 5.44
C ASP D 11 58.27 -11.46 6.24
N ARG D 12 57.22 -11.06 5.54
CA ARG D 12 55.88 -10.90 6.13
C ARG D 12 55.93 -9.96 7.34
N MET D 13 56.35 -8.73 7.09
CA MET D 13 56.41 -7.68 8.11
C MET D 13 55.37 -6.62 7.75
N VAL D 14 54.21 -6.70 8.39
CA VAL D 14 53.10 -5.79 8.12
C VAL D 14 52.88 -4.94 9.36
N VAL D 15 52.94 -3.63 9.19
CA VAL D 15 52.74 -2.67 10.27
C VAL D 15 51.79 -1.58 9.77
N THR D 16 50.74 -1.31 10.54
CA THR D 16 49.72 -0.34 10.15
C THR D 16 49.66 0.78 11.19
N GLY D 17 49.53 2.00 10.70
CA GLY D 17 49.39 3.17 11.56
C GLY D 17 48.14 3.94 11.20
N ARG D 18 47.54 4.56 12.22
CA ARG D 18 46.30 5.31 12.05
C ARG D 18 46.38 6.61 12.83
N THR D 19 45.82 7.67 12.26
CA THR D 19 45.82 9.00 12.87
C THR D 19 44.42 9.35 13.34
N MET D 20 44.35 10.09 14.44
CA MET D 20 43.09 10.58 14.99
C MET D 20 43.24 12.08 15.26
N ASP D 21 42.34 12.86 14.66
CA ASP D 21 42.34 14.32 14.84
C ASP D 21 40.91 14.77 15.10
N TRP D 22 40.68 15.39 16.26
CA TRP D 22 39.37 15.87 16.63
C TRP D 22 39.48 17.30 17.15
N LYS D 23 38.41 18.07 16.96
CA LYS D 23 38.43 19.47 17.35
C LYS D 23 38.54 19.64 18.85
N GLU D 24 37.83 18.83 19.62
CA GLU D 24 37.89 18.86 21.08
C GLU D 24 38.33 17.50 21.61
N ASP D 25 38.35 17.37 22.93
CA ASP D 25 38.84 16.16 23.56
C ASP D 25 38.05 14.94 23.09
N ILE D 26 38.75 13.86 22.81
CA ILE D 26 38.11 12.62 22.37
C ILE D 26 37.86 11.64 23.50
N MET D 27 38.59 11.75 24.61
CA MET D 27 38.41 10.89 25.77
C MET D 27 38.30 9.42 25.38
N SER D 28 39.19 9.00 24.47
CA SER D 28 39.20 7.62 24.02
C SER D 28 39.63 6.68 25.15
N ASN D 29 39.35 5.39 24.95
CA ASN D 29 39.71 4.38 25.93
C ASN D 29 39.98 3.06 25.20
N ILE D 30 40.90 2.27 25.75
CA ILE D 30 41.30 1.01 25.15
C ILE D 30 40.63 -0.13 25.90
N TYR D 31 40.24 -1.17 25.16
CA TYR D 31 39.62 -2.36 25.73
C TYR D 31 40.17 -3.59 25.04
N VAL D 32 40.11 -4.72 25.76
CA VAL D 32 40.57 -6.01 25.25
C VAL D 32 39.44 -7.01 25.44
N PHE D 33 38.93 -7.53 24.33
CA PHE D 33 37.81 -8.46 24.35
C PHE D 33 38.29 -9.87 24.01
N PRO D 34 38.25 -10.82 24.94
CA PRO D 34 38.60 -12.20 24.60
C PRO D 34 37.67 -12.75 23.53
N ARG D 35 38.17 -13.75 22.80
CA ARG D 35 37.37 -14.40 21.78
C ARG D 35 36.10 -14.98 22.40
N GLY D 36 35.09 -15.18 21.56
CA GLY D 36 33.83 -15.72 22.03
C GLY D 36 33.01 -14.72 22.81
N MET D 37 32.57 -13.66 22.14
CA MET D 37 31.75 -12.62 22.77
C MET D 37 30.66 -12.23 21.77
N GLN D 38 29.47 -12.78 21.97
CA GLN D 38 28.36 -12.52 21.05
C GLN D 38 27.99 -11.04 21.07
N ARG D 39 27.48 -10.56 19.95
CA ARG D 39 27.08 -9.17 19.83
C ARG D 39 26.02 -9.03 18.73
N ALA D 40 25.27 -7.95 18.80
CA ALA D 40 24.24 -7.63 17.82
C ALA D 40 24.47 -6.22 17.29
N GLY D 41 23.97 -5.98 16.08
CA GLY D 41 24.22 -4.75 15.37
C GLY D 41 23.30 -3.58 15.68
N HIS D 42 22.28 -3.78 16.50
CA HIS D 42 21.34 -2.71 16.82
C HIS D 42 20.46 -3.17 17.97
N ASN D 43 19.72 -2.22 18.56
CA ASN D 43 18.86 -2.49 19.70
C ASN D 43 17.38 -2.32 19.40
N LYS D 44 17.02 -1.42 18.48
CA LYS D 44 15.62 -1.11 18.20
C LYS D 44 15.20 -1.51 16.79
N GLU D 45 16.10 -2.05 15.98
CA GLU D 45 15.80 -2.39 14.60
C GLU D 45 16.18 -3.85 14.33
N LYS D 46 15.52 -4.42 13.33
CA LYS D 46 15.87 -5.75 12.84
C LYS D 46 17.36 -5.81 12.50
N THR D 47 18.10 -6.69 13.18
CA THR D 47 19.54 -6.75 13.04
C THR D 47 19.99 -8.21 13.10
N VAL D 48 21.28 -8.42 12.90
CA VAL D 48 21.88 -9.74 12.94
C VAL D 48 22.68 -9.88 14.23
N ASN D 49 23.16 -11.08 14.48
CA ASN D 49 23.93 -11.39 15.69
C ASN D 49 25.18 -12.17 15.32
N TRP D 50 26.20 -12.07 16.17
CA TRP D 50 27.46 -12.75 15.93
C TRP D 50 28.20 -12.89 17.26
N THR D 51 29.15 -13.80 17.29
CA THR D 51 29.99 -14.04 18.45
C THR D 51 31.45 -13.80 18.07
N SER D 52 32.15 -13.01 18.87
CA SER D 52 33.56 -12.75 18.64
C SER D 52 34.33 -14.06 18.52
N LYS D 53 34.85 -14.37 17.33
CA LYS D 53 35.64 -15.58 17.14
C LYS D 53 37.13 -15.35 17.38
N TYR D 54 37.56 -14.10 17.56
CA TYR D 54 38.96 -13.77 17.80
C TYR D 54 39.03 -12.68 18.84
N GLY D 55 39.72 -12.94 19.94
CA GLY D 55 39.98 -11.92 20.93
C GLY D 55 40.86 -10.83 20.35
N SER D 56 40.41 -9.58 20.42
CA SER D 56 41.12 -8.47 19.81
C SER D 56 41.30 -7.35 20.83
N VAL D 57 42.02 -6.32 20.43
CA VAL D 57 42.25 -5.13 21.23
C VAL D 57 41.97 -3.92 20.36
N ILE D 58 40.95 -3.14 20.73
CA ILE D 58 40.48 -2.01 19.94
C ILE D 58 40.65 -0.73 20.74
N ALA D 59 40.46 0.40 20.07
CA ALA D 59 40.52 1.72 20.68
C ALA D 59 39.17 2.39 20.47
N THR D 60 38.45 2.62 21.56
CA THR D 60 37.13 3.22 21.47
C THR D 60 37.22 4.65 20.95
N GLY D 61 36.30 4.99 20.05
CA GLY D 61 36.22 6.38 19.60
C GLY D 61 36.02 7.34 20.76
N TYR D 62 35.03 7.06 21.60
CA TYR D 62 34.78 7.82 22.83
C TYR D 62 34.17 6.90 23.88
N ASP D 63 34.90 5.88 24.30
CA ASP D 63 34.49 4.97 25.36
C ASP D 63 33.12 4.34 25.11
N ILE D 64 32.56 4.49 23.90
CA ILE D 64 31.23 3.99 23.58
C ILE D 64 31.24 3.45 22.16
N GLY D 65 31.92 4.17 21.26
CA GLY D 65 32.10 3.71 19.90
C GLY D 65 33.39 2.91 19.75
N THR D 66 33.58 2.41 18.53
CA THR D 66 34.79 1.66 18.17
C THR D 66 35.31 2.19 16.84
N CYS D 67 36.58 2.60 16.82
CA CYS D 67 37.20 3.18 15.65
C CYS D 67 38.38 2.40 15.11
N ASP D 68 39.09 1.65 15.95
CA ASP D 68 40.27 0.91 15.51
C ASP D 68 40.58 -0.19 16.51
N GLY D 69 41.31 -1.19 16.04
CA GLY D 69 41.71 -2.29 16.90
C GLY D 69 42.57 -3.28 16.14
N MET D 70 42.84 -4.40 16.79
CA MET D 70 43.63 -5.47 16.20
C MET D 70 43.29 -6.78 16.91
N ASN D 71 43.07 -7.82 16.13
CA ASN D 71 42.57 -9.08 16.67
C ASN D 71 43.73 -10.07 16.87
N GLU D 72 43.40 -11.35 17.02
CA GLU D 72 44.43 -12.34 17.28
C GLU D 72 45.40 -12.44 16.11
N LYS D 73 44.87 -12.63 14.90
CA LYS D 73 45.73 -12.79 13.74
C LYS D 73 46.33 -11.49 13.23
N GLY D 74 46.25 -10.40 14.00
CA GLY D 74 46.80 -9.13 13.59
C GLY D 74 45.93 -8.29 12.69
N LEU D 75 44.79 -8.82 12.23
CA LEU D 75 43.90 -8.05 11.38
C LEU D 75 43.52 -6.75 12.08
N VAL D 76 43.67 -5.64 11.36
CA VAL D 76 43.47 -4.30 11.92
C VAL D 76 42.44 -3.56 11.07
N ALA D 77 41.30 -3.25 11.65
CA ALA D 77 40.27 -2.44 11.01
C ALA D 77 40.40 -0.99 11.49
N SER D 78 40.15 -0.06 10.58
CA SER D 78 40.32 1.37 10.88
C SER D 78 39.22 2.15 10.21
N LEU D 79 38.45 2.89 10.99
CA LEU D 79 37.34 3.70 10.49
C LEU D 79 37.78 5.16 10.41
N LEU D 80 37.68 5.74 9.22
CA LEU D 80 38.07 7.13 8.99
C LEU D 80 36.88 7.93 8.46
N PHE D 81 36.82 9.19 8.86
CA PHE D 81 35.67 10.03 8.52
C PHE D 81 35.63 10.34 7.03
N LEU D 82 34.42 10.41 6.49
CA LEU D 82 34.20 10.71 5.08
C LEU D 82 32.94 11.58 4.97
N PRO D 83 33.10 12.89 4.75
CA PRO D 83 31.91 13.75 4.65
C PRO D 83 30.90 13.26 3.63
N GLU D 84 31.35 12.98 2.40
CA GLU D 84 30.48 12.41 1.36
C GLU D 84 30.33 10.91 1.63
N SER D 85 29.63 10.62 2.72
CA SER D 85 29.36 9.24 3.14
C SER D 85 27.85 9.01 3.19
N VAL D 86 27.41 7.95 2.51
CA VAL D 86 26.01 7.55 2.49
C VAL D 86 25.96 6.02 2.46
N TYR D 87 25.13 5.44 3.30
CA TYR D 87 25.13 3.99 3.52
C TYR D 87 23.83 3.32 3.14
N SER D 88 22.68 3.84 3.61
CA SER D 88 21.40 3.16 3.48
C SER D 88 20.51 3.95 2.53
N LEU D 89 20.29 3.38 1.34
CA LEU D 89 19.42 4.03 0.37
C LEU D 89 17.96 3.98 0.82
N PRO D 90 17.16 4.96 0.41
CA PRO D 90 15.74 4.95 0.79
C PRO D 90 15.05 3.67 0.32
N GLY D 91 14.28 3.08 1.22
CA GLY D 91 13.56 1.86 0.90
C GLY D 91 14.31 0.59 1.22
N ASP D 92 15.13 0.58 2.27
CA ASP D 92 15.91 -0.58 2.66
C ASP D 92 15.49 -0.99 4.06
N THR D 93 15.03 -2.23 4.21
CA THR D 93 14.60 -2.78 5.49
C THR D 93 15.53 -3.89 5.98
N ARG D 94 16.72 -4.01 5.40
CA ARG D 94 17.66 -5.04 5.80
C ARG D 94 18.02 -4.90 7.27
N PRO D 95 18.75 -5.86 7.85
CA PRO D 95 19.16 -5.73 9.26
C PRO D 95 19.91 -4.43 9.52
N ALA D 96 19.29 -3.55 10.29
CA ALA D 96 19.89 -2.26 10.62
C ALA D 96 20.97 -2.46 11.68
N MET D 97 22.20 -2.10 11.35
CA MET D 97 23.34 -2.26 12.25
C MET D 97 23.96 -0.90 12.55
N GLY D 98 24.27 -0.67 13.82
CA GLY D 98 24.83 0.61 14.20
C GLY D 98 26.25 0.79 13.69
N ILE D 99 26.58 2.04 13.34
CA ILE D 99 27.92 2.35 12.86
C ILE D 99 28.95 2.21 13.98
N SER D 100 28.56 2.50 15.22
CA SER D 100 29.50 2.45 16.32
C SER D 100 30.14 1.07 16.46
N ILE D 101 29.33 0.01 16.33
CA ILE D 101 29.84 -1.35 16.47
C ILE D 101 30.31 -1.94 15.16
N TRP D 102 30.19 -1.20 14.05
CA TRP D 102 30.60 -1.73 12.76
C TRP D 102 32.07 -2.14 12.77
N THR D 103 32.94 -1.27 13.29
CA THR D 103 34.36 -1.57 13.31
C THR D 103 34.65 -2.83 14.12
N GLN D 104 34.08 -2.91 15.33
CA GLN D 104 34.29 -4.09 16.15
C GLN D 104 33.82 -5.36 15.46
N TYR D 105 32.76 -5.26 14.65
CA TYR D 105 32.25 -6.43 13.94
C TYR D 105 33.28 -7.02 12.99
N VAL D 106 34.27 -6.24 12.57
CA VAL D 106 35.25 -6.72 11.59
C VAL D 106 36.40 -7.46 12.25
N LEU D 107 36.75 -7.12 13.50
CA LEU D 107 37.93 -7.69 14.14
C LEU D 107 37.63 -8.99 14.87
N ASP D 108 36.50 -9.07 15.57
CA ASP D 108 36.18 -10.22 16.41
C ASP D 108 35.69 -11.42 15.61
N ASN D 109 35.74 -11.38 14.28
CA ASN D 109 35.29 -12.52 13.47
C ASN D 109 36.21 -12.85 12.29
N PHE D 110 36.94 -11.90 11.74
CA PHE D 110 37.76 -12.18 10.58
C PHE D 110 39.20 -12.46 11.00
N ALA D 111 39.96 -13.07 10.09
CA ALA D 111 41.37 -13.35 10.31
C ALA D 111 42.26 -12.97 9.14
N THR D 112 41.72 -12.72 7.95
CA THR D 112 42.51 -12.33 6.80
C THR D 112 41.58 -11.62 5.82
N VAL D 113 42.18 -10.77 4.98
CA VAL D 113 41.39 -9.93 4.07
C VAL D 113 40.48 -10.79 3.20
N ARG D 114 41.03 -11.86 2.61
CA ARG D 114 40.23 -12.72 1.75
C ARG D 114 38.97 -13.18 2.46
N GLU D 115 39.07 -13.49 3.75
CA GLU D 115 37.89 -13.82 4.52
C GLU D 115 37.00 -12.60 4.72
N ALA D 116 37.60 -11.45 5.02
CA ALA D 116 36.83 -10.23 5.26
C ALA D 116 36.24 -9.69 3.96
N VAL D 117 36.98 -9.79 2.86
CA VAL D 117 36.51 -9.24 1.59
C VAL D 117 35.21 -9.91 1.17
N ASP D 118 35.20 -11.25 1.16
CA ASP D 118 34.04 -11.99 0.67
C ASP D 118 32.81 -11.71 1.52
N GLU D 119 32.95 -11.77 2.84
CA GLU D 119 31.80 -11.60 3.72
C GLU D 119 31.12 -10.25 3.52
N MET D 120 31.89 -9.17 3.67
CA MET D 120 31.30 -7.83 3.57
C MET D 120 30.67 -7.58 2.20
N LYS D 121 31.05 -8.36 1.19
CA LYS D 121 30.49 -8.21 -0.15
C LYS D 121 29.04 -8.64 -0.25
N LYS D 122 28.46 -9.19 0.82
CA LYS D 122 27.08 -9.69 0.74
C LYS D 122 26.06 -8.56 0.92
N GLU D 123 26.29 -7.68 1.90
CA GLU D 123 25.40 -6.55 2.16
C GLU D 123 24.04 -7.01 2.67
N THR D 124 23.98 -8.17 3.32
CA THR D 124 22.72 -8.68 3.83
C THR D 124 22.05 -7.69 4.78
N PHE D 125 22.84 -6.83 5.41
CA PHE D 125 22.35 -5.87 6.39
C PHE D 125 22.70 -4.46 5.95
N ARG D 126 22.25 -3.49 6.74
CA ARG D 126 22.59 -2.09 6.55
C ARG D 126 23.18 -1.54 7.84
N ILE D 127 23.72 -0.33 7.76
CA ILE D 127 24.32 0.34 8.91
C ILE D 127 23.37 1.44 9.37
N ASP D 128 23.26 1.61 10.69
CA ASP D 128 22.45 2.65 11.29
C ASP D 128 23.36 3.63 12.00
N ALA D 129 23.34 4.89 11.58
CA ALA D 129 24.20 5.93 12.13
C ALA D 129 23.37 7.18 12.39
N PRO D 130 23.00 7.45 13.65
CA PRO D 130 22.24 8.64 14.01
C PRO D 130 23.09 9.90 14.03
N GLU D 138 27.88 15.06 11.76
CA GLU D 138 27.18 13.86 11.32
C GLU D 138 28.17 12.71 11.13
N SER D 139 27.74 11.50 11.49
CA SER D 139 28.60 10.32 11.42
C SER D 139 28.71 9.85 9.98
N THR D 140 29.76 10.29 9.29
CA THR D 140 30.00 9.89 7.91
C THR D 140 31.48 9.56 7.78
N LEU D 141 31.80 8.28 7.66
CA LEU D 141 33.19 7.83 7.67
C LEU D 141 33.34 6.68 6.67
N HIS D 142 34.40 5.90 6.85
CA HIS D 142 34.67 4.71 6.06
C HIS D 142 35.85 3.98 6.70
N MET D 143 35.93 2.68 6.47
CA MET D 143 36.91 1.82 7.13
C MET D 143 37.87 1.22 6.13
N ALA D 144 39.05 0.84 6.64
CA ALA D 144 40.08 0.14 5.88
C ALA D 144 40.79 -0.85 6.79
N ILE D 145 41.04 -2.04 6.27
CA ILE D 145 41.64 -3.12 7.04
C ILE D 145 42.76 -3.76 6.24
N THR D 146 43.68 -4.40 6.96
CA THR D 146 44.78 -5.11 6.31
C THR D 146 45.17 -6.31 7.17
N ASP D 147 45.27 -7.48 6.53
CA ASP D 147 45.66 -8.70 7.20
C ASP D 147 47.16 -8.67 7.46
N GLU D 148 47.68 -9.76 8.04
CA GLU D 148 49.11 -9.91 8.27
C GLU D 148 49.88 -10.28 7.01
N THR D 149 49.20 -10.58 5.91
CA THR D 149 49.84 -10.84 4.63
C THR D 149 50.08 -9.57 3.83
N GLY D 150 49.65 -8.42 4.35
CA GLY D 150 49.83 -7.16 3.67
C GLY D 150 48.64 -6.70 2.85
N ASN D 151 47.76 -7.61 2.46
CA ASN D 151 46.63 -7.23 1.64
C ASN D 151 45.72 -6.27 2.40
N THR D 152 45.24 -5.25 1.69
CA THR D 152 44.37 -4.24 2.26
C THR D 152 43.22 -3.96 1.31
N ALA D 153 42.01 -3.85 1.86
CA ALA D 153 40.81 -3.58 1.07
C ALA D 153 40.12 -2.35 1.66
N VAL D 154 40.00 -1.30 0.86
CA VAL D 154 39.36 -0.06 1.30
C VAL D 154 37.90 -0.12 0.89
N ILE D 155 37.01 -0.03 1.87
CA ILE D 155 35.57 -0.12 1.64
C ILE D 155 34.93 1.20 2.03
N GLU D 156 33.86 1.57 1.30
CA GLU D 156 33.19 2.84 1.54
C GLU D 156 31.91 2.95 0.73
N TYR D 157 30.78 3.12 1.41
CA TYR D 157 29.50 3.27 0.74
C TYR D 157 29.37 4.67 0.16
N LEU D 158 28.89 4.74 -1.09
CA LEU D 158 28.71 6.00 -1.80
C LEU D 158 27.24 6.12 -2.19
N ASP D 159 26.54 7.07 -1.60
CA ASP D 159 25.12 7.32 -1.90
C ASP D 159 24.30 6.05 -1.73
N GLY D 160 24.65 5.24 -0.74
CA GLY D 160 23.87 4.08 -0.39
C GLY D 160 24.28 2.77 -1.04
N LYS D 161 25.45 2.71 -1.68
CA LYS D 161 25.93 1.49 -2.30
C LYS D 161 27.36 1.22 -1.88
N LEU D 162 27.72 -0.07 -1.89
CA LEU D 162 29.02 -0.51 -1.41
C LEU D 162 30.12 -0.20 -2.42
N SER D 163 31.31 0.11 -1.90
CA SER D 163 32.48 0.36 -2.74
C SER D 163 33.71 -0.15 -2.00
N ILE D 164 34.39 -1.12 -2.61
CA ILE D 164 35.55 -1.74 -1.99
C ILE D 164 36.72 -1.71 -2.95
N HIS D 165 37.92 -1.58 -2.40
CA HIS D 165 39.17 -1.58 -3.18
C HIS D 165 40.15 -2.54 -2.50
N GLU D 166 40.09 -3.81 -2.89
CA GLU D 166 40.95 -4.83 -2.32
C GLU D 166 42.26 -4.91 -3.08
N GLY D 167 43.34 -5.15 -2.36
CA GLY D 167 44.66 -5.25 -2.96
C GLY D 167 45.74 -4.70 -2.06
N LYS D 168 46.86 -5.43 -1.94
CA LYS D 168 47.94 -4.99 -1.08
C LYS D 168 48.47 -3.62 -1.46
N GLU D 169 48.24 -3.18 -2.70
CA GLU D 169 48.68 -1.84 -3.10
C GLU D 169 47.96 -0.77 -2.28
N TYR D 170 46.63 -0.85 -2.20
CA TYR D 170 45.86 0.06 -1.38
C TYR D 170 46.32 -0.04 0.07
N GLN D 171 46.95 1.02 0.58
CA GLN D 171 47.54 1.01 1.90
C GLN D 171 47.11 2.22 2.71
N VAL D 172 47.19 3.39 2.11
CA VAL D 172 46.86 4.63 2.79
C VAL D 172 45.38 4.96 2.55
N MET D 173 44.81 5.77 3.43
CA MET D 173 43.43 6.19 3.30
C MET D 173 43.23 7.46 4.11
N THR D 174 42.53 8.43 3.52
CA THR D 174 42.21 9.68 4.20
C THR D 174 40.71 9.91 4.26
N ASN D 175 40.28 11.17 4.34
CA ASN D 175 38.88 11.45 4.57
C ASN D 175 38.11 11.82 3.32
N SER D 176 38.75 12.38 2.30
CA SER D 176 38.04 12.74 1.08
C SER D 176 39.00 13.36 0.08
N PRO D 177 38.63 13.41 -1.21
CA PRO D 177 37.35 12.89 -1.69
C PRO D 177 37.36 11.37 -1.87
N ARG D 178 36.54 10.87 -2.81
CA ARG D 178 36.43 9.44 -3.03
C ARG D 178 37.82 8.82 -3.18
N TYR D 179 37.94 7.55 -2.78
CA TYR D 179 39.23 6.88 -2.82
C TYR D 179 39.85 6.93 -4.21
N GLU D 180 39.05 6.60 -5.23
CA GLU D 180 39.51 6.75 -6.60
C GLU D 180 39.99 8.17 -6.85
N LEU D 181 39.19 9.16 -6.46
CA LEU D 181 39.64 10.55 -6.52
C LEU D 181 40.89 10.75 -5.70
N GLN D 182 40.90 10.22 -4.47
CA GLN D 182 42.08 10.31 -3.62
C GLN D 182 43.29 9.72 -4.32
N LEU D 183 43.14 8.53 -4.92
CA LEU D 183 44.21 7.97 -5.73
C LEU D 183 44.56 8.91 -6.88
N ALA D 184 43.55 9.48 -7.54
CA ALA D 184 43.80 10.45 -8.60
C ALA D 184 44.61 11.63 -8.07
N VAL D 185 44.27 12.12 -6.88
CA VAL D 185 45.02 13.22 -6.29
C VAL D 185 46.46 12.80 -6.03
N ASN D 186 46.65 11.59 -5.52
CA ASN D 186 48.00 11.12 -5.24
C ASN D 186 48.79 10.85 -6.52
N ASP D 187 48.10 10.42 -7.59
CA ASP D 187 48.80 10.11 -8.83
C ASP D 187 49.55 11.31 -9.36
N TYR D 188 48.91 12.48 -9.37
CA TYR D 188 49.55 13.68 -9.92
C TYR D 188 50.81 14.03 -9.14
N TRP D 189 50.71 14.08 -7.81
CA TRP D 189 51.85 14.49 -7.00
C TRP D 189 53.07 13.61 -7.25
N LYS D 190 52.85 12.31 -7.48
CA LYS D 190 53.98 11.42 -7.77
C LYS D 190 54.83 11.97 -8.91
N GLU D 191 54.19 12.48 -9.97
CA GLU D 191 54.96 13.06 -11.05
C GLU D 191 55.73 14.29 -10.59
N VAL D 192 55.22 15.01 -9.58
CA VAL D 192 55.81 16.29 -9.22
C VAL D 192 57.20 16.11 -8.61
N GLY D 193 57.47 14.95 -8.02
CA GLY D 193 58.74 14.73 -7.35
C GLY D 193 58.66 15.08 -5.89
N GLY D 194 58.54 14.07 -5.03
CA GLY D 194 58.48 14.34 -3.60
C GLY D 194 59.67 15.15 -3.12
N LEU D 195 60.87 14.78 -3.58
CA LEU D 195 62.06 15.54 -3.21
C LEU D 195 62.00 16.97 -3.73
N GLN D 196 61.14 17.25 -4.71
CA GLN D 196 61.03 18.58 -5.30
C GLN D 196 59.93 19.43 -4.70
N MET D 197 58.85 18.80 -4.20
CA MET D 197 57.78 19.55 -3.57
C MET D 197 56.69 18.64 -3.02
N LEU D 198 56.08 19.04 -1.90
CA LEU D 198 55.01 18.29 -1.27
C LEU D 198 54.13 19.28 -0.51
N PRO D 199 52.80 19.14 -0.58
CA PRO D 199 51.93 20.09 0.11
C PRO D 199 51.99 19.88 1.62
N GLY D 200 52.47 20.89 2.33
CA GLY D 200 52.57 20.82 3.77
C GLY D 200 51.34 21.36 4.48
N THR D 201 50.19 21.29 3.81
CA THR D 201 48.93 21.72 4.42
C THR D 201 48.35 20.58 5.25
N ASN D 202 47.19 20.82 5.86
CA ASN D 202 46.57 19.88 6.78
C ASN D 202 45.24 19.36 6.26
N ARG D 203 44.98 19.46 4.96
CA ARG D 203 43.71 19.03 4.41
C ARG D 203 43.70 17.52 4.20
N SER D 204 42.50 17.00 3.92
CA SER D 204 42.34 15.56 3.74
C SER D 204 43.25 15.04 2.63
N SER D 205 43.20 15.67 1.46
CA SER D 205 44.02 15.23 0.33
C SER D 205 45.51 15.45 0.60
N ASP D 206 45.85 16.46 1.42
CA ASP D 206 47.25 16.73 1.70
C ASP D 206 47.89 15.58 2.47
N ARG D 207 47.29 15.19 3.60
CA ARG D 207 47.83 14.10 4.39
C ARG D 207 47.95 12.80 3.59
N PHE D 208 47.14 12.65 2.55
CA PHE D 208 47.18 11.42 1.77
C PHE D 208 48.45 11.34 0.91
N VAL D 209 48.74 12.41 0.17
CA VAL D 209 49.90 12.39 -0.72
C VAL D 209 51.18 12.34 0.08
N ARG D 210 51.29 13.13 1.15
CA ARG D 210 52.48 13.11 1.99
C ARG D 210 52.74 11.71 2.54
N ALA D 211 51.72 11.11 3.15
CA ALA D 211 51.87 9.75 3.66
C ALA D 211 52.12 8.76 2.53
N SER D 212 51.50 8.98 1.37
CA SER D 212 51.68 8.07 0.25
C SER D 212 53.11 8.08 -0.26
N PHE D 213 53.82 9.21 -0.11
CA PHE D 213 55.19 9.32 -0.59
C PHE D 213 56.22 8.88 0.44
N TYR D 214 55.97 9.11 1.72
CA TYR D 214 56.97 8.80 2.75
C TYR D 214 56.97 7.33 3.13
N ILE D 215 55.81 6.67 3.08
CA ILE D 215 55.74 5.28 3.53
C ILE D 215 56.57 4.35 2.65
N HIS D 216 56.89 4.78 1.43
CA HIS D 216 57.65 3.96 0.49
C HIS D 216 59.13 4.30 0.45
N ALA D 217 59.60 5.20 1.33
CA ALA D 217 61.00 5.58 1.37
C ALA D 217 61.70 5.14 2.66
N ILE D 218 60.95 4.75 3.68
CA ILE D 218 61.53 4.32 4.95
C ILE D 218 62.39 3.08 4.72
N PRO D 219 63.22 2.69 5.69
CA PRO D 219 64.06 1.51 5.50
C PRO D 219 63.23 0.25 5.31
N GLN D 220 63.60 -0.56 4.32
CA GLN D 220 62.93 -1.82 4.05
C GLN D 220 63.46 -2.87 5.01
N THR D 221 62.98 -2.81 6.25
CA THR D 221 63.43 -3.68 7.32
C THR D 221 62.27 -4.51 7.85
N ALA D 222 62.57 -5.74 8.24
CA ALA D 222 61.62 -6.61 8.89
C ALA D 222 61.73 -6.59 10.41
N ASP D 223 62.59 -5.72 10.95
CA ASP D 223 62.79 -5.63 12.39
C ASP D 223 61.78 -4.68 13.01
N ALA D 224 61.27 -5.05 14.18
CA ALA D 224 60.30 -4.19 14.87
C ALA D 224 60.97 -2.97 15.47
N LYS D 225 62.18 -3.12 16.00
CA LYS D 225 62.88 -1.98 16.59
C LYS D 225 63.10 -0.85 15.60
N ILE D 226 63.03 -1.13 14.30
CA ILE D 226 63.23 -0.13 13.26
C ILE D 226 61.92 0.22 12.56
N ALA D 227 61.20 -0.80 12.10
CA ALA D 227 59.94 -0.53 11.40
C ALA D 227 58.97 0.23 12.28
N VAL D 228 58.92 -0.10 13.57
CA VAL D 228 58.03 0.57 14.52
C VAL D 228 58.36 2.06 14.55
N PRO D 229 59.58 2.43 14.92
CA PRO D 229 59.91 3.87 14.94
C PRO D 229 59.72 4.54 13.59
N SER D 230 60.04 3.86 12.49
CA SER D 230 59.88 4.46 11.17
C SER D 230 58.41 4.74 10.88
N VAL D 231 57.52 3.84 11.29
CA VAL D 231 56.09 4.04 11.05
C VAL D 231 55.56 5.20 11.85
N LEU D 232 56.00 5.34 13.11
CA LEU D 232 55.49 6.41 13.96
C LEU D 232 55.96 7.78 13.49
N SER D 233 57.17 7.87 12.93
CA SER D 233 57.69 9.16 12.50
C SER D 233 56.77 9.82 11.49
N VAL D 234 56.24 9.04 10.54
CA VAL D 234 55.34 9.61 9.54
C VAL D 234 54.00 9.96 10.16
N MET D 235 53.60 9.25 11.22
CA MET D 235 52.34 9.57 11.90
C MET D 235 52.34 11.02 12.37
N ARG D 236 53.33 11.39 13.18
CA ARG D 236 53.42 12.77 13.65
C ARG D 236 53.59 13.74 12.49
N ASN D 237 54.31 13.33 11.44
CA ASN D 237 54.49 14.16 10.27
C ASN D 237 53.14 14.61 9.70
N VAL D 238 52.30 13.65 9.32
CA VAL D 238 50.97 13.96 8.85
C VAL D 238 50.08 14.53 9.95
N SER D 239 50.48 14.39 11.21
CA SER D 239 49.70 14.93 12.31
C SER D 239 49.65 16.45 12.23
N VAL D 240 48.58 17.02 12.79
CA VAL D 240 48.39 18.46 12.82
C VAL D 240 48.81 18.96 14.19
N PRO D 241 49.49 20.11 14.28
CA PRO D 241 49.88 20.65 15.59
C PRO D 241 48.67 20.79 16.51
N PHE D 242 48.95 20.77 17.81
CA PHE D 242 47.88 20.85 18.80
C PHE D 242 47.32 22.27 18.89
N GLY D 243 46.03 22.36 19.21
CA GLY D 243 45.39 23.65 19.36
C GLY D 243 45.48 24.55 18.16
N ILE D 244 45.69 23.99 16.98
CA ILE D 244 45.73 24.80 15.77
C ILE D 244 44.45 25.61 15.67
N ASN D 245 44.58 26.93 15.69
CA ASN D 245 43.42 27.82 15.63
C ASN D 245 43.85 29.15 15.02
N THR D 246 42.91 29.81 14.36
CA THR D 246 43.16 31.09 13.73
C THR D 246 41.88 31.92 13.81
N PRO D 247 41.98 33.23 13.56
CA PRO D 247 40.78 34.05 13.55
C PRO D 247 39.77 33.58 12.52
N GLU D 248 40.21 33.48 11.26
CA GLU D 248 39.33 33.01 10.20
C GLU D 248 38.77 31.63 10.54
N LYS D 249 39.65 30.68 10.86
CA LYS D 249 39.26 29.32 11.25
C LYS D 249 39.51 29.16 12.74
N PRO D 250 38.51 29.45 13.59
CA PRO D 250 38.74 29.39 15.04
C PRO D 250 39.06 27.99 15.54
N HIS D 251 38.16 27.03 15.30
CA HIS D 251 38.32 25.68 15.78
C HIS D 251 38.73 24.75 14.63
N ILE D 252 39.67 23.86 14.92
CA ILE D 252 40.16 22.89 13.94
C ILE D 252 40.44 21.58 14.66
N SER D 253 40.21 20.47 13.95
CA SER D 253 40.49 19.15 14.51
C SER D 253 42.00 19.00 14.68
N SER D 254 42.44 18.91 15.93
CA SER D 254 43.86 18.81 16.25
C SER D 254 44.27 17.35 16.44
N THR D 255 45.58 17.13 16.47
CA THR D 255 46.10 15.79 16.70
C THR D 255 45.80 15.37 18.14
N ARG D 256 45.05 14.28 18.30
CA ARG D 256 44.65 13.79 19.60
C ARG D 256 45.42 12.55 20.03
N TRP D 257 45.49 11.53 19.16
CA TRP D 257 46.27 10.34 19.48
C TRP D 257 46.60 9.62 18.17
N ARG D 258 47.61 8.77 18.25
CA ARG D 258 48.07 7.99 17.11
C ARG D 258 48.04 6.51 17.46
N SER D 259 48.01 5.67 16.42
CA SER D 259 47.92 4.23 16.61
C SER D 259 48.76 3.52 15.56
N VAL D 260 49.48 2.47 15.99
CA VAL D 260 50.25 1.62 15.10
C VAL D 260 50.17 0.19 15.64
N SER D 261 50.23 -0.77 14.73
CA SER D 261 50.09 -2.18 15.09
C SER D 261 51.16 -3.00 14.41
N ASP D 262 51.64 -4.03 15.11
CA ASP D 262 52.61 -4.99 14.57
C ASP D 262 51.84 -6.24 14.16
N GLN D 263 51.37 -6.25 12.91
CA GLN D 263 50.59 -7.37 12.43
C GLN D 263 51.42 -8.63 12.18
N LYS D 264 52.75 -8.55 12.36
CA LYS D 264 53.59 -9.74 12.27
C LYS D 264 53.78 -10.38 13.65
N ASN D 265 54.30 -9.62 14.61
CA ASN D 265 54.48 -10.09 15.98
C ASN D 265 53.27 -9.79 16.85
N LYS D 266 52.22 -9.18 16.29
CA LYS D 266 50.94 -9.03 16.96
C LYS D 266 51.01 -8.06 18.14
N VAL D 267 51.68 -6.94 17.95
CA VAL D 267 51.82 -5.91 18.97
C VAL D 267 50.99 -4.69 18.57
N TYR D 268 50.34 -4.08 19.56
CA TYR D 268 49.47 -2.94 19.34
C TYR D 268 50.02 -1.74 20.11
N TYR D 269 50.47 -0.73 19.38
CA TYR D 269 51.02 0.48 19.97
C TYR D 269 49.97 1.59 19.99
N PHE D 270 50.22 2.60 20.82
CA PHE D 270 49.27 3.70 20.99
C PHE D 270 49.97 4.85 21.69
N GLU D 271 49.80 6.06 21.14
CA GLU D 271 50.37 7.27 21.74
C GLU D 271 49.31 8.36 21.79
N SER D 272 49.39 9.19 22.83
CA SER D 272 48.53 10.36 22.98
C SER D 272 49.35 11.63 22.80
N THR D 273 48.79 12.59 22.07
CA THR D 273 49.48 13.85 21.86
C THR D 273 49.70 14.63 23.15
N LEU D 274 48.96 14.31 24.21
CA LEU D 274 49.09 14.97 25.49
C LEU D 274 49.83 14.13 26.53
N THR D 275 50.46 13.03 26.11
CA THR D 275 51.20 12.16 27.01
C THR D 275 52.66 12.08 26.61
N PRO D 276 53.58 12.00 27.58
CA PRO D 276 55.00 11.97 27.25
C PRO D 276 55.48 10.58 26.83
N ASN D 277 55.07 9.56 27.58
CA ASN D 277 55.56 8.21 27.36
C ASN D 277 54.79 7.55 26.22
N LEU D 278 55.31 6.42 25.77
CA LEU D 278 54.70 5.60 24.73
C LEU D 278 54.60 4.16 25.22
N PHE D 279 53.39 3.60 25.15
CA PHE D 279 53.13 2.25 25.63
C PHE D 279 52.59 1.39 24.49
N TRP D 280 52.56 0.08 24.73
CA TRP D 280 52.08 -0.89 23.76
C TRP D 280 51.39 -2.02 24.50
N LEU D 281 50.97 -3.03 23.73
CA LEU D 281 50.28 -4.20 24.31
C LEU D 281 50.63 -5.41 23.45
N ASP D 282 51.34 -6.36 24.04
CA ASP D 282 51.71 -7.59 23.34
C ASP D 282 50.54 -8.56 23.47
N LEU D 283 49.71 -8.65 22.43
CA LEU D 283 48.58 -9.57 22.45
C LEU D 283 49.04 -11.00 22.73
N LYS D 284 50.26 -11.35 22.33
CA LYS D 284 50.77 -12.70 22.58
C LYS D 284 50.83 -13.00 24.06
N LYS D 285 50.97 -11.97 24.91
CA LYS D 285 50.96 -12.13 26.35
C LYS D 285 49.56 -11.96 26.95
N ILE D 286 48.52 -11.93 26.10
CA ILE D 286 47.15 -11.78 26.55
C ILE D 286 46.43 -13.10 26.36
N ASP D 287 45.58 -13.44 27.32
CA ASP D 287 44.79 -14.67 27.26
C ASP D 287 43.40 -14.31 26.74
N PHE D 288 43.22 -14.44 25.43
CA PHE D 288 41.93 -14.19 24.80
C PHE D 288 40.95 -15.33 24.98
N SER D 289 41.21 -16.23 25.93
CA SER D 289 40.29 -17.33 26.21
C SER D 289 38.88 -16.78 26.38
N PRO D 290 37.86 -17.47 25.87
CA PRO D 290 36.49 -16.92 25.95
C PRO D 290 36.09 -16.46 27.33
N LYS D 291 36.59 -17.10 28.38
CA LYS D 291 36.23 -16.72 29.74
C LYS D 291 37.43 -16.13 30.46
N ALA D 292 38.07 -15.14 29.85
CA ALA D 292 39.23 -14.49 30.45
C ALA D 292 38.90 -13.16 31.11
N GLY D 293 37.73 -12.59 30.84
CA GLY D 293 37.34 -11.34 31.47
C GLY D 293 37.71 -10.10 30.69
N VAL D 294 36.74 -9.24 30.45
CA VAL D 294 37.01 -7.98 29.75
C VAL D 294 37.88 -7.10 30.61
N LYS D 295 38.93 -6.54 30.00
CA LYS D 295 39.87 -5.66 30.70
C LYS D 295 39.95 -4.33 29.96
N LYS D 296 39.83 -3.24 30.71
CA LYS D 296 39.87 -1.89 30.16
C LYS D 296 41.15 -1.18 30.61
N LEU D 297 41.57 -0.20 29.80
CA LEU D 297 42.72 0.65 30.09
C LEU D 297 42.21 2.09 30.09
N SER D 298 41.86 2.59 31.27
CA SER D 298 41.28 3.92 31.38
C SER D 298 42.21 4.97 30.77
N LEU D 299 41.62 5.96 30.11
CA LEU D 299 42.37 7.02 29.46
C LEU D 299 41.63 8.35 29.53
N THR D 300 40.83 8.56 30.57
CA THR D 300 40.01 9.74 30.71
C THR D 300 40.42 10.67 31.84
N LYS D 301 41.02 10.14 32.90
CA LYS D 301 41.40 10.93 34.07
C LYS D 301 42.89 11.27 34.07
N GLY D 302 43.49 11.41 32.89
CA GLY D 302 44.88 11.83 32.80
C GLY D 302 45.86 10.88 33.45
N GLU D 303 45.68 9.57 33.23
CA GLU D 303 46.63 8.60 33.75
C GLU D 303 47.85 8.51 32.84
N ILE D 304 49.03 8.47 33.44
CA ILE D 304 50.29 8.43 32.71
C ILE D 304 50.87 7.03 32.83
N TYR D 305 51.21 6.43 31.69
CA TYR D 305 51.81 5.10 31.70
C TYR D 305 53.14 5.09 30.94
N ALA D 306 53.66 3.90 30.64
CA ALA D 306 54.89 3.75 29.88
C ALA D 306 55.15 2.26 29.66
N GLY D 307 55.87 1.96 28.58
CA GLY D 307 56.28 0.59 28.37
C GLY D 307 55.08 -0.32 28.19
N ASP D 308 55.20 -1.57 28.64
CA ASP D 308 54.14 -2.55 28.51
C ASP D 308 53.14 -2.36 29.66
N ALA D 309 51.87 -2.16 29.32
CA ALA D 309 50.83 -1.89 30.30
C ALA D 309 50.01 -3.12 30.66
N VAL D 310 50.51 -4.33 30.36
CA VAL D 310 49.77 -5.54 30.69
C VAL D 310 49.52 -5.62 32.19
N LYS D 311 50.46 -5.15 33.00
CA LYS D 311 50.28 -5.18 34.44
C LYS D 311 49.16 -4.25 34.90
N ASP D 312 49.20 -3.00 34.43
CA ASP D 312 48.24 -1.99 34.89
C ASP D 312 46.81 -2.30 34.45
N LEU D 313 46.60 -3.33 33.63
CA LEU D 313 45.26 -3.65 33.15
C LEU D 313 44.32 -4.00 34.30
N LYS D 314 43.33 -3.14 34.54
CA LYS D 314 42.34 -3.38 35.57
C LYS D 314 41.10 -4.04 34.95
N ASP D 315 40.59 -5.07 35.61
CA ASP D 315 39.37 -5.72 35.15
C ASP D 315 38.23 -4.71 35.13
N SER D 316 37.69 -4.45 33.94
CA SER D 316 36.61 -3.49 33.75
C SER D 316 35.53 -4.10 32.87
N GLN D 317 34.40 -3.40 32.79
CA GLN D 317 33.26 -3.84 32.01
C GLN D 317 33.28 -3.21 30.62
N SER D 318 32.83 -3.97 29.63
CA SER D 318 32.77 -3.45 28.27
C SER D 318 31.79 -2.30 28.19
N PHE D 319 32.16 -1.28 27.41
CA PHE D 319 31.29 -0.13 27.22
C PHE D 319 30.02 -0.54 26.46
N THR D 320 29.12 0.42 26.28
CA THR D 320 27.84 0.18 25.62
C THR D 320 27.80 1.02 24.35
N PHE D 321 27.76 0.35 23.19
CA PHE D 321 27.62 1.07 21.93
C PHE D 321 26.30 1.83 21.91
N LEU D 322 26.12 2.62 20.86
CA LEU D 322 24.92 3.44 20.72
C LEU D 322 24.43 3.42 19.28
N PHE D 323 23.11 3.46 19.12
CA PHE D 323 22.48 3.52 17.81
C PHE D 323 21.53 4.69 17.64
N GLU D 324 21.07 5.31 18.73
CA GLU D 324 20.29 6.52 18.69
C GLU D 324 21.15 7.71 19.11
N THR D 325 20.74 8.90 18.69
CA THR D 325 21.46 10.10 19.08
C THR D 325 21.21 10.42 20.55
N PRO D 326 22.20 10.98 21.26
CA PRO D 326 22.09 11.33 22.68
C PRO D 326 20.88 12.22 22.96
C10 QC7 E . -8.86 -2.28 -24.14
C11 QC7 E . -8.01 -1.63 -25.49
C12 QC7 E . -6.67 -2.52 -25.53
C13 QC7 E . -5.47 -2.11 -26.39
C14 QC7 E . -5.88 -1.51 -27.69
C16 QC7 E . -4.62 -1.43 -28.69
C17 QC7 E . -3.83 -2.83 -28.79
C18 QC7 E . -4.83 -3.75 -29.47
C19 QC7 E . -4.26 -5.17 -29.67
C21 QC7 E . -3.75 -5.74 -28.32
C22 QC7 E . -2.78 -4.82 -27.59
C23 QC7 E . -3.35 -3.40 -27.43
C24 QC7 E . -2.30 -2.47 -26.85
C25 QC7 E . -4.55 -3.48 -26.47
C01 QC7 E . -7.22 -4.05 -21.13
C02 QC7 E . -8.05 -2.96 -21.88
C03 QC7 E . -9.58 -3.15 -21.57
C04 QC7 E . -10.09 -2.97 -20.12
C05 QC7 E . -11.63 -3.10 -20.09
C07 QC7 E . -12.39 -3.26 -21.41
C09 QC7 E . -7.85 -3.16 -23.31
C26 QC7 E . -4.12 -3.92 -25.09
C27 QC7 E . -5.33 -3.92 -23.91
C28 QC7 E . -6.41 -2.87 -24.01
C29 QC7 E . -5.89 -1.60 -23.34
O06 QC7 E . -12.25 -3.09 -19.07
O15 QC7 E . -6.95 -2.22 -28.22
O20 QC7 E . -5.23 -5.99 -30.22
H102 QC7 E . -9.59 -2.82 -24.45
H101 QC7 E . -9.18 -1.56 -23.59
H112 QC7 E . -8.52 -1.75 -26.30
H111 QC7 E . -7.80 -0.70 -25.34
H121 QC7 E . -6.85 -3.40 -25.91
H131 QC7 E . -4.95 -1.37 -26.00
H141 QC7 E . -6.22 -0.61 -27.57
H161 QC7 E . -4.00 -0.75 -28.36
H162 QC7 E . -4.93 -1.17 -29.58
H171 QC7 E . -3.03 -2.72 -29.32
H182 QC7 E . -5.06 -3.39 -30.34
H181 QC7 E . -5.63 -3.81 -28.93
H191 QC7 E . -3.52 -5.14 -30.30
H211 QC7 E . -3.31 -6.59 -28.48
H212 QC7 E . -4.51 -5.90 -27.73
H221 QC7 E . -1.96 -4.77 -28.11
H222 QC7 E . -2.59 -5.18 -26.71
H243 QC7 E . -1.70 -2.18 -27.56
H241 QC7 E . -1.79 -2.94 -26.17
H242 QC7 E . -2.73 -1.69 -26.46
H251 QC7 E . -5.12 -4.17 -26.84
H013 QC7 E . -7.75 -4.41 -20.39
H012 QC7 E . -6.40 -3.66 -20.79
H011 QC7 E . -7.01 -4.78 -21.74
H021 QC7 E . -7.76 -2.07 -21.60
H031 QC7 E . -9.82 -4.04 -21.84
H032 QC7 E . -10.06 -2.50 -22.12
H042 QC7 E . -9.83 -2.09 -19.80
H041 QC7 E . -9.69 -3.64 -19.56
H071 QC7 E . -12.24 -2.50 -21.99
H072 QC7 E . -12.13 -4.07 -21.86
H091 QC7 E . -7.95 -4.12 -23.43
H261 QC7 E . -3.42 -3.33 -24.80
H262 QC7 E . -3.78 -4.82 -25.17
H271 QC7 E . -4.90 -3.81 -23.04
H272 QC7 E . -5.77 -4.79 -23.94
H293 QC7 E . -6.58 -0.91 -23.37
H292 QC7 E . -5.10 -1.29 -23.80
H291 QC7 E . -5.67 -1.80 -22.41
H151 QC7 E . -7.02 -2.03 -29.04
H201 QC7 E . -4.96 -6.79 -30.23
#